data_3SOW
# 
_entry.id   3SOW 
# 
_audit_conform.dict_name       mmcif_pdbx.dic 
_audit_conform.dict_version    5.379 
_audit_conform.dict_location   http://mmcif.pdb.org/dictionaries/ascii/mmcif_pdbx.dic 
# 
loop_
_database_2.database_id 
_database_2.database_code 
_database_2.pdbx_database_accession 
_database_2.pdbx_DOI 
PDB   3SOW         pdb_00003sow 10.2210/pdb3sow/pdb 
RCSB  RCSB066469   ?            ?                   
WWPDB D_1000066469 ?            ?                   
# 
loop_
_pdbx_database_related.db_name 
_pdbx_database_related.db_id 
_pdbx_database_related.details 
_pdbx_database_related.content_type 
PDB 3SOU 'Structure of UHRF1 protein in complex with histone peptide' unspecified 
PDB 3SOX 'Structure of UHRF1 protein in the free form'                unspecified 
# 
_pdbx_database_status.entry_id                        3SOW 
_pdbx_database_status.deposit_site                    RCSB 
_pdbx_database_status.process_site                    RCSB 
_pdbx_database_status.recvd_initial_deposition_date   2011-06-30 
_pdbx_database_status.status_code                     REL 
_pdbx_database_status.status_code_sf                  REL 
_pdbx_database_status.status_code_mr                  ? 
_pdbx_database_status.SG_entry                        ? 
_pdbx_database_status.status_code_cs                  ? 
_pdbx_database_status.pdb_format_compatible           Y 
_pdbx_database_status.methods_development_category    ? 
_pdbx_database_status.status_code_nmr_data            ? 
# 
loop_
_audit_author.name 
_audit_author.pdbx_ordinal 
'Rajakumara, E.' 1 
'Patel, D.J.'    2 
# 
_citation.id                        primary 
_citation.title                     
'PHD Finger Recognition of Unmodified Histone H3R2 Links UHRF1 to Regulation of Euchromatic Gene Expression.' 
_citation.journal_abbrev            Mol.Cell 
_citation.journal_volume            43 
_citation.page_first                275 
_citation.page_last                 284 
_citation.year                      2011 
_citation.journal_id_ASTM           MOCEFL 
_citation.country                   US 
_citation.journal_id_ISSN           1097-2765 
_citation.journal_id_CSD            2168 
_citation.book_publisher            ? 
_citation.pdbx_database_id_PubMed   21777816 
_citation.pdbx_database_id_DOI      10.1016/j.molcel.2011.07.006 
# 
loop_
_citation_author.citation_id 
_citation_author.name 
_citation_author.ordinal 
_citation_author.identifier_ORCID 
primary 'Rajakumara, E.' 1  ? 
primary 'Wang, Z.'       2  ? 
primary 'Ma, H.'         3  ? 
primary 'Hu, L.'         4  ? 
primary 'Chen, H.'       5  ? 
primary 'Lin, Y.'        6  ? 
primary 'Guo, R.'        7  ? 
primary 'Wu, F.'         8  ? 
primary 'Li, H.'         9  ? 
primary 'Lan, F.'        10 ? 
primary 'Shi, Y.G.'      11 ? 
primary 'Xu, Y.'         12 ? 
primary 'Patel, D.J.'    13 ? 
primary 'Shi, Y.'        14 ? 
# 
_cell.length_a           42.622 
_cell.length_b           42.622 
_cell.length_c           183.489 
_cell.angle_alpha        90.000 
_cell.angle_beta         90.000 
_cell.angle_gamma        90.000 
_cell.entry_id           3SOW 
_cell.pdbx_unique_axis   ? 
_cell.Z_PDB              16 
_cell.length_a_esd       ? 
_cell.length_b_esd       ? 
_cell.length_c_esd       ? 
_cell.angle_alpha_esd    ? 
_cell.angle_beta_esd     ? 
_cell.angle_gamma_esd    ? 
# 
_symmetry.space_group_name_H-M             'P 43 21 2' 
_symmetry.entry_id                         3SOW 
_symmetry.Int_Tables_number                96 
_symmetry.pdbx_full_space_group_name_H-M   ? 
_symmetry.cell_setting                     ? 
_symmetry.space_group_name_Hall            ? 
# 
loop_
_entity.id 
_entity.type 
_entity.src_method 
_entity.pdbx_description 
_entity.formula_weight 
_entity.pdbx_number_of_molecules 
_entity.pdbx_ec 
_entity.pdbx_mutation 
_entity.pdbx_fragment 
_entity.details 
1 polymer     man 'E3 ubiquitin-protein ligase UHRF1' 7920.976 2  6.3.2.- ? 'UHRF1 (UNP Residues 298-367)' ? 
2 polymer     syn 'Histone H3'                        1105.334 2  ?       ? ?                              ? 
3 non-polymer syn 'ZINC ION'                          65.409   8  ?       ? ?                              ? 
4 water       nat water                               18.015   47 ?       ? ?                              ? 
# 
_entity_name_com.entity_id   1 
_entity_name_com.name        
;Inverted CCAAT box-binding protein of 90 kDa, Nuclear protein 95, Nuclear zinc finger protein Np95, HuNp95, RING finger protein 106, Transcription factor ICBP90, Ubiquitin-like PHD and RING finger domain-containing protein 1, Ubiquitin-like-containing PHD and RING finger domains protein 1
;
# 
loop_
_entity_poly.entity_id 
_entity_poly.type 
_entity_poly.nstd_linkage 
_entity_poly.nstd_monomer 
_entity_poly.pdbx_seq_one_letter_code 
_entity_poly.pdbx_seq_one_letter_code_can 
_entity_poly.pdbx_strand_id 
_entity_poly.pdbx_target_identifier 
1 'polypeptide(L)' no no  SGPSCKHCKDDVNRLCRVCACHLCGGRQDPDKQLMCDECDMAFHIYCLDPPLSSVPSEDEWYCPECRNDA 
SGPSCKHCKDDVNRLCRVCACHLCGGRQDPDKQLMCDECDMAFHIYCLDPPLSSVPSEDEWYCPECRNDA A,B ? 
2 'polypeptide(L)' no yes 'ART(M3L)QTARK'                                                        ARTKQTARK C,D ? 
# 
loop_
_entity_poly_seq.entity_id 
_entity_poly_seq.num 
_entity_poly_seq.mon_id 
_entity_poly_seq.hetero 
1 1  SER n 
1 2  GLY n 
1 3  PRO n 
1 4  SER n 
1 5  CYS n 
1 6  LYS n 
1 7  HIS n 
1 8  CYS n 
1 9  LYS n 
1 10 ASP n 
1 11 ASP n 
1 12 VAL n 
1 13 ASN n 
1 14 ARG n 
1 15 LEU n 
1 16 CYS n 
1 17 ARG n 
1 18 VAL n 
1 19 CYS n 
1 20 ALA n 
1 21 CYS n 
1 22 HIS n 
1 23 LEU n 
1 24 CYS n 
1 25 GLY n 
1 26 GLY n 
1 27 ARG n 
1 28 GLN n 
1 29 ASP n 
1 30 PRO n 
1 31 ASP n 
1 32 LYS n 
1 33 GLN n 
1 34 LEU n 
1 35 MET n 
1 36 CYS n 
1 37 ASP n 
1 38 GLU n 
1 39 CYS n 
1 40 ASP n 
1 41 MET n 
1 42 ALA n 
1 43 PHE n 
1 44 HIS n 
1 45 ILE n 
1 46 TYR n 
1 47 CYS n 
1 48 LEU n 
1 49 ASP n 
1 50 PRO n 
1 51 PRO n 
1 52 LEU n 
1 53 SER n 
1 54 SER n 
1 55 VAL n 
1 56 PRO n 
1 57 SER n 
1 58 GLU n 
1 59 ASP n 
1 60 GLU n 
1 61 TRP n 
1 62 TYR n 
1 63 CYS n 
1 64 PRO n 
1 65 GLU n 
1 66 CYS n 
1 67 ARG n 
1 68 ASN n 
1 69 ASP n 
1 70 ALA n 
2 1  ALA n 
2 2  ARG n 
2 3  THR n 
2 4  M3L n 
2 5  GLN n 
2 6  THR n 
2 7  ALA n 
2 8  ARG n 
2 9  LYS n 
# 
_entity_src_gen.entity_id                          1 
_entity_src_gen.pdbx_src_id                        1 
_entity_src_gen.pdbx_alt_source_flag               sample 
_entity_src_gen.pdbx_seq_type                      ? 
_entity_src_gen.pdbx_beg_seq_num                   ? 
_entity_src_gen.pdbx_end_seq_num                   ? 
_entity_src_gen.gene_src_common_name               human 
_entity_src_gen.gene_src_genus                     ? 
_entity_src_gen.pdbx_gene_src_gene                 'ICBP90, NP95, RNF106, UHRF1' 
_entity_src_gen.gene_src_species                   ? 
_entity_src_gen.gene_src_strain                    ? 
_entity_src_gen.gene_src_tissue                    ? 
_entity_src_gen.gene_src_tissue_fraction           ? 
_entity_src_gen.gene_src_details                   'PreScission protease cleavable N-terminal GST tag' 
_entity_src_gen.pdbx_gene_src_fragment             ? 
_entity_src_gen.pdbx_gene_src_scientific_name      'Homo sapiens' 
_entity_src_gen.pdbx_gene_src_ncbi_taxonomy_id     9606 
_entity_src_gen.pdbx_gene_src_variant              ? 
_entity_src_gen.pdbx_gene_src_cell_line            ? 
_entity_src_gen.pdbx_gene_src_atcc                 ? 
_entity_src_gen.pdbx_gene_src_organ                ? 
_entity_src_gen.pdbx_gene_src_organelle            ? 
_entity_src_gen.pdbx_gene_src_cell                 ? 
_entity_src_gen.pdbx_gene_src_cellular_location    ? 
_entity_src_gen.host_org_common_name               ? 
_entity_src_gen.pdbx_host_org_scientific_name      'Escherichia coli' 
_entity_src_gen.pdbx_host_org_ncbi_taxonomy_id     469008 
_entity_src_gen.host_org_genus                     ? 
_entity_src_gen.pdbx_host_org_gene                 ? 
_entity_src_gen.pdbx_host_org_organ                ? 
_entity_src_gen.host_org_species                   ? 
_entity_src_gen.pdbx_host_org_tissue               ? 
_entity_src_gen.pdbx_host_org_tissue_fraction      ? 
_entity_src_gen.pdbx_host_org_strain               'Rosetta2 (DE3)' 
_entity_src_gen.pdbx_host_org_variant              ? 
_entity_src_gen.pdbx_host_org_cell_line            ? 
_entity_src_gen.pdbx_host_org_atcc                 ? 
_entity_src_gen.pdbx_host_org_culture_collection   ? 
_entity_src_gen.pdbx_host_org_cell                 ? 
_entity_src_gen.pdbx_host_org_organelle            ? 
_entity_src_gen.pdbx_host_org_cellular_location    ? 
_entity_src_gen.pdbx_host_org_vector_type          Plasmid 
_entity_src_gen.pdbx_host_org_vector               ? 
_entity_src_gen.host_org_details                   ? 
_entity_src_gen.expression_system_id               ? 
_entity_src_gen.plasmid_name                       pGEX-6P-1 
_entity_src_gen.plasmid_details                    ? 
_entity_src_gen.pdbx_description                   ? 
# 
_pdbx_entity_src_syn.entity_id              2 
_pdbx_entity_src_syn.pdbx_src_id            1 
_pdbx_entity_src_syn.pdbx_alt_source_flag   sample 
_pdbx_entity_src_syn.pdbx_beg_seq_num       ? 
_pdbx_entity_src_syn.pdbx_end_seq_num       ? 
_pdbx_entity_src_syn.organism_scientific    'Homo sapiens' 
_pdbx_entity_src_syn.organism_common_name   ? 
_pdbx_entity_src_syn.ncbi_taxonomy_id       9606 
_pdbx_entity_src_syn.details                'Chemically synthesized' 
# 
loop_
_struct_ref.id 
_struct_ref.db_name 
_struct_ref.db_code 
_struct_ref.pdbx_db_accession 
_struct_ref.entity_id 
_struct_ref.pdbx_seq_one_letter_code 
_struct_ref.pdbx_align_begin 
_struct_ref.pdbx_db_isoform 
1 UNP UHRF1_HUMAN Q96T88 1 SGPSCKHCKDDVNRLCRVCACHLCGGRQDPDKQLMCDECDMAFHIYCLDPPLSSVPSEDEWYCPECRNDA 298 ? 
2 PDB 3SOW        3SOW   2 ARTKQTARK                                                              1   ? 
# 
loop_
_struct_ref_seq.align_id 
_struct_ref_seq.ref_id 
_struct_ref_seq.pdbx_PDB_id_code 
_struct_ref_seq.pdbx_strand_id 
_struct_ref_seq.seq_align_beg 
_struct_ref_seq.pdbx_seq_align_beg_ins_code 
_struct_ref_seq.seq_align_end 
_struct_ref_seq.pdbx_seq_align_end_ins_code 
_struct_ref_seq.pdbx_db_accession 
_struct_ref_seq.db_align_beg 
_struct_ref_seq.pdbx_db_align_beg_ins_code 
_struct_ref_seq.db_align_end 
_struct_ref_seq.pdbx_db_align_end_ins_code 
_struct_ref_seq.pdbx_auth_seq_align_beg 
_struct_ref_seq.pdbx_auth_seq_align_end 
1 1 3SOW A 1 ? 70 ? Q96T88 298 ? 367 ? 311 380 
2 1 3SOW B 1 ? 70 ? Q96T88 298 ? 367 ? 311 380 
3 2 3SOW C 1 ? 9  ? 3SOW   1   ? 9   ? 1   9   
4 2 3SOW D 1 ? 9  ? 3SOW   1   ? 9   ? 1   9   
# 
loop_
_chem_comp.id 
_chem_comp.type 
_chem_comp.mon_nstd_flag 
_chem_comp.name 
_chem_comp.pdbx_synonyms 
_chem_comp.formula 
_chem_comp.formula_weight 
ALA 'L-peptide linking' y ALANINE           ? 'C3 H7 N O2'     89.093  
ARG 'L-peptide linking' y ARGININE          ? 'C6 H15 N4 O2 1' 175.209 
ASN 'L-peptide linking' y ASPARAGINE        ? 'C4 H8 N2 O3'    132.118 
ASP 'L-peptide linking' y 'ASPARTIC ACID'   ? 'C4 H7 N O4'     133.103 
CYS 'L-peptide linking' y CYSTEINE          ? 'C3 H7 N O2 S'   121.158 
GLN 'L-peptide linking' y GLUTAMINE         ? 'C5 H10 N2 O3'   146.144 
GLU 'L-peptide linking' y 'GLUTAMIC ACID'   ? 'C5 H9 N O4'     147.129 
GLY 'peptide linking'   y GLYCINE           ? 'C2 H5 N O2'     75.067  
HIS 'L-peptide linking' y HISTIDINE         ? 'C6 H10 N3 O2 1' 156.162 
HOH non-polymer         . WATER             ? 'H2 O'           18.015  
ILE 'L-peptide linking' y ISOLEUCINE        ? 'C6 H13 N O2'    131.173 
LEU 'L-peptide linking' y LEUCINE           ? 'C6 H13 N O2'    131.173 
LYS 'L-peptide linking' y LYSINE            ? 'C6 H15 N2 O2 1' 147.195 
M3L 'L-peptide linking' n N-TRIMETHYLLYSINE ? 'C9 H21 N2 O2 1' 189.275 
MET 'L-peptide linking' y METHIONINE        ? 'C5 H11 N O2 S'  149.211 
PHE 'L-peptide linking' y PHENYLALANINE     ? 'C9 H11 N O2'    165.189 
PRO 'L-peptide linking' y PROLINE           ? 'C5 H9 N O2'     115.130 
SER 'L-peptide linking' y SERINE            ? 'C3 H7 N O3'     105.093 
THR 'L-peptide linking' y THREONINE         ? 'C4 H9 N O3'     119.119 
TRP 'L-peptide linking' y TRYPTOPHAN        ? 'C11 H12 N2 O2'  204.225 
TYR 'L-peptide linking' y TYROSINE          ? 'C9 H11 N O3'    181.189 
VAL 'L-peptide linking' y VALINE            ? 'C5 H11 N O2'    117.146 
ZN  non-polymer         . 'ZINC ION'        ? 'Zn 2'           65.409  
# 
_exptl.crystals_number   1 
_exptl.entry_id          3SOW 
_exptl.method            'X-RAY DIFFRACTION' 
# 
_exptl_crystal.id                    1 
_exptl_crystal.density_Matthews      2.31 
_exptl_crystal.density_meas          ? 
_exptl_crystal.density_percent_sol   46.71 
_exptl_crystal.description           ? 
_exptl_crystal.F_000                 ? 
_exptl_crystal.preparation           ? 
# 
_exptl_crystal_grow.crystal_id      1 
_exptl_crystal_grow.method          'VAPOR DIFFUSION, SITTING DROP' 
_exptl_crystal_grow.pH              6.5 
_exptl_crystal_grow.temp            291 
_exptl_crystal_grow.temp_details    ? 
_exptl_crystal_grow.pdbx_details    
;30% w/v polyethylene glycol 8,000, 0.2 M sodium acetate trihydrate, 0.1 M sodium cacodylate trihydrate, pH 6.5, VAPOR DIFFUSION, SITTING DROP, temperature 291K
;
_exptl_crystal_grow.pdbx_pH_range   ? 
# 
_diffrn.id                     1 
_diffrn.ambient_temp           100 
_diffrn.ambient_temp_details   ? 
_diffrn.crystal_id             1 
# 
_diffrn_detector.diffrn_id              1 
_diffrn_detector.detector               CCD 
_diffrn_detector.type                   'ADSC QUANTUM 315' 
_diffrn_detector.pdbx_collection_date   ? 
_diffrn_detector.details                Mirrors 
# 
_diffrn_radiation.diffrn_id                        1 
_diffrn_radiation.wavelength_id                    1 
_diffrn_radiation.pdbx_diffrn_protocol             'SINGLE WAVELENGTH' 
_diffrn_radiation.monochromator                    'Cryo-cooled double Si(111) double crystal' 
_diffrn_radiation.pdbx_monochromatic_or_laue_m_l   M 
_diffrn_radiation.pdbx_scattering_type             x-ray 
# 
_diffrn_radiation_wavelength.id           1 
_diffrn_radiation_wavelength.wavelength   0.97918 
_diffrn_radiation_wavelength.wt           1.0 
# 
_diffrn_source.diffrn_id                   1 
_diffrn_source.source                      SYNCHROTRON 
_diffrn_source.type                        'APS BEAMLINE 24-ID-C' 
_diffrn_source.pdbx_wavelength             ? 
_diffrn_source.pdbx_wavelength_list        0.97918 
_diffrn_source.pdbx_synchrotron_site       APS 
_diffrn_source.pdbx_synchrotron_beamline   24-ID-C 
# 
_reflns.entry_id                     3SOW 
_reflns.d_resolution_high            1.950 
_reflns.d_resolution_low             50.000 
_reflns.number_obs                   13122 
_reflns.pdbx_Rmerge_I_obs            0.120 
_reflns.pdbx_netI_over_sigmaI        11.200 
_reflns.pdbx_chi_squared             2.338 
_reflns.pdbx_redundancy              13.300 
_reflns.percent_possible_obs         98.700 
_reflns.observed_criterion_sigma_F   ? 
_reflns.observed_criterion_sigma_I   2 
_reflns.number_all                   ? 
_reflns.pdbx_Rsym_value              ? 
_reflns.B_iso_Wilson_estimate        ? 
_reflns.R_free_details               ? 
_reflns.limit_h_max                  ? 
_reflns.limit_h_min                  ? 
_reflns.limit_k_max                  ? 
_reflns.limit_k_min                  ? 
_reflns.limit_l_max                  ? 
_reflns.limit_l_min                  ? 
_reflns.observed_criterion_F_max     ? 
_reflns.observed_criterion_F_min     ? 
_reflns.pdbx_scaling_rejects         ? 
_reflns.pdbx_ordinal                 1 
_reflns.pdbx_diffrn_id               1 
# 
loop_
_reflns_shell.d_res_high 
_reflns_shell.d_res_low 
_reflns_shell.number_measured_obs 
_reflns_shell.number_measured_all 
_reflns_shell.number_unique_obs 
_reflns_shell.Rmerge_I_obs 
_reflns_shell.meanI_over_sigI_obs 
_reflns_shell.pdbx_Rsym_value 
_reflns_shell.pdbx_chi_squared 
_reflns_shell.pdbx_redundancy 
_reflns_shell.percent_possible_obs 
_reflns_shell.number_unique_all 
_reflns_shell.percent_possible_all 
_reflns_shell.pdbx_ordinal 
_reflns_shell.pdbx_diffrn_id 
1.950 1.980  ? ? ? 0.781 3.23 ? 1.173 13.700 ? 591 96.100  1  1 
1.980 2.020  ? ? ? 0.730 ?    ? 1.176 13.200 ? 638 95.800  2  1 
2.020 2.060  ? ? ? 0.603 ?    ? 1.179 13.800 ? 602 98.000  3  1 
2.060 2.100  ? ? ? 0.480 ?    ? 1.364 13.800 ? 635 98.100  4  1 
2.100 2.150  ? ? ? 0.414 ?    ? 1.375 13.200 ? 650 98.200  5  1 
2.150 2.200  ? ? ? 0.355 ?    ? 1.490 14.000 ? 618 97.600  6  1 
2.200 2.250  ? ? ? 0.311 ?    ? 1.548 13.200 ? 659 98.400  7  1 
2.250 2.310  ? ? ? 0.282 ?    ? 1.648 13.400 ? 616 99.000  8  1 
2.310 2.380  ? ? ? 0.231 ?    ? 1.664 13.400 ? 651 97.900  9  1 
2.380 2.460  ? ? ? 0.217 ?    ? 1.744 13.300 ? 630 99.100  10 1 
2.460 2.540  ? ? ? 0.186 ?    ? 1.878 13.000 ? 663 99.300  11 1 
2.540 2.650  ? ? ? 0.163 ?    ? 2.101 13.000 ? 654 98.600  12 1 
2.650 2.770  ? ? ? 0.143 ?    ? 2.240 13.300 ? 638 99.100  13 1 
2.770 2.910  ? ? ? 0.117 ?    ? 2.700 13.000 ? 661 99.800  14 1 
2.910 3.100  ? ? ? 0.105 ?    ? 3.203 12.800 ? 675 100.000 15 1 
3.100 3.330  ? ? ? 0.087 ?    ? 3.457 12.800 ? 675 99.900  16 1 
3.330 3.670  ? ? ? 0.079 ?    ? 4.028 12.500 ? 671 99.900  17 1 
3.670 4.200  ? ? ? 0.065 ?    ? 4.094 12.500 ? 695 100.000 18 1 
4.200 5.290  ? ? ? 0.060 ?    ? 4.064 13.200 ? 715 99.900  19 1 
5.290 50.000 ? ? ? 0.055 ?    ? 3.894 14.300 ? 785 98.200  20 1 
# 
_refine.entry_id                                 3SOW 
_refine.ls_d_res_high                            1.9501 
_refine.ls_d_res_low                             19.7780 
_refine.pdbx_ls_sigma_F                          0.090 
_refine.pdbx_data_cutoff_high_absF               ? 
_refine.pdbx_data_cutoff_low_absF                ? 
_refine.ls_percent_reflns_obs                    92.7900 
_refine.ls_number_reflns_obs                     12220 
_refine.ls_number_reflns_all                     ? 
_refine.pdbx_ls_cross_valid_method               THROUGHOUT 
_refine.pdbx_R_Free_selection_details            RANDOM 
_refine.details                                  ? 
_refine.ls_R_factor_all                          ? 
_refine.ls_R_factor_obs                          0.2052 
_refine.ls_R_factor_R_work                       0.2030 
_refine.ls_wR_factor_R_work                      ? 
_refine.ls_R_factor_R_free                       0.2467 
_refine.ls_wR_factor_R_free                      ? 
_refine.ls_percent_reflns_R_free                 4.9500 
_refine.ls_number_reflns_R_free                  605 
_refine.ls_R_factor_R_free_error                 ? 
_refine.B_iso_mean                               29.5322 
_refine.solvent_model_param_bsol                 40.8420 
_refine.solvent_model_param_ksol                 0.3840 
_refine.pdbx_isotropic_thermal_model             ? 
_refine.aniso_B[1][1]                            5.7793 
_refine.aniso_B[2][2]                            5.7793 
_refine.aniso_B[3][3]                            -11.5585 
_refine.aniso_B[1][2]                            0.0000 
_refine.aniso_B[1][3]                            -0.0000 
_refine.aniso_B[2][3]                            -0.0000 
_refine.correlation_coeff_Fo_to_Fc               ? 
_refine.correlation_coeff_Fo_to_Fc_free          ? 
_refine.overall_SU_R_Cruickshank_DPI             ? 
_refine.overall_SU_R_free                        ? 
_refine.pdbx_overall_ESU_R_Free                  ? 
_refine.overall_SU_ML                            0.2200 
_refine.overall_SU_B                             ? 
_refine.solvent_model_details                    'FLAT BULK SOLVENT MODEL' 
_refine.pdbx_solvent_vdw_probe_radii             1.1100 
_refine.pdbx_solvent_ion_probe_radii             ? 
_refine.pdbx_solvent_shrinkage_radii             0.9000 
_refine.ls_number_parameters                     ? 
_refine.ls_number_restraints                     ? 
_refine.pdbx_starting_model                      'PDB entry 3SOU CHAIN A' 
_refine.pdbx_method_to_determine_struct          'MOLECULAR REPLACEMENT' 
_refine.pdbx_stereochemistry_target_values       ML 
_refine.pdbx_stereochem_target_val_spec_case     ? 
_refine.overall_FOM_work_R_set                   0.8331 
_refine.B_iso_max                                71.460 
_refine.B_iso_min                                15.080 
_refine.pdbx_overall_phase_error                 22.4100 
_refine.occupancy_max                            1.000 
_refine.occupancy_min                            1.000 
_refine.pdbx_ls_sigma_I                          2 
_refine.ls_redundancy_reflns_obs                 ? 
_refine.ls_R_factor_R_free_error_details         ? 
_refine.pdbx_data_cutoff_high_rms_absF           ? 
_refine.overall_FOM_free_R_set                   ? 
_refine.pdbx_diffrn_id                           1 
_refine.pdbx_refine_id                           'X-RAY DIFFRACTION' 
_refine.pdbx_overall_ESU_R                       ? 
_refine.pdbx_TLS_residual_ADP_flag               ? 
_refine.pdbx_overall_SU_R_free_Cruickshank_DPI   ? 
_refine.pdbx_overall_SU_R_Blow_DPI               ? 
_refine.pdbx_overall_SU_R_free_Blow_DPI          ? 
# 
_refine_hist.pdbx_refine_id                   'X-RAY DIFFRACTION' 
_refine_hist.cycle_id                         LAST 
_refine_hist.pdbx_number_atoms_protein        1133 
_refine_hist.pdbx_number_atoms_nucleic_acid   0 
_refine_hist.pdbx_number_atoms_ligand         8 
_refine_hist.number_atoms_solvent             47 
_refine_hist.number_atoms_total               1188 
_refine_hist.d_res_high                       1.9501 
_refine_hist.d_res_low                        19.7780 
# 
loop_
_refine_ls_restr.type 
_refine_ls_restr.number 
_refine_ls_restr.dev_ideal 
_refine_ls_restr.dev_ideal_target 
_refine_ls_restr.weight 
_refine_ls_restr.pdbx_restraint_function 
_refine_ls_restr.pdbx_refine_id 
f_bond_d           1157 0.008  ? ? ? 'X-RAY DIFFRACTION' 
f_angle_d          1563 1.115  ? ? ? 'X-RAY DIFFRACTION' 
f_chiral_restr     162  0.073  ? ? ? 'X-RAY DIFFRACTION' 
f_plane_restr      206  0.004  ? ? ? 'X-RAY DIFFRACTION' 
f_dihedral_angle_d 451  19.233 ? ? ? 'X-RAY DIFFRACTION' 
# 
loop_
_refine_ls_shell.d_res_high 
_refine_ls_shell.d_res_low 
_refine_ls_shell.pdbx_total_number_of_bins_used 
_refine_ls_shell.percent_reflns_obs 
_refine_ls_shell.number_reflns_R_work 
_refine_ls_shell.R_factor_all 
_refine_ls_shell.R_factor_R_work 
_refine_ls_shell.R_factor_R_free 
_refine_ls_shell.percent_reflns_R_free 
_refine_ls_shell.number_reflns_R_free 
_refine_ls_shell.R_factor_R_free_error 
_refine_ls_shell.number_reflns_all 
_refine_ls_shell.number_reflns_obs 
_refine_ls_shell.redundancy_reflns_obs 
_refine_ls_shell.pdbx_refine_id 
1.9501 2.1461  4 83.0000 2517 . 0.2074 0.2927 . 137 . 2654 . . 'X-RAY DIFFRACTION' 
2.1461 2.4561  4 91.0000 2759 . 0.1988 0.2298 . 163 . 2922 . . 'X-RAY DIFFRACTION' 
2.4561 3.0926  4 97.0000 3030 . 0.2036 0.2527 . 151 . 3181 . . 'X-RAY DIFFRACTION' 
3.0926 19.7795 4 99.0000 3309 . 0.2022 0.2382 . 154 . 3463 . . 'X-RAY DIFFRACTION' 
# 
_struct.entry_id                  3SOW 
_struct.title                     'Structure of UHRF1 PHD finger in complex with histone H3K4me3 1-9 peptide' 
_struct.pdbx_model_details        ? 
_struct.pdbx_CASP_flag            ? 
_struct.pdbx_model_type_details   ? 
# 
_struct_keywords.entry_id        3SOW 
_struct_keywords.pdbx_keywords   LIGASE 
_struct_keywords.text            'Zn coordinated PHD finger, Histone binding, Histone H3, ligase' 
# 
loop_
_struct_asym.id 
_struct_asym.pdbx_blank_PDB_chainid_flag 
_struct_asym.pdbx_modified 
_struct_asym.entity_id 
_struct_asym.details 
A N N 1 ? 
B N N 1 ? 
C N N 2 ? 
D N N 2 ? 
E N N 3 ? 
F N N 3 ? 
G N N 3 ? 
H N N 3 ? 
I N N 3 ? 
J N N 3 ? 
K N N 3 ? 
L N N 3 ? 
M N N 4 ? 
N N N 4 ? 
O N N 4 ? 
# 
_struct_biol.id        1 
_struct_biol.details   'Half of the content in the asymmetric unit that contains protein-peptide complex' 
# 
loop_
_struct_conf.conf_type_id 
_struct_conf.id 
_struct_conf.pdbx_PDB_helix_id 
_struct_conf.beg_label_comp_id 
_struct_conf.beg_label_asym_id 
_struct_conf.beg_label_seq_id 
_struct_conf.pdbx_beg_PDB_ins_code 
_struct_conf.end_label_comp_id 
_struct_conf.end_label_asym_id 
_struct_conf.end_label_seq_id 
_struct_conf.pdbx_end_PDB_ins_code 
_struct_conf.beg_auth_comp_id 
_struct_conf.beg_auth_asym_id 
_struct_conf.beg_auth_seq_id 
_struct_conf.end_auth_comp_id 
_struct_conf.end_auth_asym_id 
_struct_conf.end_auth_seq_id 
_struct_conf.pdbx_PDB_helix_class 
_struct_conf.details 
_struct_conf.pdbx_PDB_helix_length 
HELX_P HELX_P1 1 ASP A 29 ? ASP A 31 ? ASP A 339 ASP A 341 5 ? 3 
HELX_P HELX_P2 2 TYR A 46 ? LEU A 48 ? TYR A 356 LEU A 358 5 ? 3 
HELX_P HELX_P3 3 ASP B 29 ? ASP B 31 ? ASP B 339 ASP B 341 5 ? 3 
# 
_struct_conf_type.id          HELX_P 
_struct_conf_type.criteria    ? 
_struct_conf_type.reference   ? 
# 
loop_
_struct_conn.id 
_struct_conn.conn_type_id 
_struct_conn.pdbx_leaving_atom_flag 
_struct_conn.pdbx_PDB_id 
_struct_conn.ptnr1_label_asym_id 
_struct_conn.ptnr1_label_comp_id 
_struct_conn.ptnr1_label_seq_id 
_struct_conn.ptnr1_label_atom_id 
_struct_conn.pdbx_ptnr1_label_alt_id 
_struct_conn.pdbx_ptnr1_PDB_ins_code 
_struct_conn.pdbx_ptnr1_standard_comp_id 
_struct_conn.ptnr1_symmetry 
_struct_conn.ptnr2_label_asym_id 
_struct_conn.ptnr2_label_comp_id 
_struct_conn.ptnr2_label_seq_id 
_struct_conn.ptnr2_label_atom_id 
_struct_conn.pdbx_ptnr2_label_alt_id 
_struct_conn.pdbx_ptnr2_PDB_ins_code 
_struct_conn.ptnr1_auth_asym_id 
_struct_conn.ptnr1_auth_comp_id 
_struct_conn.ptnr1_auth_seq_id 
_struct_conn.ptnr2_auth_asym_id 
_struct_conn.ptnr2_auth_comp_id 
_struct_conn.ptnr2_auth_seq_id 
_struct_conn.ptnr2_symmetry 
_struct_conn.pdbx_ptnr3_label_atom_id 
_struct_conn.pdbx_ptnr3_label_seq_id 
_struct_conn.pdbx_ptnr3_label_comp_id 
_struct_conn.pdbx_ptnr3_label_asym_id 
_struct_conn.pdbx_ptnr3_label_alt_id 
_struct_conn.pdbx_ptnr3_PDB_ins_code 
_struct_conn.details 
_struct_conn.pdbx_dist_value 
_struct_conn.pdbx_value_order 
_struct_conn.pdbx_role 
covale1  covale both ? C THR 3 C   ? ? ? 1_555 C M3L 4  N   ? ? C THR 3   C M3L 4   1_555 ? ? ? ? ? ? ? 1.329 ? ? 
covale2  covale both ? C M3L 4 C   ? ? ? 1_555 C GLN 5  N   ? ? C M3L 4   C GLN 5   1_555 ? ? ? ? ? ? ? 1.329 ? ? 
covale3  covale both ? D THR 3 C   ? ? ? 1_555 D M3L 4  N   ? ? D THR 3   D M3L 4   1_555 ? ? ? ? ? ? ? 1.332 ? ? 
covale4  covale both ? D M3L 4 C   ? ? ? 1_555 D GLN 5  N   ? ? D M3L 4   D GLN 5   1_555 ? ? ? ? ? ? ? 1.326 ? ? 
metalc1  metalc ?    ? E ZN  . ZN  ? ? ? 1_555 A CYS 5  SG  ? ? A ZN  1   A CYS 315 1_555 ? ? ? ? ? ? ? 2.379 ? ? 
metalc2  metalc ?    ? E ZN  . ZN  ? ? ? 1_555 A CYS 8  SG  ? ? A ZN  1   A CYS 318 1_555 ? ? ? ? ? ? ? 2.451 ? ? 
metalc3  metalc ?    ? E ZN  . ZN  ? ? ? 1_555 A CYS 16 SG  ? ? A ZN  1   A CYS 326 1_555 ? ? ? ? ? ? ? 2.305 ? ? 
metalc4  metalc ?    ? E ZN  . ZN  ? ? ? 1_555 A CYS 19 SG  ? ? A ZN  1   A CYS 329 1_555 ? ? ? ? ? ? ? 2.335 ? ? 
metalc5  metalc ?    ? F ZN  . ZN  ? ? ? 1_555 A CYS 21 SG  ? ? A ZN  2   A CYS 331 1_555 ? ? ? ? ? ? ? 2.278 ? ? 
metalc6  metalc ?    ? F ZN  . ZN  ? ? ? 1_555 A CYS 24 SG  ? ? A ZN  2   A CYS 334 1_555 ? ? ? ? ? ? ? 2.435 ? ? 
metalc7  metalc ?    ? F ZN  . ZN  ? ? ? 1_555 A HIS 44 ND1 ? ? A ZN  2   A HIS 354 1_555 ? ? ? ? ? ? ? 2.142 ? ? 
metalc8  metalc ?    ? F ZN  . ZN  ? ? ? 1_555 A CYS 47 SG  ? ? A ZN  2   A CYS 357 1_555 ? ? ? ? ? ? ? 2.333 ? ? 
metalc9  metalc ?    ? G ZN  . ZN  ? ? ? 1_555 A CYS 36 SG  ? ? A ZN  3   A CYS 346 1_555 ? ? ? ? ? ? ? 2.468 ? ? 
metalc10 metalc ?    ? G ZN  . ZN  ? ? ? 1_555 A CYS 39 SG  ? ? A ZN  3   A CYS 349 1_555 ? ? ? ? ? ? ? 2.404 ? ? 
metalc11 metalc ?    ? G ZN  . ZN  ? ? ? 1_555 A CYS 63 SG  ? ? A ZN  3   A CYS 373 1_555 ? ? ? ? ? ? ? 2.389 ? ? 
metalc12 metalc ?    ? G ZN  . ZN  ? ? ? 1_555 A CYS 66 SG  ? ? A ZN  3   A CYS 376 1_555 ? ? ? ? ? ? ? 2.404 ? ? 
metalc13 metalc ?    ? H ZN  . ZN  ? ? ? 1_555 A HIS 22 NE2 ? ? A ZN  7   A HIS 332 1_555 ? ? ? ? ? ? ? 2.082 ? ? 
metalc14 metalc ?    ? H ZN  . ZN  ? ? ? 1_555 A GLU 65 OE2 ? ? A ZN  7   A GLU 375 1_555 ? ? ? ? ? ? ? 2.012 ? ? 
metalc15 metalc ?    ? H ZN  . ZN  ? ? ? 1_555 B HIS 7  ND1 ? ? A ZN  7   B HIS 317 1_555 ? ? ? ? ? ? ? 1.933 ? ? 
metalc16 metalc ?    ? A HIS 7 ND1 ? ? ? 1_555 L ZN  .  ZN  ? ? A HIS 317 B ZN  8   1_555 ? ? ? ? ? ? ? 1.984 ? ? 
metalc17 metalc ?    ? I ZN  . ZN  ? ? ? 1_555 B CYS 21 SG  ? ? B ZN  4   B CYS 331 1_555 ? ? ? ? ? ? ? 2.365 ? ? 
metalc18 metalc ?    ? I ZN  . ZN  ? ? ? 1_555 B CYS 24 SG  ? ? B ZN  4   B CYS 334 1_555 ? ? ? ? ? ? ? 2.407 ? ? 
metalc19 metalc ?    ? I ZN  . ZN  ? ? ? 1_555 B HIS 44 ND1 ? ? B ZN  4   B HIS 354 1_555 ? ? ? ? ? ? ? 2.112 ? ? 
metalc20 metalc ?    ? I ZN  . ZN  ? ? ? 1_555 B CYS 47 SG  ? ? B ZN  4   B CYS 357 1_555 ? ? ? ? ? ? ? 2.285 ? ? 
metalc21 metalc ?    ? J ZN  . ZN  ? ? ? 1_555 B CYS 5  SG  ? ? B ZN  5   B CYS 315 1_555 ? ? ? ? ? ? ? 2.429 ? ? 
metalc22 metalc ?    ? J ZN  . ZN  ? ? ? 1_555 B CYS 8  SG  ? ? B ZN  5   B CYS 318 1_555 ? ? ? ? ? ? ? 2.342 ? ? 
metalc23 metalc ?    ? J ZN  . ZN  ? ? ? 1_555 B CYS 16 SG  ? ? B ZN  5   B CYS 326 1_555 ? ? ? ? ? ? ? 2.371 ? ? 
metalc24 metalc ?    ? J ZN  . ZN  ? ? ? 1_555 B CYS 19 SG  ? ? B ZN  5   B CYS 329 1_555 ? ? ? ? ? ? ? 2.347 ? ? 
metalc25 metalc ?    ? K ZN  . ZN  ? ? ? 1_555 B CYS 36 SG  ? ? B ZN  6   B CYS 346 1_555 ? ? ? ? ? ? ? 2.444 ? ? 
metalc26 metalc ?    ? K ZN  . ZN  ? ? ? 1_555 B CYS 39 SG  ? ? B ZN  6   B CYS 349 1_555 ? ? ? ? ? ? ? 2.423 ? ? 
metalc27 metalc ?    ? K ZN  . ZN  ? ? ? 1_555 B CYS 63 SG  ? ? B ZN  6   B CYS 373 1_555 ? ? ? ? ? ? ? 2.271 ? ? 
metalc28 metalc ?    ? K ZN  . ZN  ? ? ? 1_555 B CYS 66 SG  ? ? B ZN  6   B CYS 376 1_555 ? ? ? ? ? ? ? 2.372 ? ? 
metalc29 metalc ?    ? L ZN  . ZN  ? ? ? 1_555 B HIS 22 NE2 ? ? B ZN  8   B HIS 332 1_555 ? ? ? ? ? ? ? 2.090 ? ? 
metalc30 metalc ?    ? L ZN  . ZN  ? ? ? 1_555 B GLU 65 OE2 ? ? B ZN  8   B GLU 375 1_555 ? ? ? ? ? ? ? 2.050 ? ? 
# 
loop_
_struct_conn_type.id 
_struct_conn_type.criteria 
_struct_conn_type.reference 
covale ? ? 
metalc ? ? 
# 
loop_
_struct_mon_prot_cis.pdbx_id 
_struct_mon_prot_cis.label_comp_id 
_struct_mon_prot_cis.label_seq_id 
_struct_mon_prot_cis.label_asym_id 
_struct_mon_prot_cis.label_alt_id 
_struct_mon_prot_cis.pdbx_PDB_ins_code 
_struct_mon_prot_cis.auth_comp_id 
_struct_mon_prot_cis.auth_seq_id 
_struct_mon_prot_cis.auth_asym_id 
_struct_mon_prot_cis.pdbx_label_comp_id_2 
_struct_mon_prot_cis.pdbx_label_seq_id_2 
_struct_mon_prot_cis.pdbx_label_asym_id_2 
_struct_mon_prot_cis.pdbx_PDB_ins_code_2 
_struct_mon_prot_cis.pdbx_auth_comp_id_2 
_struct_mon_prot_cis.pdbx_auth_seq_id_2 
_struct_mon_prot_cis.pdbx_auth_asym_id_2 
_struct_mon_prot_cis.pdbx_PDB_model_num 
_struct_mon_prot_cis.pdbx_omega_angle 
1 ASP 49 A . ? ASP 359 A PRO 50 A ? PRO 360 A 1 0.80 
2 ASP 49 B . ? ASP 359 B PRO 50 B ? PRO 360 B 1 7.09 
# 
loop_
_struct_sheet.id 
_struct_sheet.type 
_struct_sheet.number_strands 
_struct_sheet.details 
A ? 2 ? 
B ? 2 ? 
# 
loop_
_struct_sheet_order.sheet_id 
_struct_sheet_order.range_id_1 
_struct_sheet_order.range_id_2 
_struct_sheet_order.offset 
_struct_sheet_order.sense 
A 1 2 ? anti-parallel 
B 1 2 ? anti-parallel 
# 
loop_
_struct_sheet_range.sheet_id 
_struct_sheet_range.id 
_struct_sheet_range.beg_label_comp_id 
_struct_sheet_range.beg_label_asym_id 
_struct_sheet_range.beg_label_seq_id 
_struct_sheet_range.pdbx_beg_PDB_ins_code 
_struct_sheet_range.end_label_comp_id 
_struct_sheet_range.end_label_asym_id 
_struct_sheet_range.end_label_seq_id 
_struct_sheet_range.pdbx_end_PDB_ins_code 
_struct_sheet_range.beg_auth_comp_id 
_struct_sheet_range.beg_auth_asym_id 
_struct_sheet_range.beg_auth_seq_id 
_struct_sheet_range.end_auth_comp_id 
_struct_sheet_range.end_auth_asym_id 
_struct_sheet_range.end_auth_seq_id 
A 1 GLN A 33 ? MET A 35 ? GLN A 343 MET A 345 
A 2 ALA A 42 ? HIS A 44 ? ALA A 352 HIS A 354 
B 1 GLN B 33 ? MET B 35 ? GLN B 343 MET B 345 
B 2 ALA B 42 ? HIS B 44 ? ALA B 352 HIS B 354 
# 
loop_
_pdbx_struct_sheet_hbond.sheet_id 
_pdbx_struct_sheet_hbond.range_id_1 
_pdbx_struct_sheet_hbond.range_id_2 
_pdbx_struct_sheet_hbond.range_1_label_atom_id 
_pdbx_struct_sheet_hbond.range_1_label_comp_id 
_pdbx_struct_sheet_hbond.range_1_label_asym_id 
_pdbx_struct_sheet_hbond.range_1_label_seq_id 
_pdbx_struct_sheet_hbond.range_1_PDB_ins_code 
_pdbx_struct_sheet_hbond.range_1_auth_atom_id 
_pdbx_struct_sheet_hbond.range_1_auth_comp_id 
_pdbx_struct_sheet_hbond.range_1_auth_asym_id 
_pdbx_struct_sheet_hbond.range_1_auth_seq_id 
_pdbx_struct_sheet_hbond.range_2_label_atom_id 
_pdbx_struct_sheet_hbond.range_2_label_comp_id 
_pdbx_struct_sheet_hbond.range_2_label_asym_id 
_pdbx_struct_sheet_hbond.range_2_label_seq_id 
_pdbx_struct_sheet_hbond.range_2_PDB_ins_code 
_pdbx_struct_sheet_hbond.range_2_auth_atom_id 
_pdbx_struct_sheet_hbond.range_2_auth_comp_id 
_pdbx_struct_sheet_hbond.range_2_auth_asym_id 
_pdbx_struct_sheet_hbond.range_2_auth_seq_id 
A 1 2 N LEU A 34 ? N LEU A 344 O PHE A 43 ? O PHE A 353 
B 1 2 N LEU B 34 ? N LEU B 344 O PHE B 43 ? O PHE B 353 
# 
loop_
_struct_site.id 
_struct_site.pdbx_evidence_code 
_struct_site.pdbx_auth_asym_id 
_struct_site.pdbx_auth_comp_id 
_struct_site.pdbx_auth_seq_id 
_struct_site.pdbx_auth_ins_code 
_struct_site.pdbx_num_residues 
_struct_site.details 
AC1 Software A ZN 1 ? 4 'BINDING SITE FOR RESIDUE ZN A 1' 
AC2 Software A ZN 2 ? 4 'BINDING SITE FOR RESIDUE ZN A 2' 
AC3 Software A ZN 3 ? 4 'BINDING SITE FOR RESIDUE ZN A 3' 
AC4 Software A ZN 7 ? 3 'BINDING SITE FOR RESIDUE ZN A 7' 
AC5 Software B ZN 4 ? 4 'BINDING SITE FOR RESIDUE ZN B 4' 
AC6 Software B ZN 5 ? 4 'BINDING SITE FOR RESIDUE ZN B 5' 
AC7 Software B ZN 6 ? 4 'BINDING SITE FOR RESIDUE ZN B 6' 
AC8 Software B ZN 8 ? 4 'BINDING SITE FOR RESIDUE ZN B 8' 
# 
loop_
_struct_site_gen.id 
_struct_site_gen.site_id 
_struct_site_gen.pdbx_num_res 
_struct_site_gen.label_comp_id 
_struct_site_gen.label_asym_id 
_struct_site_gen.label_seq_id 
_struct_site_gen.pdbx_auth_ins_code 
_struct_site_gen.auth_comp_id 
_struct_site_gen.auth_asym_id 
_struct_site_gen.auth_seq_id 
_struct_site_gen.label_atom_id 
_struct_site_gen.label_alt_id 
_struct_site_gen.symmetry 
_struct_site_gen.details 
1  AC1 4 CYS A 5  ? CYS A 315 . ? 1_555 ? 
2  AC1 4 CYS A 8  ? CYS A 318 . ? 1_555 ? 
3  AC1 4 CYS A 16 ? CYS A 326 . ? 1_555 ? 
4  AC1 4 CYS A 19 ? CYS A 329 . ? 1_555 ? 
5  AC2 4 CYS A 21 ? CYS A 331 . ? 1_555 ? 
6  AC2 4 CYS A 24 ? CYS A 334 . ? 1_555 ? 
7  AC2 4 HIS A 44 ? HIS A 354 . ? 1_555 ? 
8  AC2 4 CYS A 47 ? CYS A 357 . ? 1_555 ? 
9  AC3 4 CYS A 36 ? CYS A 346 . ? 1_555 ? 
10 AC3 4 CYS A 39 ? CYS A 349 . ? 1_555 ? 
11 AC3 4 CYS A 63 ? CYS A 373 . ? 1_555 ? 
12 AC3 4 CYS A 66 ? CYS A 376 . ? 1_555 ? 
13 AC4 3 HIS A 22 ? HIS A 332 . ? 1_555 ? 
14 AC4 3 GLU A 65 ? GLU A 375 . ? 1_555 ? 
15 AC4 3 HIS B 7  ? HIS B 317 . ? 1_555 ? 
16 AC5 4 CYS B 21 ? CYS B 331 . ? 1_555 ? 
17 AC5 4 CYS B 24 ? CYS B 334 . ? 1_555 ? 
18 AC5 4 HIS B 44 ? HIS B 354 . ? 1_555 ? 
19 AC5 4 CYS B 47 ? CYS B 357 . ? 1_555 ? 
20 AC6 4 CYS B 5  ? CYS B 315 . ? 1_555 ? 
21 AC6 4 CYS B 8  ? CYS B 318 . ? 1_555 ? 
22 AC6 4 CYS B 16 ? CYS B 326 . ? 1_555 ? 
23 AC6 4 CYS B 19 ? CYS B 329 . ? 1_555 ? 
24 AC7 4 CYS B 36 ? CYS B 346 . ? 1_555 ? 
25 AC7 4 CYS B 39 ? CYS B 349 . ? 1_555 ? 
26 AC7 4 CYS B 63 ? CYS B 373 . ? 1_555 ? 
27 AC7 4 CYS B 66 ? CYS B 376 . ? 1_555 ? 
28 AC8 4 HIS A 7  ? HIS A 317 . ? 1_555 ? 
29 AC8 4 HOH N .  ? HOH B 43  . ? 1_555 ? 
30 AC8 4 HIS B 22 ? HIS B 332 . ? 1_555 ? 
31 AC8 4 GLU B 65 ? GLU B 375 . ? 1_555 ? 
# 
_atom_sites.entry_id                    3SOW 
_atom_sites.fract_transf_matrix[1][1]   -0.00762945 
_atom_sites.fract_transf_matrix[1][2]   -0.02210834 
_atom_sites.fract_transf_matrix[1][3]   0.00186495 
_atom_sites.fract_transf_matrix[2][1]   0.00259826 
_atom_sites.fract_transf_matrix[2][2]   0.00106825 
_atom_sites.fract_transf_matrix[2][3]   0.02329320 
_atom_sites.fract_transf_matrix[3][1]   -0.00511834 
_atom_sites.fract_transf_matrix[3][2]   0.00180747 
_atom_sites.fract_transf_matrix[3][3]   0.00048804 
_atom_sites.fract_transf_vector[1]      -0.051552 
_atom_sites.fract_transf_vector[2]      0.506609 
_atom_sites.fract_transf_vector[3]      0.129264 
# 
loop_
_atom_type.symbol 
C  
N  
O  
S  
ZN 
# 
loop_
_atom_site.group_PDB 
_atom_site.id 
_atom_site.type_symbol 
_atom_site.label_atom_id 
_atom_site.label_alt_id 
_atom_site.label_comp_id 
_atom_site.label_asym_id 
_atom_site.label_entity_id 
_atom_site.label_seq_id 
_atom_site.pdbx_PDB_ins_code 
_atom_site.Cartn_x 
_atom_site.Cartn_y 
_atom_site.Cartn_z 
_atom_site.occupancy 
_atom_site.B_iso_or_equiv 
_atom_site.pdbx_formal_charge 
_atom_site.auth_seq_id 
_atom_site.auth_comp_id 
_atom_site.auth_asym_id 
_atom_site.auth_atom_id 
_atom_site.pdbx_PDB_model_num 
ATOM   1    N  N   . PRO A 1 3  ? -5.629  16.445  -4.143  1.00 48.55 ? 313 PRO A N   1 
ATOM   2    C  CA  . PRO A 1 3  ? -4.403  15.758  -3.718  1.00 45.25 ? 313 PRO A CA  1 
ATOM   3    C  C   . PRO A 1 3  ? -3.899  14.791  -4.779  1.00 43.49 ? 313 PRO A C   1 
ATOM   4    O  O   . PRO A 1 3  ? -4.663  13.966  -5.279  1.00 47.90 ? 313 PRO A O   1 
ATOM   5    C  CB  . PRO A 1 3  ? -4.847  14.964  -2.482  1.00 41.24 ? 313 PRO A CB  1 
ATOM   6    C  CG  . PRO A 1 3  ? -6.066  15.652  -2.002  1.00 46.59 ? 313 PRO A CG  1 
ATOM   7    C  CD  . PRO A 1 3  ? -6.748  16.201  -3.218  1.00 50.64 ? 313 PRO A CD  1 
ATOM   8    N  N   . SER A 1 4  ? -2.618  14.885  -5.108  1.00 43.64 ? 314 SER A N   1 
ATOM   9    C  CA  . SER A 1 4  ? -2.008  13.930  -6.015  1.00 43.52 ? 314 SER A CA  1 
ATOM   10   C  C   . SER A 1 4  ? -2.099  12.519  -5.420  1.00 41.60 ? 314 SER A C   1 
ATOM   11   O  O   . SER A 1 4  ? -2.315  11.540  -6.146  1.00 41.37 ? 314 SER A O   1 
ATOM   12   C  CB  . SER A 1 4  ? -0.558  14.319  -6.296  1.00 42.22 ? 314 SER A CB  1 
ATOM   13   O  OG  . SER A 1 4  ? 0.061   13.389  -7.163  1.00 51.95 ? 314 SER A OG  1 
ATOM   14   N  N   . CYS A 1 5  ? -1.948  12.419  -4.100  1.00 37.56 ? 315 CYS A N   1 
ATOM   15   C  CA  . CYS A 1 5  ? -2.067  11.127  -3.423  1.00 33.72 ? 315 CYS A CA  1 
ATOM   16   C  C   . CYS A 1 5  ? -3.322  11.050  -2.551  1.00 28.40 ? 315 CYS A C   1 
ATOM   17   O  O   . CYS A 1 5  ? -3.473  11.802  -1.583  1.00 29.80 ? 315 CYS A O   1 
ATOM   18   C  CB  . CYS A 1 5  ? -0.822  10.805  -2.584  1.00 27.92 ? 315 CYS A CB  1 
ATOM   19   S  SG  . CYS A 1 5  ? -0.923  9.155   -1.815  1.00 26.85 ? 315 CYS A SG  1 
ATOM   20   N  N   . LYS A 1 6  ? -4.206  10.117  -2.885  1.00 27.51 ? 316 LYS A N   1 
ATOM   21   C  CA  . LYS A 1 6  ? -5.467  9.955   -2.159  1.00 29.44 ? 316 LYS A CA  1 
ATOM   22   C  C   . LYS A 1 6  ? -5.266  9.331   -0.776  1.00 28.98 ? 316 LYS A C   1 
ATOM   23   O  O   . LYS A 1 6  ? -6.124  9.445   0.097   1.00 25.37 ? 316 LYS A O   1 
ATOM   24   C  CB  . LYS A 1 6  ? -6.429  9.093   -2.976  1.00 31.86 ? 316 LYS A CB  1 
ATOM   25   C  CG  . LYS A 1 6  ? -6.169  7.597   -2.843  1.00 32.53 ? 316 LYS A CG  1 
ATOM   26   C  CD  . LYS A 1 6  ? -6.339  6.900   -4.167  1.00 36.25 ? 316 LYS A CD  1 
ATOM   27   C  CE  . LYS A 1 6  ? -7.365  5.775   -4.083  1.00 40.23 ? 316 LYS A CE  1 
ATOM   28   N  NZ  . LYS A 1 6  ? -7.226  4.858   -5.263  1.00 41.89 ? 316 LYS A NZ  1 
ATOM   29   N  N   . HIS A 1 7  ? -4.124  8.678   -0.572  1.00 26.25 ? 317 HIS A N   1 
ATOM   30   C  CA  . HIS A 1 7  ? -3.885  7.970   0.676   1.00 26.23 ? 317 HIS A CA  1 
ATOM   31   C  C   . HIS A 1 7  ? -3.527  8.925   1.821   1.00 26.51 ? 317 HIS A C   1 
ATOM   32   O  O   . HIS A 1 7  ? -4.114  8.849   2.904   1.00 28.26 ? 317 HIS A O   1 
ATOM   33   C  CB  . HIS A 1 7  ? -2.837  6.848   0.497   1.00 23.87 ? 317 HIS A CB  1 
ATOM   34   C  CG  . HIS A 1 7  ? -3.224  5.826   -0.532  1.00 27.45 ? 317 HIS A CG  1 
ATOM   35   N  ND1 . HIS A 1 7  ? -4.017  4.732   -0.245  1.00 25.82 ? 317 HIS A ND1 1 
ATOM   36   C  CD2 . HIS A 1 7  ? -2.944  5.744   -1.856  1.00 29.79 ? 317 HIS A CD2 1 
ATOM   37   C  CE1 . HIS A 1 7  ? -4.200  4.020   -1.341  1.00 27.05 ? 317 HIS A CE1 1 
ATOM   38   N  NE2 . HIS A 1 7  ? -3.559  4.613   -2.332  1.00 28.15 ? 317 HIS A NE2 1 
ATOM   39   N  N   . CYS A 1 8  ? -2.608  9.849   1.569   1.00 23.56 ? 318 CYS A N   1 
ATOM   40   C  CA  . CYS A 1 8  ? -2.156  10.778  2.600   1.00 25.32 ? 318 CYS A CA  1 
ATOM   41   C  C   . CYS A 1 8  ? -2.611  12.223  2.360   1.00 25.82 ? 318 CYS A C   1 
ATOM   42   O  O   . CYS A 1 8  ? -2.343  13.099  3.180   1.00 22.74 ? 318 CYS A O   1 
ATOM   43   C  CB  . CYS A 1 8  ? -0.626  10.767  2.672   1.00 24.66 ? 318 CYS A CB  1 
ATOM   44   S  SG  . CYS A 1 8  ? 0.138   11.491  1.214   1.00 24.38 ? 318 CYS A SG  1 
ATOM   45   N  N   . LYS A 1 9  ? -3.258  12.464  1.223   1.00 26.33 ? 319 LYS A N   1 
ATOM   46   C  CA  . LYS A 1 9  ? -3.739  13.800  0.856   1.00 29.36 ? 319 LYS A CA  1 
ATOM   47   C  C   . LYS A 1 9  ? -2.608  14.843  0.806   1.00 31.96 ? 319 LYS A C   1 
ATOM   48   O  O   . LYS A 1 9  ? -2.827  16.038  1.015   1.00 32.63 ? 319 LYS A O   1 
ATOM   49   C  CB  . LYS A 1 9  ? -4.883  14.224  1.780   1.00 29.73 ? 319 LYS A CB  1 
ATOM   50   C  CG  . LYS A 1 9  ? -6.021  13.194  1.816   1.00 33.65 ? 319 LYS A CG  1 
ATOM   51   C  CD  . LYS A 1 9  ? -7.210  13.654  2.669   1.00 45.22 ? 319 LYS A CD  1 
ATOM   52   C  CE  . LYS A 1 9  ? -8.180  12.495  2.987   1.00 46.87 ? 319 LYS A CE  1 
ATOM   53   N  NZ  . LYS A 1 9  ? -9.105  12.126  1.858   1.00 50.56 ? 319 LYS A NZ  1 
ATOM   54   N  N   . ASP A 1 10 ? -1.399  14.375  0.512   1.00 28.82 ? 320 ASP A N   1 
ATOM   55   C  CA  . ASP A 1 10 ? -0.236  15.253  0.360   1.00 33.43 ? 320 ASP A CA  1 
ATOM   56   C  C   . ASP A 1 10 ? 0.179   15.974  1.648   1.00 33.55 ? 320 ASP A C   1 
ATOM   57   O  O   . ASP A 1 10 ? 0.881   16.988  1.599   1.00 36.94 ? 320 ASP A O   1 
ATOM   58   C  CB  . ASP A 1 10 ? -0.481  16.275  -0.757  1.00 34.89 ? 320 ASP A CB  1 
ATOM   59   C  CG  . ASP A 1 10 ? -0.567  15.634  -2.136  1.00 38.67 ? 320 ASP A CG  1 
ATOM   60   O  OD1 . ASP A 1 10 ? -0.386  14.405  -2.258  1.00 37.74 ? 320 ASP A OD1 1 
ATOM   61   O  OD2 . ASP A 1 10 ? -0.813  16.367  -3.114  1.00 42.03 ? 320 ASP A OD2 1 
ATOM   62   N  N   . ASP A 1 11 ? -0.269  15.463  2.791   1.00 29.02 ? 321 ASP A N   1 
ATOM   63   C  CA  . ASP A 1 11 ? 0.128   15.990  4.088   1.00 26.23 ? 321 ASP A CA  1 
ATOM   64   C  C   . ASP A 1 11 ? 1.593   15.613  4.385   1.00 32.18 ? 321 ASP A C   1 
ATOM   65   O  O   . ASP A 1 11 ? 1.934   14.429  4.523   1.00 27.53 ? 321 ASP A O   1 
ATOM   66   C  CB  . ASP A 1 11 ? -0.789  15.418  5.171   1.00 29.85 ? 321 ASP A CB  1 
ATOM   67   C  CG  . ASP A 1 11 ? -0.563  16.052  6.528   1.00 28.44 ? 321 ASP A CG  1 
ATOM   68   O  OD1 . ASP A 1 11 ? 0.480   16.704  6.727   1.00 30.18 ? 321 ASP A OD1 1 
ATOM   69   O  OD2 . ASP A 1 11 ? -1.444  15.898  7.401   1.00 33.25 ? 321 ASP A OD2 1 
ATOM   70   N  N   . VAL A 1 12 ? 2.439   16.637  4.484   1.00 28.22 ? 322 VAL A N   1 
ATOM   71   C  CA  . VAL A 1 12 ? 3.872   16.469  4.637   1.00 30.52 ? 322 VAL A CA  1 
ATOM   72   C  C   . VAL A 1 12 ? 4.216   15.884  6.001   1.00 28.57 ? 322 VAL A C   1 
ATOM   73   O  O   . VAL A 1 12 ? 5.262   15.269  6.175   1.00 31.48 ? 322 VAL A O   1 
ATOM   74   C  CB  . VAL A 1 12 ? 4.602   17.822  4.446   1.00 32.87 ? 322 VAL A CB  1 
ATOM   75   C  CG1 . VAL A 1 12 ? 4.372   18.721  5.650   1.00 32.39 ? 322 VAL A CG1 1 
ATOM   76   C  CG2 . VAL A 1 12 ? 6.086   17.595  4.234   1.00 34.95 ? 322 VAL A CG2 1 
ATOM   77   N  N   . ASN A 1 13 ? 3.326   16.061  6.966   1.00 26.72 ? 323 ASN A N   1 
ATOM   78   C  CA  . ASN A 1 13 ? 3.551   15.532  8.302   1.00 32.38 ? 323 ASN A CA  1 
ATOM   79   C  C   . ASN A 1 13 ? 2.993   14.132  8.518   1.00 28.96 ? 323 ASN A C   1 
ATOM   80   O  O   . ASN A 1 13 ? 3.004   13.631  9.637   1.00 27.97 ? 323 ASN A O   1 
ATOM   81   C  CB  . ASN A 1 13 ? 2.986   16.482  9.351   1.00 30.87 ? 323 ASN A CB  1 
ATOM   82   C  CG  . ASN A 1 13 ? 3.799   17.739  9.467   1.00 38.86 ? 323 ASN A CG  1 
ATOM   83   O  OD1 . ASN A 1 13 ? 3.254   18.838  9.574   1.00 40.88 ? 323 ASN A OD1 1 
ATOM   84   N  ND2 . ASN A 1 13 ? 5.127   17.591  9.406   1.00 35.40 ? 323 ASN A ND2 1 
ATOM   85   N  N   . ARG A 1 14 ? 2.498   13.527  7.441   1.00 27.30 ? 324 ARG A N   1 
ATOM   86   C  CA  . ARG A 1 14 ? 1.894   12.196  7.492   1.00 28.80 ? 324 ARG A CA  1 
ATOM   87   C  C   . ARG A 1 14 ? 2.825   11.221  6.792   1.00 25.97 ? 324 ARG A C   1 
ATOM   88   O  O   . ARG A 1 14 ? 3.388   11.552  5.754   1.00 25.93 ? 324 ARG A O   1 
ATOM   89   C  CB  . ARG A 1 14 ? 0.561   12.199  6.738   1.00 30.61 ? 324 ARG A CB  1 
ATOM   90   C  CG  . ARG A 1 14 ? -0.649  11.781  7.542   1.00 36.98 ? 324 ARG A CG  1 
ATOM   91   C  CD  . ARG A 1 14 ? -1.376  10.620  6.861   1.00 37.98 ? 324 ARG A CD  1 
ATOM   92   N  NE  . ARG A 1 14 ? -0.809  9.332   7.264   1.00 40.11 ? 324 ARG A NE  1 
ATOM   93   C  CZ  . ARG A 1 14 ? -0.785  8.234   6.509   1.00 35.52 ? 324 ARG A CZ  1 
ATOM   94   N  NH1 . ARG A 1 14 ? -0.255  7.115   6.991   1.00 42.67 ? 324 ARG A NH1 1 
ATOM   95   N  NH2 . ARG A 1 14 ? -1.270  8.249   5.271   1.00 34.05 ? 324 ARG A NH2 1 
ATOM   96   N  N   . LEU A 1 15 ? 2.976   10.025  7.350   1.00 26.73 ? 325 LEU A N   1 
ATOM   97   C  CA  . LEU A 1 15 ? 3.708   8.957   6.670   1.00 26.29 ? 325 LEU A CA  1 
ATOM   98   C  C   . LEU A 1 15 ? 2.868   8.510   5.501   1.00 27.58 ? 325 LEU A C   1 
ATOM   99   O  O   . LEU A 1 15 ? 1.644   8.510   5.594   1.00 28.76 ? 325 LEU A O   1 
ATOM   100  C  CB  . LEU A 1 15 ? 3.893   7.750   7.590   1.00 26.19 ? 325 LEU A CB  1 
ATOM   101  C  CG  . LEU A 1 15 ? 4.774   7.934   8.814   1.00 28.23 ? 325 LEU A CG  1 
ATOM   102  C  CD1 . LEU A 1 15 ? 4.982   6.583   9.503   1.00 27.05 ? 325 LEU A CD1 1 
ATOM   103  C  CD2 . LEU A 1 15 ? 6.074   8.548   8.354   1.00 28.12 ? 325 LEU A CD2 1 
ATOM   104  N  N   . CYS A 1 16 ? 3.499   8.125   4.404   1.00 21.25 ? 326 CYS A N   1 
ATOM   105  C  CA  . CYS A 1 16 ? 2.751   7.476   3.341   1.00 22.14 ? 326 CYS A CA  1 
ATOM   106  C  C   . CYS A 1 16 ? 3.591   6.471   2.571   1.00 21.37 ? 326 CYS A C   1 
ATOM   107  O  O   . CYS A 1 16 ? 4.551   6.841   1.882   1.00 21.25 ? 326 CYS A O   1 
ATOM   108  C  CB  . CYS A 1 16 ? 2.127   8.485   2.380   1.00 24.15 ? 326 CYS A CB  1 
ATOM   109  S  SG  . CYS A 1 16 ? 1.072   7.647   1.145   1.00 22.01 ? 326 CYS A SG  1 
ATOM   110  N  N   . ARG A 1 17 ? 3.225   5.198   2.683   1.00 18.78 ? 327 ARG A N   1 
ATOM   111  C  CA  . ARG A 1 17 ? 3.992   4.144   2.028   1.00 22.29 ? 327 ARG A CA  1 
ATOM   112  C  C   . ARG A 1 17 ? 3.604   3.967   0.558   1.00 22.56 ? 327 ARG A C   1 
ATOM   113  O  O   . ARG A 1 17 ? 4.098   3.075   -0.116  1.00 20.66 ? 327 ARG A O   1 
ATOM   114  C  CB  . ARG A 1 17 ? 3.881   2.832   2.807   1.00 22.05 ? 327 ARG A CB  1 
ATOM   115  C  CG  . ARG A 1 17 ? 4.532   2.914   4.179   1.00 21.27 ? 327 ARG A CG  1 
ATOM   116  C  CD  . ARG A 1 17 ? 4.385   1.610   4.949   1.00 22.87 ? 327 ARG A CD  1 
ATOM   117  N  NE  . ARG A 1 17 ? 5.151   1.676   6.188   1.00 27.72 ? 327 ARG A NE  1 
ATOM   118  C  CZ  . ARG A 1 17 ? 4.720   2.264   7.298   1.00 31.94 ? 327 ARG A CZ  1 
ATOM   119  N  NH1 . ARG A 1 17 ? 3.513   2.818   7.328   1.00 30.56 ? 327 ARG A NH1 1 
ATOM   120  N  NH2 . ARG A 1 17 ? 5.488   2.279   8.384   1.00 33.37 ? 327 ARG A NH2 1 
ATOM   121  N  N   . VAL A 1 18 ? 2.722   4.839   0.066   1.00 23.81 ? 328 VAL A N   1 
ATOM   122  C  CA  . VAL A 1 18 ? 2.310   4.797   -1.334  1.00 22.09 ? 328 VAL A CA  1 
ATOM   123  C  C   . VAL A 1 18 ? 3.098   5.790   -2.190  1.00 22.94 ? 328 VAL A C   1 
ATOM   124  O  O   . VAL A 1 18 ? 3.670   5.418   -3.209  1.00 26.54 ? 328 VAL A O   1 
ATOM   125  C  CB  . VAL A 1 18 ? 0.787   5.053   -1.478  1.00 23.50 ? 328 VAL A CB  1 
ATOM   126  C  CG1 . VAL A 1 18 ? 0.434   5.395   -2.904  1.00 26.45 ? 328 VAL A CG1 1 
ATOM   127  C  CG2 . VAL A 1 18 ? 0.021   3.814   -1.020  1.00 28.38 ? 328 VAL A CG2 1 
ATOM   128  N  N   . CYS A 1 19 ? 3.142   7.046   -1.762  1.00 20.51 ? 329 CYS A N   1 
ATOM   129  C  CA  . CYS A 1 19 ? 3.812   8.090   -2.528  1.00 23.73 ? 329 CYS A CA  1 
ATOM   130  C  C   . CYS A 1 19 ? 5.197   8.486   -1.959  1.00 25.19 ? 329 CYS A C   1 
ATOM   131  O  O   . CYS A 1 19 ? 5.934   9.248   -2.573  1.00 26.10 ? 329 CYS A O   1 
ATOM   132  C  CB  . CYS A 1 19 ? 2.895   9.318   -2.681  1.00 23.02 ? 329 CYS A CB  1 
ATOM   133  S  SG  . CYS A 1 19 ? 2.657   10.305  -1.184  1.00 27.52 ? 329 CYS A SG  1 
ATOM   134  N  N   . ALA A 1 20 ? 5.542   7.973   -0.783  1.00 22.79 ? 330 ALA A N   1 
ATOM   135  C  CA  . ALA A 1 20 ? 6.890   8.171   -0.240  1.00 21.57 ? 330 ALA A CA  1 
ATOM   136  C  C   . ALA A 1 20 ? 7.528   6.801   -0.008  1.00 20.17 ? 330 ALA A C   1 
ATOM   137  O  O   . ALA A 1 20 ? 7.128   5.835   -0.638  1.00 20.87 ? 330 ALA A O   1 
ATOM   138  C  CB  . ALA A 1 20 ? 6.855   9.002   1.042   1.00 21.23 ? 330 ALA A CB  1 
ATOM   139  N  N   . CYS A 1 21 ? 8.497   6.697   0.897   1.00 18.68 ? 331 CYS A N   1 
ATOM   140  C  CA  . CYS A 1 21 ? 9.208   5.417   1.057   1.00 18.89 ? 331 CYS A CA  1 
ATOM   141  C  C   . CYS A 1 21 ? 8.231   4.284   1.388   1.00 20.06 ? 331 CYS A C   1 
ATOM   142  O  O   . CYS A 1 21 ? 7.480   4.357   2.368   1.00 18.00 ? 331 CYS A O   1 
ATOM   143  C  CB  . CYS A 1 21 ? 10.287  5.494   2.140   1.00 18.45 ? 331 CYS A CB  1 
ATOM   144  S  SG  . CYS A 1 21 ? 11.153  3.893   2.388   1.00 18.68 ? 331 CYS A SG  1 
ATOM   145  N  N   . HIS A 1 22 ? 8.252   3.237   0.576   1.00 19.17 ? 332 HIS A N   1 
ATOM   146  C  CA  . HIS A 1 22 ? 7.297   2.146   0.724   1.00 21.61 ? 332 HIS A CA  1 
ATOM   147  C  C   . HIS A 1 22 ? 7.542   1.325   2.002   1.00 20.85 ? 332 HIS A C   1 
ATOM   148  O  O   . HIS A 1 22 ? 6.659   0.624   2.474   1.00 19.52 ? 332 HIS A O   1 
ATOM   149  C  CB  . HIS A 1 22 ? 7.291   1.273   -0.544  1.00 21.00 ? 332 HIS A CB  1 
ATOM   150  C  CG  . HIS A 1 22 ? 6.253   0.198   -0.538  1.00 23.80 ? 332 HIS A CG  1 
ATOM   151  N  ND1 . HIS A 1 22 ? 4.897   0.470   -0.516  1.00 25.37 ? 332 HIS A ND1 1 
ATOM   152  C  CD2 . HIS A 1 22 ? 6.366   -1.150  -0.556  1.00 21.82 ? 332 HIS A CD2 1 
ATOM   153  C  CE1 . HIS A 1 22 ? 4.223   -0.667  -0.521  1.00 24.21 ? 332 HIS A CE1 1 
ATOM   154  N  NE2 . HIS A 1 22 ? 5.091   -1.663  -0.537  1.00 26.37 ? 332 HIS A NE2 1 
ATOM   155  N  N   . LEU A 1 23 ? 8.740   1.438   2.571   1.00 20.28 ? 333 LEU A N   1 
ATOM   156  C  CA  . LEU A 1 23 ? 9.085   0.720   3.797   1.00 20.86 ? 333 LEU A CA  1 
ATOM   157  C  C   . LEU A 1 23 ? 8.791   1.539   5.054   1.00 22.66 ? 333 LEU A C   1 
ATOM   158  O  O   . LEU A 1 23 ? 8.223   1.018   6.014   1.00 21.16 ? 333 LEU A O   1 
ATOM   159  C  CB  . LEU A 1 23 ? 10.561  0.288   3.790   1.00 20.04 ? 333 LEU A CB  1 
ATOM   160  C  CG  . LEU A 1 23 ? 10.940  -0.642  2.633   1.00 24.68 ? 333 LEU A CG  1 
ATOM   161  C  CD1 . LEU A 1 23 ? 12.481  -0.957  2.597   1.00 20.74 ? 333 LEU A CD1 1 
ATOM   162  C  CD2 . LEU A 1 23 ? 10.119  -1.929  2.703   1.00 27.41 ? 333 LEU A CD2 1 
ATOM   163  N  N   . CYS A 1 24 ? 9.166   2.816   5.054   1.00 19.15 ? 334 CYS A N   1 
ATOM   164  C  CA  . CYS A 1 24 ? 8.963   3.628   6.265   1.00 23.10 ? 334 CYS A CA  1 
ATOM   165  C  C   . CYS A 1 24 ? 7.920   4.761   6.123   1.00 20.40 ? 334 CYS A C   1 
ATOM   166  O  O   . CYS A 1 24 ? 7.543   5.408   7.107   1.00 20.07 ? 334 CYS A O   1 
ATOM   167  C  CB  . CYS A 1 24 ? 10.292  4.201   6.750   1.00 19.49 ? 334 CYS A CB  1 
ATOM   168  S  SG  . CYS A 1 24 ? 10.849  5.633   5.814   1.00 19.36 ? 334 CYS A SG  1 
ATOM   169  N  N   . GLY A 1 25 ? 7.470   5.020   4.906   1.00 17.64 ? 335 GLY A N   1 
ATOM   170  C  CA  . GLY A 1 25 ? 6.505   6.086   4.703   1.00 19.57 ? 335 GLY A CA  1 
ATOM   171  C  C   . GLY A 1 25 ? 7.075   7.500   4.706   1.00 21.11 ? 335 GLY A C   1 
ATOM   172  O  O   . GLY A 1 25 ? 6.321   8.467   4.513   1.00 21.01 ? 335 GLY A O   1 
ATOM   173  N  N   . GLY A 1 26 ? 8.386   7.627   4.932   1.00 19.50 ? 336 GLY A N   1 
ATOM   174  C  CA  . GLY A 1 26 ? 9.055   8.926   4.992   1.00 18.80 ? 336 GLY A CA  1 
ATOM   175  C  C   . GLY A 1 26 ? 9.394   9.561   3.649   1.00 20.97 ? 336 GLY A C   1 
ATOM   176  O  O   . GLY A 1 26 ? 9.704   8.862   2.676   1.00 18.77 ? 336 GLY A O   1 
ATOM   177  N  N   . ARG A 1 27 ? 9.364   10.895  3.607   1.00 20.73 ? 337 ARG A N   1 
ATOM   178  C  CA  . ARG A 1 27 ? 9.569   11.673  2.377   1.00 22.17 ? 337 ARG A CA  1 
ATOM   179  C  C   . ARG A 1 27 ? 10.963  12.273  2.195   1.00 22.10 ? 337 ARG A C   1 
ATOM   180  O  O   . ARG A 1 27 ? 11.280  12.787  1.126   1.00 22.47 ? 337 ARG A O   1 
ATOM   181  C  CB  . ARG A 1 27 ? 8.560   12.831  2.335   1.00 24.43 ? 337 ARG A CB  1 
ATOM   182  C  CG  . ARG A 1 27 ? 7.118   12.393  2.518   1.00 22.75 ? 337 ARG A CG  1 
ATOM   183  C  CD  . ARG A 1 27 ? 6.172   13.588  2.604   1.00 26.26 ? 337 ARG A CD  1 
ATOM   184  N  NE  . ARG A 1 27 ? 4.869   13.136  3.072   1.00 26.79 ? 337 ARG A NE  1 
ATOM   185  C  CZ  . ARG A 1 27 ? 3.914   12.675  2.278   1.00 24.79 ? 337 ARG A CZ  1 
ATOM   186  N  NH1 . ARG A 1 27 ? 4.107   12.628  0.974   1.00 27.76 ? 337 ARG A NH1 1 
ATOM   187  N  NH2 . ARG A 1 27 ? 2.767   12.263  2.789   1.00 28.03 ? 337 ARG A NH2 1 
ATOM   188  N  N   . GLN A 1 28 ? 11.766  12.251  3.256   1.00 21.34 ? 338 GLN A N   1 
ATOM   189  C  CA  . GLN A 1 28 ? 13.099  12.839  3.257   1.00 24.59 ? 338 GLN A CA  1 
ATOM   190  C  C   . GLN A 1 28 ? 14.065  12.110  2.306   1.00 24.23 ? 338 GLN A C   1 
ATOM   191  O  O   . GLN A 1 28 ? 13.871  10.938  1.984   1.00 21.88 ? 338 GLN A O   1 
ATOM   192  C  CB  . GLN A 1 28 ? 13.647  12.880  4.704   1.00 23.01 ? 338 GLN A CB  1 
ATOM   193  C  CG  . GLN A 1 28 ? 14.317  11.565  5.228   1.00 25.36 ? 338 GLN A CG  1 
ATOM   194  C  CD  . GLN A 1 28 ? 13.351  10.482  5.788   1.00 25.79 ? 338 GLN A CD  1 
ATOM   195  O  OE1 . GLN A 1 28 ? 13.798  9.493   6.394   1.00 27.36 ? 338 GLN A OE1 1 
ATOM   196  N  NE2 . GLN A 1 28 ? 12.059  10.651  5.574   1.00 18.67 ? 338 GLN A NE2 1 
ATOM   197  N  N   . ASP A 1 29 ? 15.102  12.817  1.854   1.00 25.15 ? 339 ASP A N   1 
ATOM   198  C  CA  . ASP A 1 29 ? 16.141  12.225  1.009   1.00 24.85 ? 339 ASP A CA  1 
ATOM   199  C  C   . ASP A 1 29 ? 15.632  11.572  -0.269  1.00 24.20 ? 339 ASP A C   1 
ATOM   200  O  O   . ASP A 1 29 ? 15.939  10.404  -0.521  1.00 20.56 ? 339 ASP A O   1 
ATOM   201  C  CB  . ASP A 1 29 ? 16.935  11.162  1.789   1.00 26.54 ? 339 ASP A CB  1 
ATOM   202  C  CG  . ASP A 1 29 ? 17.560  11.709  3.044   1.00 27.80 ? 339 ASP A CG  1 
ATOM   203  O  OD1 . ASP A 1 29 ? 18.052  12.848  3.000   1.00 30.84 ? 339 ASP A OD1 1 
ATOM   204  O  OD2 . ASP A 1 29 ? 17.567  10.997  4.075   1.00 28.82 ? 339 ASP A OD2 1 
ATOM   205  N  N   . PRO A 1 30 ? 14.882  12.316  -1.097  1.00 24.40 ? 340 PRO A N   1 
ATOM   206  C  CA  . PRO A 1 30 ? 14.422  11.698  -2.347  1.00 23.34 ? 340 PRO A CA  1 
ATOM   207  C  C   . PRO A 1 30 ? 15.603  11.311  -3.265  1.00 24.77 ? 340 PRO A C   1 
ATOM   208  O  O   . PRO A 1 30 ? 15.465  10.441  -4.129  1.00 22.13 ? 340 PRO A O   1 
ATOM   209  C  CB  . PRO A 1 30 ? 13.551  12.794  -2.983  1.00 25.47 ? 340 PRO A CB  1 
ATOM   210  C  CG  . PRO A 1 30 ? 14.028  14.071  -2.359  1.00 25.67 ? 340 PRO A CG  1 
ATOM   211  C  CD  . PRO A 1 30 ? 14.401  13.701  -0.950  1.00 25.04 ? 340 PRO A CD  1 
ATOM   212  N  N   . ASP A 1 31 ? 16.755  11.946  -3.065  1.00 25.82 ? 341 ASP A N   1 
ATOM   213  C  CA  . ASP A 1 31 ? 17.979  11.584  -3.798  1.00 28.28 ? 341 ASP A CA  1 
ATOM   214  C  C   . ASP A 1 31 ? 18.518  10.201  -3.385  1.00 28.30 ? 341 ASP A C   1 
ATOM   215  O  O   . ASP A 1 31 ? 19.385  9.632   -4.050  1.00 26.51 ? 341 ASP A O   1 
ATOM   216  C  CB  . ASP A 1 31 ? 19.057  12.667  -3.617  1.00 28.49 ? 341 ASP A CB  1 
ATOM   217  C  CG  . ASP A 1 31 ? 19.329  12.999  -2.149  1.00 32.74 ? 341 ASP A CG  1 
ATOM   218  O  OD1 . ASP A 1 31 ? 18.363  13.167  -1.367  1.00 32.52 ? 341 ASP A OD1 1 
ATOM   219  O  OD2 . ASP A 1 31 ? 20.521  13.106  -1.775  1.00 38.73 ? 341 ASP A OD2 1 
ATOM   220  N  N   . LYS A 1 32 ? 17.995  9.681   -2.278  1.00 23.80 ? 342 LYS A N   1 
ATOM   221  C  CA  . LYS A 1 32 ? 18.378  8.379   -1.751  1.00 23.30 ? 342 LYS A CA  1 
ATOM   222  C  C   . LYS A 1 32 ? 17.225  7.390   -1.812  1.00 22.70 ? 342 LYS A C   1 
ATOM   223  O  O   . LYS A 1 32 ? 17.310  6.312   -1.237  1.00 20.66 ? 342 LYS A O   1 
ATOM   224  C  CB  . LYS A 1 32 ? 18.845  8.500   -0.298  1.00 24.21 ? 342 LYS A CB  1 
ATOM   225  C  CG  . LYS A 1 32 ? 20.085  9.340   -0.097  1.00 26.30 ? 342 LYS A CG  1 
ATOM   226  C  CD  . LYS A 1 32 ? 20.534  9.311   1.365   1.00 31.38 ? 342 LYS A CD  1 
ATOM   227  C  CE  . LYS A 1 32 ? 21.778  10.181  1.595   1.00 40.15 ? 342 LYS A CE  1 
ATOM   228  N  NZ  . LYS A 1 32 ? 22.282  10.123  3.009   1.00 38.12 ? 342 LYS A NZ  1 
ATOM   229  N  N   . GLN A 1 33 ? 16.136  7.771   -2.478  1.00 22.50 ? 343 GLN A N   1 
ATOM   230  C  CA  . GLN A 1 33 ? 14.995  6.881   -2.657  1.00 23.16 ? 343 GLN A CA  1 
ATOM   231  C  C   . GLN A 1 33 ? 15.073  6.201   -4.020  1.00 25.26 ? 343 GLN A C   1 
ATOM   232  O  O   . GLN A 1 33 ? 14.990  6.865   -5.052  1.00 26.30 ? 343 GLN A O   1 
ATOM   233  C  CB  . GLN A 1 33 ? 13.676  7.662   -2.548  1.00 22.56 ? 343 GLN A CB  1 
ATOM   234  C  CG  . GLN A 1 33 ? 13.407  8.266   -1.176  1.00 22.74 ? 343 GLN A CG  1 
ATOM   235  C  CD  . GLN A 1 33 ? 12.094  9.035   -1.137  1.00 25.58 ? 343 GLN A CD  1 
ATOM   236  O  OE1 . GLN A 1 33 ? 11.137  8.655   -1.794  1.00 28.91 ? 343 GLN A OE1 1 
ATOM   237  N  NE2 . GLN A 1 33 ? 12.051  10.124  -0.371  1.00 24.24 ? 343 GLN A NE2 1 
ATOM   238  N  N   . LEU A 1 34 ? 15.238  4.881   -4.026  1.00 22.54 ? 344 LEU A N   1 
ATOM   239  C  CA  . LEU A 1 34 ? 15.320  4.128   -5.276  1.00 24.43 ? 344 LEU A CA  1 
ATOM   240  C  C   . LEU A 1 34 ? 13.918  3.812   -5.778  1.00 23.38 ? 344 LEU A C   1 
ATOM   241  O  O   . LEU A 1 34 ? 13.067  3.370   -5.003  1.00 23.37 ? 344 LEU A O   1 
ATOM   242  C  CB  . LEU A 1 34 ? 16.095  2.810   -5.082  1.00 21.21 ? 344 LEU A CB  1 
ATOM   243  C  CG  . LEU A 1 34 ? 17.524  2.882   -4.529  1.00 24.18 ? 344 LEU A CG  1 
ATOM   244  C  CD1 . LEU A 1 34 ? 18.180  1.495   -4.548  1.00 19.78 ? 344 LEU A CD1 1 
ATOM   245  C  CD2 . LEU A 1 34 ? 18.349  3.869   -5.321  1.00 25.78 ? 344 LEU A CD2 1 
ATOM   246  N  N   . MET A 1 35 ? 13.695  4.016   -7.071  1.00 22.36 ? 345 MET A N   1 
ATOM   247  C  CA  . MET A 1 35 ? 12.413  3.718   -7.704  1.00 25.64 ? 345 MET A CA  1 
ATOM   248  C  C   . MET A 1 35 ? 12.475  2.344   -8.347  1.00 26.40 ? 345 MET A C   1 
ATOM   249  O  O   . MET A 1 35 ? 13.323  2.111   -9.201  1.00 26.90 ? 345 MET A O   1 
ATOM   250  C  CB  . MET A 1 35 ? 12.111  4.760   -8.784  1.00 28.54 ? 345 MET A CB  1 
ATOM   251  C  CG  . MET A 1 35 ? 12.149  6.183   -8.284  1.00 27.99 ? 345 MET A CG  1 
ATOM   252  S  SD  . MET A 1 35 ? 10.818  6.448   -7.102  1.00 35.37 ? 345 MET A SD  1 
ATOM   253  C  CE  . MET A 1 35 ? 9.407   6.016   -8.118  1.00 30.76 ? 345 MET A CE  1 
ATOM   254  N  N   . CYS A 1 36 ? 11.594  1.430   -7.943  1.00 23.73 ? 346 CYS A N   1 
ATOM   255  C  CA  . CYS A 1 36 ? 11.630  0.088   -8.499  1.00 26.91 ? 346 CYS A CA  1 
ATOM   256  C  C   . CYS A 1 36 ? 11.265  0.111   -9.977  1.00 31.57 ? 346 CYS A C   1 
ATOM   257  O  O   . CYS A 1 36 ? 10.290  0.741   -10.378 1.00 29.24 ? 346 CYS A O   1 
ATOM   258  C  CB  . CYS A 1 36 ? 10.697  -0.853  -7.754  1.00 27.36 ? 346 CYS A CB  1 
ATOM   259  S  SG  . CYS A 1 36 ? 10.647  -2.536  -8.439  1.00 28.24 ? 346 CYS A SG  1 
ATOM   260  N  N   . ASP A 1 37 ? 12.052  -0.581  -10.789 1.00 30.88 ? 347 ASP A N   1 
ATOM   261  C  CA  . ASP A 1 37 ? 11.787  -0.612  -12.218 1.00 34.48 ? 347 ASP A CA  1 
ATOM   262  C  C   . ASP A 1 37 ? 10.618  -1.518  -12.626 1.00 33.45 ? 347 ASP A C   1 
ATOM   263  O  O   . ASP A 1 37 ? 10.225  -1.534  -13.794 1.00 35.86 ? 347 ASP A O   1 
ATOM   264  C  CB  . ASP A 1 37 ? 13.066  -0.922  -13.002 1.00 30.94 ? 347 ASP A CB  1 
ATOM   265  C  CG  . ASP A 1 37 ? 13.984  0.273   -13.081 1.00 34.72 ? 347 ASP A CG  1 
ATOM   266  O  OD1 . ASP A 1 37 ? 13.497  1.356   -13.461 1.00 34.84 ? 347 ASP A OD1 1 
ATOM   267  O  OD2 . ASP A 1 37 ? 15.180  0.153   -12.740 1.00 33.46 ? 347 ASP A OD2 1 
ATOM   268  N  N   . GLU A 1 38 ? 10.049  -2.252  -11.673 1.00 33.05 ? 348 GLU A N   1 
ATOM   269  C  CA  . GLU A 1 38 ? 8.830   -3.016  -11.950 1.00 34.26 ? 348 GLU A CA  1 
ATOM   270  C  C   . GLU A 1 38 ? 7.568   -2.366  -11.367 1.00 34.87 ? 348 GLU A C   1 
ATOM   271  O  O   . GLU A 1 38 ? 6.654   -1.994  -12.113 1.00 36.93 ? 348 GLU A O   1 
ATOM   272  C  CB  . GLU A 1 38 ? 8.950   -4.473  -11.481 1.00 36.91 ? 348 GLU A CB  1 
ATOM   273  C  CG  . GLU A 1 38 ? 7.662   -5.275  -11.677 1.00 39.19 ? 348 GLU A CG  1 
ATOM   274  C  CD  . GLU A 1 38 ? 7.821   -6.762  -11.391 1.00 49.61 ? 348 GLU A CD  1 
ATOM   275  O  OE1 . GLU A 1 38 ? 8.971   -7.272  -11.432 1.00 49.88 ? 348 GLU A OE1 1 
ATOM   276  O  OE2 . GLU A 1 38 ? 6.789   -7.426  -11.133 1.00 49.20 ? 348 GLU A OE2 1 
ATOM   277  N  N   . CYS A 1 39 ? 7.516   -2.219  -10.044 1.00 32.09 ? 349 CYS A N   1 
ATOM   278  C  CA  . CYS A 1 39 ? 6.315   -1.690  -9.390  1.00 31.85 ? 349 CYS A CA  1 
ATOM   279  C  C   . CYS A 1 39 ? 6.315   -0.168  -9.254  1.00 30.05 ? 349 CYS A C   1 
ATOM   280  O  O   . CYS A 1 39 ? 5.290   0.432   -8.927  1.00 30.86 ? 349 CYS A O   1 
ATOM   281  C  CB  . CYS A 1 39 ? 6.136   -2.321  -8.004  1.00 34.74 ? 349 CYS A CB  1 
ATOM   282  S  SG  . CYS A 1 39 ? 7.261   -1.660  -6.742  1.00 28.78 ? 349 CYS A SG  1 
ATOM   283  N  N   . ASP A 1 40 ? 7.466   0.454   -9.481  1.00 29.92 ? 350 ASP A N   1 
ATOM   284  C  CA  . ASP A 1 40 ? 7.595   1.916   -9.383  1.00 31.08 ? 350 ASP A CA  1 
ATOM   285  C  C   . ASP A 1 40 ? 7.379   2.528   -7.994  1.00 29.30 ? 350 ASP A C   1 
ATOM   286  O  O   . ASP A 1 40 ? 7.125   3.726   -7.887  1.00 30.20 ? 350 ASP A O   1 
ATOM   287  C  CB  . ASP A 1 40 ? 6.674   2.632   -10.382 1.00 31.94 ? 350 ASP A CB  1 
ATOM   288  C  CG  . ASP A 1 40 ? 7.193   4.018   -10.753 1.00 38.68 ? 350 ASP A CG  1 
ATOM   289  O  OD1 . ASP A 1 40 ? 8.424   4.156   -10.964 1.00 39.27 ? 350 ASP A OD1 1 
ATOM   290  O  OD2 . ASP A 1 40 ? 6.388   4.973   -10.827 1.00 39.95 ? 350 ASP A OD2 1 
ATOM   291  N  N   . MET A 1 41 ? 7.454   1.725   -6.940  1.00 25.65 ? 351 MET A N   1 
ATOM   292  C  CA  . MET A 1 41 ? 7.435   2.281   -5.591  1.00 26.35 ? 351 MET A CA  1 
ATOM   293  C  C   . MET A 1 41 ? 8.832   2.829   -5.238  1.00 24.30 ? 351 MET A C   1 
ATOM   294  O  O   . MET A 1 41 ? 9.831   2.450   -5.861  1.00 24.76 ? 351 MET A O   1 
ATOM   295  C  CB  . MET A 1 41 ? 6.990   1.222   -4.577  1.00 24.66 ? 351 MET A CB  1 
ATOM   296  C  CG  . MET A 1 41 ? 5.562   0.727   -4.770  1.00 29.73 ? 351 MET A CG  1 
ATOM   297  S  SD  . MET A 1 41 ? 4.353   1.923   -4.184  1.00 36.89 ? 351 MET A SD  1 
ATOM   298  C  CE  . MET A 1 41 ? 2.821   1.162   -4.720  1.00 42.94 ? 351 MET A CE  1 
ATOM   299  N  N   . ALA A 1 42 ? 8.896   3.717   -4.247  1.00 19.79 ? 352 ALA A N   1 
ATOM   300  C  CA  . ALA A 1 42 ? 10.168  4.281   -3.783  1.00 21.02 ? 352 ALA A CA  1 
ATOM   301  C  C   . ALA A 1 42 ? 10.654  3.573   -2.518  1.00 20.88 ? 352 ALA A C   1 
ATOM   302  O  O   . ALA A 1 42 ? 9.831   3.166   -1.681  1.00 19.70 ? 352 ALA A O   1 
ATOM   303  C  CB  . ALA A 1 42 ? 10.030  5.775   -3.511  1.00 20.87 ? 352 ALA A CB  1 
ATOM   304  N  N   . PHE A 1 43 ? 11.981  3.470   -2.381  1.00 17.60 ? 353 PHE A N   1 
ATOM   305  C  CA  . PHE A 1 43 ? 12.633  2.836   -1.222  1.00 18.35 ? 353 PHE A CA  1 
ATOM   306  C  C   . PHE A 1 43 ? 13.917  3.555   -0.799  1.00 19.08 ? 353 PHE A C   1 
ATOM   307  O  O   . PHE A 1 43 ? 14.866  3.647   -1.587  1.00 18.21 ? 353 PHE A O   1 
ATOM   308  C  CB  . PHE A 1 43 ? 13.006  1.386   -1.537  1.00 16.47 ? 353 PHE A CB  1 
ATOM   309  C  CG  . PHE A 1 43 ? 11.840  0.516   -1.888  1.00 19.02 ? 353 PHE A CG  1 
ATOM   310  C  CD1 . PHE A 1 43 ? 11.267  0.574   -3.148  1.00 19.85 ? 353 PHE A CD1 1 
ATOM   311  C  CD2 . PHE A 1 43 ? 11.344  -0.389  -0.980  1.00 20.01 ? 353 PHE A CD2 1 
ATOM   312  C  CE1 . PHE A 1 43 ? 10.180  -0.229  -3.472  1.00 21.40 ? 353 PHE A CE1 1 
ATOM   313  C  CE2 . PHE A 1 43 ? 10.258  -1.195  -1.301  1.00 20.62 ? 353 PHE A CE2 1 
ATOM   314  C  CZ  . PHE A 1 43 ? 9.679   -1.113  -2.553  1.00 20.19 ? 353 PHE A CZ  1 
ATOM   315  N  N   . HIS A 1 44 ? 13.975  4.038   0.441   1.00 15.08 ? 354 HIS A N   1 
ATOM   316  C  CA  . HIS A 1 44 ? 15.217  4.608   0.931   1.00 16.87 ? 354 HIS A CA  1 
ATOM   317  C  C   . HIS A 1 44 ? 16.275  3.514   0.864   1.00 18.99 ? 354 HIS A C   1 
ATOM   318  O  O   . HIS A 1 44 ? 15.994  2.366   1.227   1.00 17.64 ? 354 HIS A O   1 
ATOM   319  C  CB  . HIS A 1 44 ? 15.095  5.064   2.383   1.00 18.31 ? 354 HIS A CB  1 
ATOM   320  C  CG  . HIS A 1 44 ? 14.312  6.328   2.574   1.00 20.06 ? 354 HIS A CG  1 
ATOM   321  N  ND1 . HIS A 1 44 ? 13.219  6.405   3.409   1.00 18.68 ? 354 HIS A ND1 1 
ATOM   322  C  CD2 . HIS A 1 44 ? 14.481  7.571   2.063   1.00 19.75 ? 354 HIS A CD2 1 
ATOM   323  C  CE1 . HIS A 1 44 ? 12.741  7.638   3.401   1.00 20.46 ? 354 HIS A CE1 1 
ATOM   324  N  NE2 . HIS A 1 44 ? 13.494  8.366   2.594   1.00 22.00 ? 354 HIS A NE2 1 
ATOM   325  N  N   . ILE A 1 45 ? 17.478  3.853   0.396   1.00 18.63 ? 355 ILE A N   1 
ATOM   326  C  CA  . ILE A 1 45 ? 18.573  2.868   0.395   1.00 18.63 ? 355 ILE A CA  1 
ATOM   327  C  C   . ILE A 1 45 ? 18.823  2.331   1.802   1.00 20.33 ? 355 ILE A C   1 
ATOM   328  O  O   . ILE A 1 45 ? 19.125  1.136   1.987   1.00 20.80 ? 355 ILE A O   1 
ATOM   329  C  CB  . ILE A 1 45 ? 19.912  3.432   -0.168  1.00 17.66 ? 355 ILE A CB  1 
ATOM   330  C  CG1 . ILE A 1 45 ? 20.376  4.656   0.615   1.00 18.13 ? 355 ILE A CG1 1 
ATOM   331  C  CG2 . ILE A 1 45 ? 19.791  3.765   -1.636  1.00 22.35 ? 355 ILE A CG2 1 
ATOM   332  C  CD1 . ILE A 1 45 ? 21.741  5.180   0.150   1.00 20.44 ? 355 ILE A CD1 1 
ATOM   333  N  N   . TYR A 1 46 ? 18.685  3.199   2.800   1.00 18.74 ? 356 TYR A N   1 
ATOM   334  C  CA  . TYR A 1 46 ? 18.952  2.780   4.177   1.00 20.69 ? 356 TYR A CA  1 
ATOM   335  C  C   . TYR A 1 46 ? 17.788  2.033   4.852   1.00 20.03 ? 356 TYR A C   1 
ATOM   336  O  O   . TYR A 1 46 ? 17.922  1.556   5.974   1.00 23.36 ? 356 TYR A O   1 
ATOM   337  C  CB  . TYR A 1 46 ? 19.423  3.955   5.029   1.00 17.96 ? 356 TYR A CB  1 
ATOM   338  C  CG  . TYR A 1 46 ? 18.560  5.208   4.937   1.00 21.33 ? 356 TYR A CG  1 
ATOM   339  C  CD1 . TYR A 1 46 ? 17.226  5.207   5.342   1.00 18.79 ? 356 TYR A CD1 1 
ATOM   340  C  CD2 . TYR A 1 46 ? 19.102  6.405   4.470   1.00 20.73 ? 356 TYR A CD2 1 
ATOM   341  C  CE1 . TYR A 1 46 ? 16.448  6.384   5.261   1.00 22.58 ? 356 TYR A CE1 1 
ATOM   342  C  CE2 . TYR A 1 46 ? 18.346  7.559   4.385   1.00 21.14 ? 356 TYR A CE2 1 
ATOM   343  C  CZ  . TYR A 1 46 ? 17.029  7.558   4.783   1.00 21.46 ? 356 TYR A CZ  1 
ATOM   344  O  OH  . TYR A 1 46 ? 16.305  8.737   4.698   1.00 20.66 ? 356 TYR A OH  1 
ATOM   345  N  N   . CYS A 1 47 ? 16.670  1.897   4.154   1.00 20.64 ? 357 CYS A N   1 
ATOM   346  C  CA  . CYS A 1 47 ? 15.536  1.145   4.681   1.00 19.85 ? 357 CYS A CA  1 
ATOM   347  C  C   . CYS A 1 47 ? 15.502  -0.277  4.152   1.00 21.66 ? 357 CYS A C   1 
ATOM   348  O  O   . CYS A 1 47 ? 14.781  -1.128  4.674   1.00 20.08 ? 357 CYS A O   1 
ATOM   349  C  CB  . CYS A 1 47 ? 14.210  1.848   4.346   1.00 20.03 ? 357 CYS A CB  1 
ATOM   350  S  SG  . CYS A 1 47 ? 13.866  3.289   5.371   1.00 17.55 ? 357 CYS A SG  1 
ATOM   351  N  N   . LEU A 1 48 ? 16.278  -0.535  3.101   1.00 20.06 ? 358 LEU A N   1 
ATOM   352  C  CA  . LEU A 1 48 ? 16.321  -1.861  2.508   1.00 20.72 ? 358 LEU A CA  1 
ATOM   353  C  C   . LEU A 1 48 ? 16.976  -2.824  3.482   1.00 20.82 ? 358 LEU A C   1 
ATOM   354  O  O   . LEU A 1 48 ? 17.683  -2.397  4.399   1.00 19.11 ? 358 LEU A O   1 
ATOM   355  C  CB  . LEU A 1 48 ? 17.117  -1.831  1.201   1.00 17.55 ? 358 LEU A CB  1 
ATOM   356  C  CG  . LEU A 1 48 ? 16.476  -1.054  0.047   1.00 22.11 ? 358 LEU A CG  1 
ATOM   357  C  CD1 . LEU A 1 48 ? 17.480  -0.873  -1.087  1.00 22.36 ? 358 LEU A CD1 1 
ATOM   358  C  CD2 . LEU A 1 48 ? 15.195  -1.753  -0.439  1.00 17.65 ? 358 LEU A CD2 1 
ATOM   359  N  N   . ASP A 1 49 ? 16.736  -4.116  3.281   1.00 20.53 ? 359 ASP A N   1 
ATOM   360  C  CA  . ASP A 1 49 ? 17.421  -5.170  4.038   1.00 24.50 ? 359 ASP A CA  1 
ATOM   361  C  C   . ASP A 1 49 ? 18.018  -6.158  3.039   1.00 25.76 ? 359 ASP A C   1 
ATOM   362  O  O   . ASP A 1 49 ? 17.292  -6.937  2.416   1.00 28.38 ? 359 ASP A O   1 
ATOM   363  C  CB  . ASP A 1 49 ? 16.426  -5.860  4.989   1.00 27.96 ? 359 ASP A CB  1 
ATOM   364  C  CG  . ASP A 1 49 ? 17.064  -6.948  5.862   1.00 35.26 ? 359 ASP A CG  1 
ATOM   365  O  OD1 . ASP A 1 49 ? 18.282  -7.230  5.741   1.00 31.49 ? 359 ASP A OD1 1 
ATOM   366  O  OD2 . ASP A 1 49 ? 16.320  -7.532  6.687   1.00 37.09 ? 359 ASP A OD2 1 
ATOM   367  N  N   . PRO A 1 50 ? 19.345  -6.109  2.845   1.00 21.89 ? 360 PRO A N   1 
ATOM   368  C  CA  . PRO A 1 50 ? 20.300  -5.214  3.503   1.00 22.18 ? 360 PRO A CA  1 
ATOM   369  C  C   . PRO A 1 50 ? 20.255  -3.780  2.973   1.00 20.86 ? 360 PRO A C   1 
ATOM   370  O  O   . PRO A 1 50 ? 20.002  -3.563  1.778   1.00 21.47 ? 360 PRO A O   1 
ATOM   371  C  CB  . PRO A 1 50 ? 21.657  -5.832  3.114   1.00 22.45 ? 360 PRO A CB  1 
ATOM   372  C  CG  . PRO A 1 50 ? 21.408  -6.348  1.736   1.00 22.38 ? 360 PRO A CG  1 
ATOM   373  C  CD  . PRO A 1 50 ? 20.009  -6.965  1.842   1.00 24.11 ? 360 PRO A CD  1 
ATOM   374  N  N   . PRO A 1 51 ? 20.542  -2.810  3.844   1.00 19.16 ? 361 PRO A N   1 
ATOM   375  C  CA  . PRO A 1 51 ? 20.641  -1.391  3.471   1.00 20.90 ? 361 PRO A CA  1 
ATOM   376  C  C   . PRO A 1 51 ? 21.889  -1.115  2.649   1.00 22.05 ? 361 PRO A C   1 
ATOM   377  O  O   . PRO A 1 51 ? 22.959  -1.709  2.892   1.00 20.95 ? 361 PRO A O   1 
ATOM   378  C  CB  . PRO A 1 51 ? 20.756  -0.682  4.814   1.00 19.46 ? 361 PRO A CB  1 
ATOM   379  C  CG  . PRO A 1 51 ? 21.402  -1.721  5.723   1.00 22.85 ? 361 PRO A CG  1 
ATOM   380  C  CD  . PRO A 1 51 ? 20.853  -3.038  5.269   1.00 23.12 ? 361 PRO A CD  1 
ATOM   381  N  N   . LEU A 1 52 ? 21.752  -0.230  1.667   1.00 20.45 ? 362 LEU A N   1 
ATOM   382  C  CA  . LEU A 1 52 ? 22.873  0.138   0.806   1.00 20.66 ? 362 LEU A CA  1 
ATOM   383  C  C   . LEU A 1 52 ? 23.465  1.448   1.297   1.00 23.23 ? 362 LEU A C   1 
ATOM   384  O  O   . LEU A 1 52 ? 22.728  2.379   1.673   1.00 20.03 ? 362 LEU A O   1 
ATOM   385  C  CB  . LEU A 1 52 ? 22.398  0.292   -0.645  1.00 22.76 ? 362 LEU A CB  1 
ATOM   386  C  CG  . LEU A 1 52 ? 21.557  -0.844  -1.247  1.00 22.82 ? 362 LEU A CG  1 
ATOM   387  C  CD1 . LEU A 1 52 ? 21.117  -0.490  -2.662  1.00 27.01 ? 362 LEU A CD1 1 
ATOM   388  C  CD2 . LEU A 1 52 ? 22.314  -2.163  -1.263  1.00 23.45 ? 362 LEU A CD2 1 
ATOM   389  N  N   . SER A 1 53 ? 24.795  1.524   1.303   1.00 22.79 ? 363 SER A N   1 
ATOM   390  C  CA  . SER A 1 53 ? 25.486  2.731   1.755   1.00 24.56 ? 363 SER A CA  1 
ATOM   391  C  C   . SER A 1 53 ? 25.480  3.775   0.670   1.00 22.51 ? 363 SER A C   1 
ATOM   392  O  O   . SER A 1 53 ? 25.719  4.941   0.941   1.00 28.23 ? 363 SER A O   1 
ATOM   393  C  CB  . SER A 1 53 ? 26.941  2.437   2.153   1.00 25.78 ? 363 SER A CB  1 
ATOM   394  O  OG  . SER A 1 53 ? 27.001  1.267   2.929   1.00 28.83 ? 363 SER A OG  1 
ATOM   395  N  N   . SER A 1 54 ? 25.246  3.365   -0.570  1.00 23.23 ? 364 SER A N   1 
ATOM   396  C  CA  . SER A 1 54 ? 25.039  4.358   -1.620  1.00 27.03 ? 364 SER A CA  1 
ATOM   397  C  C   . SER A 1 54 ? 24.074  3.880   -2.704  1.00 24.22 ? 364 SER A C   1 
ATOM   398  O  O   . SER A 1 54 ? 23.710  2.712   -2.765  1.00 25.52 ? 364 SER A O   1 
ATOM   399  C  CB  . SER A 1 54 ? 26.379  4.818   -2.225  1.00 28.45 ? 364 SER A CB  1 
ATOM   400  O  OG  . SER A 1 54 ? 27.056  3.736   -2.825  1.00 29.03 ? 364 SER A OG  1 
ATOM   401  N  N   . VAL A 1 55 ? 23.674  4.793   -3.570  1.00 22.97 ? 365 VAL A N   1 
ATOM   402  C  CA  . VAL A 1 55 ? 22.803  4.434   -4.677  1.00 28.40 ? 365 VAL A CA  1 
ATOM   403  C  C   . VAL A 1 55 ? 23.552  3.585   -5.699  1.00 30.71 ? 365 VAL A C   1 
ATOM   404  O  O   . VAL A 1 55 ? 24.657  3.942   -6.094  1.00 30.53 ? 365 VAL A O   1 
ATOM   405  C  CB  . VAL A 1 55 ? 22.283  5.691   -5.361  1.00 30.12 ? 365 VAL A CB  1 
ATOM   406  C  CG1 . VAL A 1 55 ? 21.437  5.314   -6.566  1.00 32.96 ? 365 VAL A CG1 1 
ATOM   407  C  CG2 . VAL A 1 55 ? 21.494  6.532   -4.354  1.00 28.58 ? 365 VAL A CG2 1 
ATOM   408  N  N   . PRO A 1 56 ? 22.953  2.460   -6.133  1.00 29.68 ? 366 PRO A N   1 
ATOM   409  C  CA  . PRO A 1 56 ? 23.617  1.570   -7.097  1.00 32.33 ? 366 PRO A CA  1 
ATOM   410  C  C   . PRO A 1 56 ? 23.785  2.209   -8.478  1.00 36.97 ? 366 PRO A C   1 
ATOM   411  O  O   . PRO A 1 56 ? 22.884  2.902   -8.955  1.00 34.97 ? 366 PRO A O   1 
ATOM   412  C  CB  . PRO A 1 56 ? 22.655  0.377   -7.205  1.00 31.71 ? 366 PRO A CB  1 
ATOM   413  C  CG  . PRO A 1 56 ? 21.685  0.525   -6.071  1.00 31.03 ? 366 PRO A CG  1 
ATOM   414  C  CD  . PRO A 1 56 ? 21.615  1.970   -5.756  1.00 27.94 ? 366 PRO A CD  1 
ATOM   415  N  N   . SER A 1 57 ? 24.919  1.949   -9.122  1.00 38.48 ? 367 SER A N   1 
ATOM   416  C  CA  . SER A 1 57 ? 25.202  2.512   -10.440 1.00 40.70 ? 367 SER A CA  1 
ATOM   417  C  C   . SER A 1 57 ? 24.484  1.758   -11.561 1.00 43.29 ? 367 SER A C   1 
ATOM   418  O  O   . SER A 1 57 ? 24.317  2.279   -12.661 1.00 46.61 ? 367 SER A O   1 
ATOM   419  C  CB  . SER A 1 57 ? 26.709  2.534   -10.704 1.00 42.73 ? 367 SER A CB  1 
ATOM   420  O  OG  . SER A 1 57 ? 27.005  3.375   -11.811 1.00 45.54 ? 367 SER A OG  1 
ATOM   421  N  N   . GLU A 1 58 ? 24.054  0.536   -11.277 1.00 43.04 ? 368 GLU A N   1 
ATOM   422  C  CA  . GLU A 1 58 ? 23.370  -0.287  -12.272 1.00 43.00 ? 368 GLU A CA  1 
ATOM   423  C  C   . GLU A 1 58 ? 22.144  0.399   -12.901 1.00 43.59 ? 368 GLU A C   1 
ATOM   424  O  O   . GLU A 1 58 ? 21.434  1.164   -12.236 1.00 45.88 ? 368 GLU A O   1 
ATOM   425  C  CB  . GLU A 1 58 ? 22.985  -1.641  -11.660 1.00 45.11 ? 368 GLU A CB  1 
ATOM   426  C  CG  . GLU A 1 58 ? 23.132  -1.711  -10.125 1.00 47.42 ? 368 GLU A CG  1 
ATOM   427  C  CD  . GLU A 1 58 ? 24.526  -2.132  -9.662  1.00 48.51 ? 368 GLU A CD  1 
ATOM   428  O  OE1 . GLU A 1 58 ? 24.952  -3.260  -10.013 1.00 52.88 ? 368 GLU A OE1 1 
ATOM   429  O  OE2 . GLU A 1 58 ? 25.193  -1.345  -8.939  1.00 42.96 ? 368 GLU A OE2 1 
ATOM   430  N  N   . ASP A 1 59 ? 21.898  0.109   -14.181 1.00 41.51 ? 369 ASP A N   1 
ATOM   431  C  CA  . ASP A 1 59 ? 20.765  0.668   -14.920 1.00 40.12 ? 369 ASP A CA  1 
ATOM   432  C  C   . ASP A 1 59 ? 19.468  0.407   -14.181 1.00 43.14 ? 369 ASP A C   1 
ATOM   433  O  O   . ASP A 1 59 ? 18.771  1.335   -13.745 1.00 44.59 ? 369 ASP A O   1 
ATOM   434  C  CB  . ASP A 1 59 ? 20.617  0.001   -16.292 1.00 41.77 ? 369 ASP A CB  1 
ATOM   435  C  CG  . ASP A 1 59 ? 21.865  0.069   -17.127 1.00 44.02 ? 369 ASP A CG  1 
ATOM   436  O  OD1 . ASP A 1 59 ? 22.452  1.166   -17.238 1.00 46.20 ? 369 ASP A OD1 1 
ATOM   437  O  OD2 . ASP A 1 59 ? 22.245  -0.977  -17.699 1.00 48.05 ? 369 ASP A OD2 1 
ATOM   438  N  N   . GLU A 1 60 ? 19.137  -0.874  -14.072 1.00 38.00 ? 370 GLU A N   1 
ATOM   439  C  CA  . GLU A 1 60 ? 17.868  -1.287  -13.500 1.00 37.45 ? 370 GLU A CA  1 
ATOM   440  C  C   . GLU A 1 60 ? 18.014  -1.779  -12.069 1.00 37.53 ? 370 GLU A C   1 
ATOM   441  O  O   . GLU A 1 60 ? 19.030  -2.358  -11.691 1.00 33.48 ? 370 GLU A O   1 
ATOM   442  C  CB  . GLU A 1 60 ? 17.234  -2.380  -14.353 1.00 40.93 ? 370 GLU A CB  1 
ATOM   443  C  CG  . GLU A 1 60 ? 17.170  -2.041  -15.825 1.00 45.96 ? 370 GLU A CG  1 
ATOM   444  C  CD  . GLU A 1 60 ? 18.122  -2.881  -16.645 1.00 52.83 ? 370 GLU A CD  1 
ATOM   445  O  OE1 . GLU A 1 60 ? 18.898  -2.297  -17.439 1.00 56.38 ? 370 GLU A OE1 1 
ATOM   446  O  OE2 . GLU A 1 60 ? 18.100  -4.125  -16.489 1.00 56.13 ? 370 GLU A OE2 1 
ATOM   447  N  N   . TRP A 1 61 ? 16.973  -1.553  -11.280 1.00 33.69 ? 371 TRP A N   1 
ATOM   448  C  CA  . TRP A 1 61 ? 16.960  -2.000  -9.900  1.00 31.96 ? 371 TRP A CA  1 
ATOM   449  C  C   . TRP A 1 61 ? 15.550  -2.474  -9.570  1.00 28.55 ? 371 TRP A C   1 
ATOM   450  O  O   . TRP A 1 61 ? 14.584  -1.795  -9.894  1.00 26.99 ? 371 TRP A O   1 
ATOM   451  C  CB  . TRP A 1 61 ? 17.392  -0.859  -8.969  1.00 28.11 ? 371 TRP A CB  1 
ATOM   452  C  CG  . TRP A 1 61 ? 17.296  -1.223  -7.529  1.00 29.62 ? 371 TRP A CG  1 
ATOM   453  C  CD1 . TRP A 1 61 ? 18.246  -1.863  -6.772  1.00 30.68 ? 371 TRP A CD1 1 
ATOM   454  C  CD2 . TRP A 1 61 ? 16.174  -1.010  -6.665  1.00 27.52 ? 371 TRP A CD2 1 
ATOM   455  N  NE1 . TRP A 1 61 ? 17.784  -2.040  -5.491  1.00 29.17 ? 371 TRP A NE1 1 
ATOM   456  C  CE2 . TRP A 1 61 ? 16.517  -1.526  -5.397  1.00 27.10 ? 371 TRP A CE2 1 
ATOM   457  C  CE3 . TRP A 1 61 ? 14.918  -0.411  -6.834  1.00 27.19 ? 371 TRP A CE3 1 
ATOM   458  C  CZ2 . TRP A 1 61 ? 15.652  -1.470  -4.310  1.00 27.82 ? 371 TRP A CZ2 1 
ATOM   459  C  CZ3 . TRP A 1 61 ? 14.062  -0.353  -5.757  1.00 23.71 ? 371 TRP A CZ3 1 
ATOM   460  C  CH2 . TRP A 1 61 ? 14.429  -0.885  -4.512  1.00 26.15 ? 371 TRP A CH2 1 
ATOM   461  N  N   . TYR A 1 62 ? 15.430  -3.647  -8.957  1.00 28.73 ? 372 TYR A N   1 
ATOM   462  C  CA  . TYR A 1 62 ? 14.125  -4.172  -8.554  1.00 29.34 ? 372 TYR A CA  1 
ATOM   463  C  C   . TYR A 1 62 ? 14.034  -4.313  -7.037  1.00 29.96 ? 372 TYR A C   1 
ATOM   464  O  O   . TYR A 1 62 ? 14.981  -4.767  -6.384  1.00 28.71 ? 372 TYR A O   1 
ATOM   465  C  CB  . TYR A 1 62 ? 13.822  -5.496  -9.261  1.00 32.20 ? 372 TYR A CB  1 
ATOM   466  C  CG  . TYR A 1 62 ? 13.887  -5.369  -10.768 1.00 35.42 ? 372 TYR A CG  1 
ATOM   467  C  CD1 . TYR A 1 62 ? 12.812  -4.875  -11.491 1.00 31.59 ? 372 TYR A CD1 1 
ATOM   468  C  CD2 . TYR A 1 62 ? 15.044  -5.709  -11.462 1.00 37.95 ? 372 TYR A CD2 1 
ATOM   469  C  CE1 . TYR A 1 62 ? 12.879  -4.736  -12.869 1.00 34.58 ? 372 TYR A CE1 1 
ATOM   470  C  CE2 . TYR A 1 62 ? 15.119  -5.579  -12.837 1.00 37.24 ? 372 TYR A CE2 1 
ATOM   471  C  CZ  . TYR A 1 62 ? 14.040  -5.098  -13.534 1.00 38.60 ? 372 TYR A CZ  1 
ATOM   472  O  OH  . TYR A 1 62 ? 14.134  -4.970  -14.898 1.00 44.06 ? 372 TYR A OH  1 
ATOM   473  N  N   . CYS A 1 63 ? 12.893  -3.899  -6.482  1.00 28.95 ? 373 CYS A N   1 
ATOM   474  C  CA  . CYS A 1 63 ? 12.730  -3.832  -5.039  1.00 28.33 ? 373 CYS A CA  1 
ATOM   475  C  C   . CYS A 1 63 ? 12.586  -5.249  -4.495  1.00 30.04 ? 373 CYS A C   1 
ATOM   476  O  O   . CYS A 1 63 ? 12.427  -6.185  -5.268  1.00 32.59 ? 373 CYS A O   1 
ATOM   477  C  CB  . CYS A 1 63 ? 11.486  -3.003  -4.694  1.00 27.01 ? 373 CYS A CB  1 
ATOM   478  S  SG  . CYS A 1 63 ? 9.956   -3.945  -4.810  1.00 23.39 ? 373 CYS A SG  1 
ATOM   479  N  N   . PRO A 1 64 ? 12.623  -5.412  -3.163  1.00 28.79 ? 374 PRO A N   1 
ATOM   480  C  CA  . PRO A 1 64 ? 12.528  -6.743  -2.535  1.00 33.63 ? 374 PRO A CA  1 
ATOM   481  C  C   . PRO A 1 64 ? 11.247  -7.508  -2.890  1.00 31.06 ? 374 PRO A C   1 
ATOM   482  O  O   . PRO A 1 64 ? 11.245  -8.740  -2.934  1.00 28.44 ? 374 PRO A O   1 
ATOM   483  C  CB  . PRO A 1 64 ? 12.545  -6.427  -1.034  1.00 36.04 ? 374 PRO A CB  1 
ATOM   484  C  CG  . PRO A 1 64 ? 13.175  -5.080  -0.926  1.00 33.07 ? 374 PRO A CG  1 
ATOM   485  C  CD  . PRO A 1 64 ? 12.793  -4.342  -2.167  1.00 28.46 ? 374 PRO A CD  1 
ATOM   486  N  N   . GLU A 1 65 ? 10.162  -6.790  -3.145  1.00 27.82 ? 375 GLU A N   1 
ATOM   487  C  CA  . GLU A 1 65 ? 8.906   -7.449  -3.485  1.00 30.27 ? 375 GLU A CA  1 
ATOM   488  C  C   . GLU A 1 65 ? 8.905   -7.961  -4.930  1.00 33.19 ? 375 GLU A C   1 
ATOM   489  O  O   . GLU A 1 65 ? 8.285   -8.981  -5.237  1.00 33.26 ? 375 GLU A O   1 
ATOM   490  C  CB  . GLU A 1 65 ? 7.724   -6.505  -3.247  1.00 28.63 ? 375 GLU A CB  1 
ATOM   491  C  CG  . GLU A 1 65 ? 7.746   -5.908  -1.864  1.00 27.27 ? 375 GLU A CG  1 
ATOM   492  C  CD  . GLU A 1 65 ? 6.610   -4.949  -1.616  1.00 26.35 ? 375 GLU A CD  1 
ATOM   493  O  OE1 . GLU A 1 65 ? 5.987   -4.469  -2.587  1.00 25.99 ? 375 GLU A OE1 1 
ATOM   494  O  OE2 . GLU A 1 65 ? 6.344   -4.680  -0.434  1.00 26.84 ? 375 GLU A OE2 1 
ATOM   495  N  N   . CYS A 1 66 ? 9.592   -7.244  -5.810  1.00 31.29 ? 376 CYS A N   1 
ATOM   496  C  CA  . CYS A 1 66 ? 9.660   -7.625  -7.216  1.00 34.19 ? 376 CYS A CA  1 
ATOM   497  C  C   . CYS A 1 66 ? 10.928  -8.425  -7.584  1.00 37.91 ? 376 CYS A C   1 
ATOM   498  O  O   . CYS A 1 66 ? 10.945  -9.108  -8.607  1.00 42.58 ? 376 CYS A O   1 
ATOM   499  C  CB  . CYS A 1 66 ? 9.523   -6.386  -8.098  1.00 33.21 ? 376 CYS A CB  1 
ATOM   500  S  SG  . CYS A 1 66 ? 8.016   -5.432  -7.777  1.00 38.65 ? 376 CYS A SG  1 
ATOM   501  N  N   . ARG A 1 67 ? 11.971  -8.335  -6.754  1.00 33.90 ? 377 ARG A N   1 
ATOM   502  C  CA  . ARG A 1 67 ? 13.243  -9.038  -6.984  1.00 42.20 ? 377 ARG A CA  1 
ATOM   503  C  C   . ARG A 1 67 ? 12.977  -10.501 -7.347  1.00 47.99 ? 377 ARG A C   1 
ATOM   504  O  O   . ARG A 1 67 ? 12.307  -11.223 -6.606  1.00 45.96 ? 377 ARG A O   1 
ATOM   505  C  CB  . ARG A 1 67 ? 14.164  -8.979  -5.740  1.00 35.60 ? 377 ARG A CB  1 
ATOM   506  C  CG  . ARG A 1 67 ? 15.050  -7.721  -5.588  1.00 38.05 ? 377 ARG A CG  1 
ATOM   507  C  CD  . ARG A 1 67 ? 15.597  -7.568  -4.147  1.00 37.36 ? 377 ARG A CD  1 
ATOM   508  N  NE  . ARG A 1 67 ? 16.798  -6.727  -4.034  1.00 43.79 ? 377 ARG A NE  1 
ATOM   509  C  CZ  . ARG A 1 67 ? 16.810  -5.401  -3.841  1.00 34.91 ? 377 ARG A CZ  1 
ATOM   510  N  NH1 . ARG A 1 67 ? 15.688  -4.734  -3.754  1.00 33.03 ? 377 ARG A NH1 1 
ATOM   511  N  NH2 . ARG A 1 67 ? 17.966  -4.729  -3.750  1.00 41.38 ? 377 ARG A NH2 1 
ATOM   512  N  N   . ASN A 1 68 ? 13.494  -10.934 -8.492  1.00 51.41 ? 378 ASN A N   1 
ATOM   513  C  CA  . ASN A 1 68 ? 13.434  -12.344 -8.852  1.00 54.31 ? 378 ASN A CA  1 
ATOM   514  C  C   . ASN A 1 68 ? 14.570  -13.051 -8.127  1.00 59.83 ? 378 ASN A C   1 
ATOM   515  O  O   . ASN A 1 68 ? 15.661  -13.219 -8.674  1.00 62.99 ? 378 ASN A O   1 
ATOM   516  C  CB  . ASN A 1 68 ? 13.555  -12.526 -10.363 1.00 56.38 ? 378 ASN A CB  1 
ATOM   517  N  N   . ASP A 1 69 ? 14.301  -13.428 -6.879  1.00 60.31 ? 379 ASP A N   1 
ATOM   518  C  CA  . ASP A 1 69 ? 15.252  -14.125 -6.008  1.00 64.34 ? 379 ASP A CA  1 
ATOM   519  C  C   . ASP A 1 69 ? 16.601  -14.452 -6.657  1.00 66.69 ? 379 ASP A C   1 
ATOM   520  O  O   . ASP A 1 69 ? 17.658  -14.305 -6.034  1.00 64.71 ? 379 ASP A O   1 
ATOM   521  C  CB  . ASP A 1 69 ? 14.599  -15.400 -5.470  1.00 66.69 ? 379 ASP A CB  1 
ATOM   522  C  CG  . ASP A 1 69 ? 13.118  -15.215 -5.190  1.00 70.62 ? 379 ASP A CG  1 
ATOM   523  O  OD1 . ASP A 1 69 ? 12.312  -15.357 -6.140  1.00 70.27 ? 379 ASP A OD1 1 
ATOM   524  O  OD2 . ASP A 1 69 ? 12.759  -14.917 -4.027  1.00 71.46 ? 379 ASP A OD2 1 
ATOM   525  N  N   . PRO B 1 3  ? 2.768   -16.501 -5.241  1.00 46.08 ? 313 PRO B N   1 
ATOM   526  C  CA  . PRO B 1 3  ? 1.930   -15.694 -4.340  1.00 40.77 ? 313 PRO B CA  1 
ATOM   527  C  C   . PRO B 1 3  ? 0.950   -14.837 -5.127  1.00 40.89 ? 313 PRO B C   1 
ATOM   528  O  O   . PRO B 1 3  ? 1.308   -14.309 -6.174  1.00 41.56 ? 313 PRO B O   1 
ATOM   529  C  CB  . PRO B 1 3  ? 2.950   -14.800 -3.628  1.00 40.29 ? 313 PRO B CB  1 
ATOM   530  C  CG  . PRO B 1 3  ? 4.217   -15.590 -3.643  1.00 44.36 ? 313 PRO B CG  1 
ATOM   531  C  CD  . PRO B 1 3  ? 4.203   -16.402 -4.912  1.00 45.24 ? 313 PRO B CD  1 
ATOM   532  N  N   . SER B 1 4  ? -0.277  -14.695 -4.643  1.00 39.63 ? 314 SER B N   1 
ATOM   533  C  CA  . SER B 1 4  ? -1.211  -13.807 -5.313  1.00 40.34 ? 314 SER B CA  1 
ATOM   534  C  C   . SER B 1 4  ? -0.934  -12.339 -4.956  1.00 40.40 ? 314 SER B C   1 
ATOM   535  O  O   . SER B 1 4  ? -1.370  -11.427 -5.664  1.00 43.63 ? 314 SER B O   1 
ATOM   536  C  CB  . SER B 1 4  ? -2.652  -14.184 -4.970  1.00 41.26 ? 314 SER B CB  1 
ATOM   537  O  OG  . SER B 1 4  ? -3.551  -13.308 -5.612  1.00 48.13 ? 314 SER B OG  1 
ATOM   538  N  N   . CYS B 1 5  ? -0.230  -12.116 -3.847  1.00 32.08 ? 315 CYS B N   1 
ATOM   539  C  CA  . CYS B 1 5  ? 0.118   -10.763 -3.435  1.00 33.17 ? 315 CYS B CA  1 
ATOM   540  C  C   . CYS B 1 5  ? 1.599   -10.666 -3.098  1.00 29.43 ? 315 CYS B C   1 
ATOM   541  O  O   . CYS B 1 5  ? 2.091   -11.402 -2.245  1.00 28.92 ? 315 CYS B O   1 
ATOM   542  C  CB  . CYS B 1 5  ? -0.716  -10.316 -2.225  1.00 29.63 ? 315 CYS B CB  1 
ATOM   543  S  SG  . CYS B 1 5  ? -0.268  -8.657  -1.624  1.00 26.49 ? 315 CYS B SG  1 
ATOM   544  N  N   . LYS B 1 6  ? 2.292   -9.742  -3.757  1.00 31.74 ? 316 LYS B N   1 
ATOM   545  C  CA  . LYS B 1 6  ? 3.742   -9.611  -3.607  1.00 33.35 ? 316 LYS B CA  1 
ATOM   546  C  C   . LYS B 1 6  ? 4.143   -8.830  -2.357  1.00 31.51 ? 316 LYS B C   1 
ATOM   547  O  O   . LYS B 1 6  ? 5.291   -8.891  -1.927  1.00 27.73 ? 316 LYS B O   1 
ATOM   548  C  CB  . LYS B 1 6  ? 4.360   -8.954  -4.842  1.00 35.27 ? 316 LYS B CB  1 
ATOM   549  C  CG  . LYS B 1 6  ? 3.988   -7.482  -5.017  1.00 37.94 ? 316 LYS B CG  1 
ATOM   550  C  CD  . LYS B 1 6  ? 4.602   -6.911  -6.297  1.00 43.43 ? 316 LYS B CD  1 
ATOM   551  C  CE  . LYS B 1 6  ? 3.820   -5.685  -6.787  1.00 47.32 ? 316 LYS B CE  1 
ATOM   552  N  NZ  . LYS B 1 6  ? 4.010   -5.476  -8.259  1.00 55.45 ? 316 LYS B NZ  1 
ATOM   553  N  N   . HIS B 1 7  ? 3.202   -8.086  -1.780  1.00 26.44 ? 317 HIS B N   1 
ATOM   554  C  CA  . HIS B 1 7  ? 3.505   -7.315  -0.583  1.00 26.96 ? 317 HIS B CA  1 
ATOM   555  C  C   . HIS B 1 7  ? 3.607   -8.253  0.618   1.00 29.36 ? 317 HIS B C   1 
ATOM   556  O  O   . HIS B 1 7  ? 4.508   -8.124  1.423   1.00 27.48 ? 317 HIS B O   1 
ATOM   557  C  CB  . HIS B 1 7  ? 2.468   -6.182  -0.354  1.00 26.95 ? 317 HIS B CB  1 
ATOM   558  C  CG  . HIS B 1 7  ? 2.373   -5.221  -1.505  1.00 28.14 ? 317 HIS B CG  1 
ATOM   559  N  ND1 . HIS B 1 7  ? 3.108   -4.053  -1.572  1.00 26.99 ? 317 HIS B ND1 1 
ATOM   560  C  CD2 . HIS B 1 7  ? 1.674   -5.286  -2.662  1.00 30.25 ? 317 HIS B CD2 1 
ATOM   561  C  CE1 . HIS B 1 7  ? 2.847   -3.431  -2.707  1.00 28.43 ? 317 HIS B CE1 1 
ATOM   562  N  NE2 . HIS B 1 7  ? 1.980   -4.158  -3.388  1.00 29.55 ? 317 HIS B NE2 1 
ATOM   563  N  N   . CYS B 1 8  ? 2.699   -9.221  0.726   1.00 26.24 ? 318 CYS B N   1 
ATOM   564  C  CA  . CYS B 1 8  ? 2.707   -10.096 1.898   1.00 28.84 ? 318 CYS B CA  1 
ATOM   565  C  C   . CYS B 1 8  ? 3.027   -11.547 1.559   1.00 25.40 ? 318 CYS B C   1 
ATOM   566  O  O   . CYS B 1 8  ? 3.152   -12.367 2.452   1.00 24.91 ? 318 CYS B O   1 
ATOM   567  C  CB  . CYS B 1 8  ? 1.360   -10.040 2.628   1.00 27.30 ? 318 CYS B CB  1 
ATOM   568  S  SG  . CYS B 1 8  ? 0.000   -10.751 1.679   1.00 23.61 ? 318 CYS B SG  1 
ATOM   569  N  N   . LYS B 1 9  ? 3.134   -11.857 0.272   1.00 26.35 ? 319 LYS B N   1 
ATOM   570  C  CA  . LYS B 1 9  ? 3.447   -13.220 -0.166  1.00 30.37 ? 319 LYS B CA  1 
ATOM   571  C  C   . LYS B 1 9  ? 2.395   -14.207 0.332   1.00 30.58 ? 319 LYS B C   1 
ATOM   572  O  O   . LYS B 1 9  ? 2.696   -15.376 0.567   1.00 30.25 ? 319 LYS B O   1 
ATOM   573  C  CB  . LYS B 1 9  ? 4.829   -13.660 0.333   1.00 30.59 ? 319 LYS B CB  1 
ATOM   574  C  CG  . LYS B 1 9  ? 5.981   -12.756 -0.070  1.00 33.50 ? 319 LYS B CG  1 
ATOM   575  C  CD  . LYS B 1 9  ? 7.325   -13.379 0.354   1.00 39.37 ? 319 LYS B CD  1 
ATOM   576  C  CE  . LYS B 1 9  ? 8.504   -12.490 -0.023  1.00 44.76 ? 319 LYS B CE  1 
ATOM   577  N  NZ  . LYS B 1 9  ? 8.457   -12.104 -1.470  1.00 49.59 ? 319 LYS B NZ  1 
ATOM   578  N  N   . ASP B 1 10 ? 1.170   -13.725 0.513   1.00 27.63 ? 320 ASP B N   1 
ATOM   579  C  CA  . ASP B 1 10 ? 0.065   -14.552 1.005   1.00 30.92 ? 320 ASP B CA  1 
ATOM   580  C  C   . ASP B 1 10 ? 0.325   -15.232 2.348   1.00 31.65 ? 320 ASP B C   1 
ATOM   581  O  O   . ASP B 1 10 ? -0.247  -16.276 2.631   1.00 35.03 ? 320 ASP B O   1 
ATOM   582  C  CB  . ASP B 1 10 ? -0.310  -15.611 -0.033  1.00 32.31 ? 320 ASP B CB  1 
ATOM   583  C  CG  . ASP B 1 10 ? -0.725  -15.004 -1.353  1.00 35.92 ? 320 ASP B CG  1 
ATOM   584  O  OD1 . ASP B 1 10 ? -0.772  -13.757 -1.436  1.00 32.93 ? 320 ASP B OD1 1 
ATOM   585  O  OD2 . ASP B 1 10 ? -0.999  -15.770 -2.307  1.00 40.63 ? 320 ASP B OD2 1 
ATOM   586  N  N   . ASP B 1 11 ? 1.189   -14.657 3.174   1.00 28.44 ? 321 ASP B N   1 
ATOM   587  C  CA  . ASP B 1 11 ? 1.385   -15.193 4.513   1.00 27.04 ? 321 ASP B CA  1 
ATOM   588  C  C   . ASP B 1 11 ? 0.194   -14.800 5.412   1.00 31.45 ? 321 ASP B C   1 
ATOM   589  O  O   . ASP B 1 11 ? 0.005   -13.630 5.751   1.00 27.36 ? 321 ASP B O   1 
ATOM   590  C  CB  . ASP B 1 11 ? 2.718   -14.702 5.083   1.00 28.89 ? 321 ASP B CB  1 
ATOM   591  C  CG  . ASP B 1 11 ? 2.990   -15.211 6.487   1.00 32.49 ? 321 ASP B CG  1 
ATOM   592  O  OD1 . ASP B 1 11 ? 2.134   -15.902 7.089   1.00 35.55 ? 321 ASP B OD1 1 
ATOM   593  O  OD2 . ASP B 1 11 ? 4.073   -14.893 7.005   1.00 29.85 ? 321 ASP B OD2 1 
ATOM   594  N  N   . VAL B 1 12 ? -0.614  -15.792 5.768   1.00 28.27 ? 322 VAL B N   1 
ATOM   595  C  CA  . VAL B 1 12 ? -1.844  -15.573 6.516   1.00 31.72 ? 322 VAL B CA  1 
ATOM   596  C  C   . VAL B 1 12 ? -1.602  -15.041 7.935   1.00 31.91 ? 322 VAL B C   1 
ATOM   597  O  O   . VAL B 1 12 ? -2.524  -14.522 8.569   1.00 29.98 ? 322 VAL B O   1 
ATOM   598  C  CB  . VAL B 1 12 ? -2.644  -16.884 6.606   1.00 34.09 ? 322 VAL B CB  1 
ATOM   599  C  CG1 . VAL B 1 12 ? -1.898  -17.885 7.475   1.00 33.60 ? 322 VAL B CG1 1 
ATOM   600  C  CG2 . VAL B 1 12 ? -4.054  -16.625 7.134   1.00 36.91 ? 322 VAL B CG2 1 
ATOM   601  N  N   . ASN B 1 13 ? -0.371  -15.179 8.428   1.00 28.26 ? 323 ASN B N   1 
ATOM   602  C  CA  . ASN B 1 13 ? -0.001  -14.689 9.754   1.00 28.14 ? 323 ASN B CA  1 
ATOM   603  C  C   . ASN B 1 13 ? 0.496   -13.251 9.748   1.00 29.80 ? 323 ASN B C   1 
ATOM   604  O  O   . ASN B 1 13 ? 0.818   -12.700 10.791  1.00 30.11 ? 323 ASN B O   1 
ATOM   605  C  CB  . ASN B 1 13 ? 1.062   -15.585 10.389  1.00 35.31 ? 323 ASN B CB  1 
ATOM   606  C  CG  . ASN B 1 13 ? 0.459   -16.731 11.166  1.00 38.07 ? 323 ASN B CG  1 
ATOM   607  O  OD1 . ASN B 1 13 ? 1.140   -17.696 11.499  1.00 39.42 ? 323 ASN B OD1 1 
ATOM   608  N  ND2 . ASN B 1 13 ? -0.834  -16.625 11.464  1.00 37.17 ? 323 ASN B ND2 1 
ATOM   609  N  N   . ARG B 1 14 ? 0.568   -12.653 8.567   1.00 27.43 ? 324 ARG B N   1 
ATOM   610  C  CA  . ARG B 1 14 ? 1.050   -11.285 8.447   1.00 29.12 ? 324 ARG B CA  1 
ATOM   611  C  C   . ARG B 1 14 ? -0.071  -10.331 8.017   1.00 27.34 ? 324 ARG B C   1 
ATOM   612  O  O   . ARG B 1 14 ? -0.933  -10.709 7.224   1.00 26.98 ? 324 ARG B O   1 
ATOM   613  C  CB  . ARG B 1 14 ? 2.198   -11.222 7.438   1.00 32.19 ? 324 ARG B CB  1 
ATOM   614  C  CG  . ARG B 1 14 ? 2.733   -9.823  7.232   1.00 35.25 ? 324 ARG B CG  1 
ATOM   615  C  CD  . ARG B 1 14 ? 3.816   -9.769  6.175   1.00 41.37 ? 324 ARG B CD  1 
ATOM   616  N  NE  . ARG B 1 14 ? 4.204   -8.387  5.907   1.00 47.40 ? 324 ARG B NE  1 
ATOM   617  C  CZ  . ARG B 1 14 ? 5.137   -8.026  5.034   1.00 45.99 ? 324 ARG B CZ  1 
ATOM   618  N  NH1 . ARG B 1 14 ? 5.788   -8.949  4.334   1.00 45.27 ? 324 ARG B NH1 1 
ATOM   619  N  NH2 . ARG B 1 14 ? 5.418   -6.739  4.862   1.00 49.62 ? 324 ARG B NH2 1 
ATOM   620  N  N   . LEU B 1 15 ? -0.054  -9.111  8.556   1.00 25.39 ? 325 LEU B N   1 
ATOM   621  C  CA  . LEU B 1 15 ? -0.957  -8.037  8.121   1.00 24.27 ? 325 LEU B CA  1 
ATOM   622  C  C   . LEU B 1 15 ? -0.650  -7.586  6.704   1.00 27.01 ? 325 LEU B C   1 
ATOM   623  O  O   . LEU B 1 15 ? 0.520   -7.522  6.305   1.00 23.30 ? 325 LEU B O   1 
ATOM   624  C  CB  . LEU B 1 15 ? -0.762  -6.807  8.999   1.00 26.33 ? 325 LEU B CB  1 
ATOM   625  C  CG  . LEU B 1 15 ? -0.948  -6.935  10.503  1.00 30.84 ? 325 LEU B CG  1 
ATOM   626  C  CD1 . LEU B 1 15 ? -0.818  -5.554  11.139  1.00 32.08 ? 325 LEU B CD1 1 
ATOM   627  C  CD2 . LEU B 1 15 ? -2.297  -7.572  10.800  1.00 25.84 ? 325 LEU B CD2 1 
ATOM   628  N  N   . CYS B 1 16 ? -1.683  -7.204  5.963   1.00 23.05 ? 326 CYS B N   1 
ATOM   629  C  CA  . CYS B 1 16 ? -1.469  -6.606  4.652   1.00 22.34 ? 326 CYS B CA  1 
ATOM   630  C  C   . CYS B 1 16 ? -2.589  -5.652  4.246   1.00 22.90 ? 326 CYS B C   1 
ATOM   631  O  O   . CYS B 1 16 ? -3.725  -6.058  3.992   1.00 18.91 ? 326 CYS B O   1 
ATOM   632  C  CB  . CYS B 1 16 ? -1.290  -7.668  3.575   1.00 23.13 ? 326 CYS B CB  1 
ATOM   633  S  SG  . CYS B 1 16 ? -0.835  -6.941  1.980   1.00 22.25 ? 326 CYS B SG  1 
ATOM   634  N  N   . ARG B 1 17 ? -2.239  -4.378  4.156   1.00 21.60 ? 327 ARG B N   1 
ATOM   635  C  CA  . ARG B 1 17 ? -3.208  -3.362  3.820   1.00 23.24 ? 327 ARG B CA  1 
ATOM   636  C  C   . ARG B 1 17 ? -3.383  -3.247  2.319   1.00 21.64 ? 327 ARG B C   1 
ATOM   637  O  O   . ARG B 1 17 ? -4.120  -2.389  1.856   1.00 22.14 ? 327 ARG B O   1 
ATOM   638  C  CB  . ARG B 1 17 ? -2.787  -2.037  4.439   1.00 22.60 ? 327 ARG B CB  1 
ATOM   639  C  CG  . ARG B 1 17 ? -2.659  -2.137  5.950   1.00 22.63 ? 327 ARG B CG  1 
ATOM   640  C  CD  . ARG B 1 17 ? -2.490  -0.775  6.571   1.00 25.41 ? 327 ARG B CD  1 
ATOM   641  N  NE  . ARG B 1 17 ? -2.802  -0.795  7.993   1.00 29.48 ? 327 ARG B NE  1 
ATOM   642  C  CZ  . ARG B 1 17 ? -1.945  -1.162  8.937   1.00 30.58 ? 327 ARG B CZ  1 
ATOM   643  N  NH1 . ARG B 1 17 ? -0.716  -1.534  8.606   1.00 33.90 ? 327 ARG B NH1 1 
ATOM   644  N  NH2 . ARG B 1 17 ? -2.315  -1.146  10.210  1.00 31.53 ? 327 ARG B NH2 1 
ATOM   645  N  N   . VAL B 1 18 ? -2.688  -4.104  1.563   1.00 23.46 ? 328 VAL B N   1 
ATOM   646  C  CA  . VAL B 1 18 ? -2.886  -4.163  0.113   1.00 22.56 ? 328 VAL B CA  1 
ATOM   647  C  C   . VAL B 1 18 ? -3.953  -5.186  -0.273  1.00 22.98 ? 328 VAL B C   1 
ATOM   648  O  O   . VAL B 1 18 ? -4.892  -4.862  -0.993  1.00 25.70 ? 328 VAL B O   1 
ATOM   649  C  CB  . VAL B 1 18 ? -1.567  -4.456  -0.665  1.00 25.05 ? 328 VAL B CB  1 
ATOM   650  C  CG1 . VAL B 1 18 ? -1.828  -4.513  -2.173  1.00 26.12 ? 328 VAL B CG1 1 
ATOM   651  C  CG2 . VAL B 1 18 ? -0.511  -3.403  -0.352  1.00 25.87 ? 328 VAL B CG2 1 
ATOM   652  N  N   . CYS B 1 19 ? -3.820  -6.428  0.187   1.00 23.96 ? 329 CYS B N   1 
ATOM   653  C  CA  . CYS B 1 19 ? -4.791  -7.448  -0.221  1.00 24.96 ? 329 CYS B CA  1 
ATOM   654  C  C   . CYS B 1 19 ? -5.824  -7.785  0.841   1.00 22.25 ? 329 CYS B C   1 
ATOM   655  O  O   . CYS B 1 19 ? -6.755  -8.538  0.572   1.00 27.51 ? 329 CYS B O   1 
ATOM   656  C  CB  . CYS B 1 19 ? -4.087  -8.735  -0.695  1.00 24.40 ? 329 CYS B CB  1 
ATOM   657  S  SG  . CYS B 1 19 ? -3.249  -9.670  0.599   1.00 25.75 ? 329 CYS B SG  1 
ATOM   658  N  N   . ALA B 1 20 ? -5.653  -7.270  2.052   1.00 19.23 ? 330 ALA B N   1 
ATOM   659  C  CA  . ALA B 1 20 ? -6.671  -7.457  3.090   1.00 19.01 ? 330 ALA B CA  1 
ATOM   660  C  C   . ALA B 1 20 ? -7.226  -6.088  3.474   1.00 20.21 ? 330 ALA B C   1 
ATOM   661  O  O   . ALA B 1 20 ? -7.164  -5.155  2.671   1.00 20.89 ? 330 ALA B O   1 
ATOM   662  C  CB  . ALA B 1 20 ? -6.086  -8.170  4.289   1.00 21.67 ? 330 ALA B CB  1 
ATOM   663  N  N   . CYS B 1 21 ? -7.753  -5.940  4.684   1.00 19.24 ? 331 CYS B N   1 
ATOM   664  C  CA  . CYS B 1 21 ? -8.393  -4.665  5.030   1.00 20.38 ? 331 CYS B CA  1 
ATOM   665  C  C   . CYS B 1 21 ? -7.390  -3.536  4.919   1.00 19.77 ? 331 CYS B C   1 
ATOM   666  O  O   . CYS B 1 21 ? -6.315  -3.576  5.524   1.00 18.99 ? 331 CYS B O   1 
ATOM   667  C  CB  . CYS B 1 21 ? -9.019  -4.683  6.429   1.00 18.39 ? 331 CYS B CB  1 
ATOM   668  S  SG  . CYS B 1 21 ? -9.642  -3.072  6.979   1.00 19.21 ? 331 CYS B SG  1 
ATOM   669  N  N   . HIS B 1 22 ? -7.749  -2.533  4.137   1.00 18.90 ? 332 HIS B N   1 
ATOM   670  C  CA  . HIS B 1 22 ? -6.855  -1.427  3.858   1.00 20.17 ? 332 HIS B CA  1 
ATOM   671  C  C   . HIS B 1 22 ? -6.549  -0.573  5.092   1.00 20.59 ? 332 HIS B C   1 
ATOM   672  O  O   . HIS B 1 22 ? -5.580  0.180   5.098   1.00 20.50 ? 332 HIS B O   1 
ATOM   673  C  CB  . HIS B 1 22 ? -7.437  -0.561  2.735   1.00 20.79 ? 332 HIS B CB  1 
ATOM   674  C  CG  . HIS B 1 22 ? -6.497  0.493   2.250   1.00 24.77 ? 332 HIS B CG  1 
ATOM   675  N  ND1 . HIS B 1 22 ? -5.192  0.217   1.905   1.00 22.96 ? 332 HIS B ND1 1 
ATOM   676  C  CD2 . HIS B 1 22 ? -6.664  1.824   2.061   1.00 23.48 ? 332 HIS B CD2 1 
ATOM   677  C  CE1 . HIS B 1 22 ? -4.592  1.332   1.528   1.00 23.22 ? 332 HIS B CE1 1 
ATOM   678  N  NE2 . HIS B 1 22 ? -5.469  2.317   1.596   1.00 26.44 ? 332 HIS B NE2 1 
ATOM   679  N  N   . LEU B 1 23 ? -7.370  -0.708  6.133   1.00 18.65 ? 333 LEU B N   1 
ATOM   680  C  CA  . LEU B 1 23 ? -7.232  0.083   7.352   1.00 19.94 ? 333 LEU B CA  1 
ATOM   681  C  C   . LEU B 1 23 ? -6.436  -0.636  8.437   1.00 23.43 ? 333 LEU B C   1 
ATOM   682  O  O   . LEU B 1 23 ? -5.548  -0.041  9.059   1.00 23.40 ? 333 LEU B O   1 
ATOM   683  C  CB  . LEU B 1 23 ? -8.616  0.472   7.906   1.00 18.73 ? 333 LEU B CB  1 
ATOM   684  C  CG  . LEU B 1 23 ? -9.406  1.354   6.941   1.00 20.60 ? 333 LEU B CG  1 
ATOM   685  C  CD1 . LEU B 1 23 ? -10.848 1.601   7.430   1.00 20.25 ? 333 LEU B CD1 1 
ATOM   686  C  CD2 . LEU B 1 23 ? -8.651  2.683   6.682   1.00 24.02 ? 333 LEU B CD2 1 
ATOM   687  N  N   . CYS B 1 24 ? -6.754  -1.905  8.674   1.00 21.79 ? 334 CYS B N   1 
ATOM   688  C  CA  . CYS B 1 24 ? -6.085  -2.646  9.750   1.00 21.33 ? 334 CYS B CA  1 
ATOM   689  C  C   . CYS B 1 24 ? -5.161  -3.753  9.252   1.00 21.08 ? 334 CYS B C   1 
ATOM   690  O  O   . CYS B 1 24 ? -4.390  -4.291  10.033  1.00 23.40 ? 334 CYS B O   1 
ATOM   691  C  CB  . CYS B 1 24 ? -7.114  -3.232  10.734  1.00 21.37 ? 334 CYS B CB  1 
ATOM   692  S  SG  . CYS B 1 24 ? -7.968  -4.701  10.101  1.00 19.42 ? 334 CYS B SG  1 
ATOM   693  N  N   . GLY B 1 25 ? -5.247  -4.101  7.968   1.00 21.20 ? 335 GLY B N   1 
ATOM   694  C  CA  . GLY B 1 25 ? -4.415  -5.160  7.403   1.00 21.50 ? 335 GLY B CA  1 
ATOM   695  C  C   . GLY B 1 25 ? -4.863  -6.582  7.721   1.00 22.46 ? 335 GLY B C   1 
ATOM   696  O  O   . GLY B 1 25 ? -4.218  -7.556  7.322   1.00 20.63 ? 335 GLY B O   1 
ATOM   697  N  N   . GLY B 1 26 ? -5.973  -6.713  8.436   1.00 22.61 ? 336 GLY B N   1 
ATOM   698  C  CA  . GLY B 1 26 ? -6.472  -8.024  8.827   1.00 21.98 ? 336 GLY B CA  1 
ATOM   699  C  C   . GLY B 1 26 ? -7.311  -8.678  7.743   1.00 22.97 ? 336 GLY B C   1 
ATOM   700  O  O   . GLY B 1 26 ? -7.985  -7.987  6.959   1.00 21.03 ? 336 GLY B O   1 
ATOM   701  N  N   . ARG B 1 27 ? -7.285  -10.009 7.723   1.00 18.38 ? 337 ARG B N   1 
ATOM   702  C  CA  . ARG B 1 27 ? -7.904  -10.823 6.671   1.00 22.85 ? 337 ARG B CA  1 
ATOM   703  C  C   . ARG B 1 27 ? -9.196  -11.498 7.115   1.00 20.42 ? 337 ARG B C   1 
ATOM   704  O  O   . ARG B 1 27 ? -9.882  -12.129 6.312   1.00 20.64 ? 337 ARG B O   1 
ATOM   705  C  CB  . ARG B 1 27 ? -6.930  -11.941 6.225   1.00 27.34 ? 337 ARG B CB  1 
ATOM   706  C  CG  . ARG B 1 27 ? -5.509  -11.494 6.061   1.00 25.36 ? 337 ARG B CG  1 
ATOM   707  C  CD  . ARG B 1 27 ? -4.553  -12.683 5.828   1.00 30.01 ? 337 ARG B CD  1 
ATOM   708  N  NE  . ARG B 1 27 ? -3.202  -12.188 5.581   1.00 26.60 ? 337 ARG B NE  1 
ATOM   709  C  CZ  . ARG B 1 27 ? -2.760  -11.782 4.396   1.00 27.54 ? 337 ARG B CZ  1 
ATOM   710  N  NH1 . ARG B 1 27 ? -3.543  -11.840 3.329   1.00 22.94 ? 337 ARG B NH1 1 
ATOM   711  N  NH2 . ARG B 1 27 ? -1.516  -11.334 4.271   1.00 29.56 ? 337 ARG B NH2 1 
ATOM   712  N  N   . GLN B 1 28 ? -9.503  -11.384 8.398   1.00 21.15 ? 338 GLN B N   1 
ATOM   713  C  CA  . GLN B 1 28 ? -10.701 -11.994 8.967   1.00 23.32 ? 338 GLN B CA  1 
ATOM   714  C  C   . GLN B 1 28 ? -11.988 -11.359 8.421   1.00 22.33 ? 338 GLN B C   1 
ATOM   715  O  O   . GLN B 1 28 ? -11.970 -10.228 7.937   1.00 21.15 ? 338 GLN B O   1 
ATOM   716  C  CB  . GLN B 1 28 ? -10.666 -11.877 10.496  1.00 24.09 ? 338 GLN B CB  1 
ATOM   717  C  CG  . GLN B 1 28 ? -11.180 -10.538 11.064  1.00 24.30 ? 338 GLN B CG  1 
ATOM   718  C  CD  . GLN B 1 28 ? -10.109 -9.442  11.190  1.00 25.71 ? 338 GLN B CD  1 
ATOM   719  O  OE1 . GLN B 1 28 ? -10.331 -8.426  11.864  1.00 27.56 ? 338 GLN B OE1 1 
ATOM   720  N  NE2 . GLN B 1 28 ? -8.960  -9.641  10.548  1.00 19.86 ? 338 GLN B NE2 1 
ATOM   721  N  N   . ASP B 1 29 ? -13.093 -12.101 8.512   1.00 22.59 ? 339 ASP B N   1 
ATOM   722  C  CA  . ASP B 1 29 ? -14.429 -11.615 8.145   1.00 23.03 ? 339 ASP B CA  1 
ATOM   723  C  C   . ASP B 1 29 ? -14.488 -11.015 6.754   1.00 22.24 ? 339 ASP B C   1 
ATOM   724  O  O   . ASP B 1 29 ? -14.932 -9.878  6.585   1.00 19.53 ? 339 ASP B O   1 
ATOM   725  C  CB  . ASP B 1 29 ? -14.926 -10.585 9.156   1.00 23.60 ? 339 ASP B CB  1 
ATOM   726  C  CG  . ASP B 1 29 ? -14.967 -11.133 10.548  1.00 27.89 ? 339 ASP B CG  1 
ATOM   727  O  OD1 . ASP B 1 29 ? -15.437 -12.280 10.708  1.00 28.81 ? 339 ASP B OD1 1 
ATOM   728  O  OD2 . ASP B 1 29 ? -14.514 -10.435 11.480  1.00 29.14 ? 339 ASP B OD2 1 
ATOM   729  N  N   . PRO B 1 30 ? -14.025 -11.771 5.753   1.00 21.60 ? 340 PRO B N   1 
ATOM   730  C  CA  . PRO B 1 30 ? -14.067 -11.278 4.375   1.00 23.34 ? 340 PRO B CA  1 
ATOM   731  C  C   . PRO B 1 30 ? -15.512 -10.967 3.954   1.00 22.30 ? 340 PRO B C   1 
ATOM   732  O  O   . PRO B 1 30 ? -15.726 -10.166 3.054   1.00 23.55 ? 340 PRO B O   1 
ATOM   733  C  CB  . PRO B 1 30 ? -13.475 -12.448 3.559   1.00 23.53 ? 340 PRO B CB  1 
ATOM   734  C  CG  . PRO B 1 30 ? -13.611 -13.648 4.442   1.00 24.75 ? 340 PRO B CG  1 
ATOM   735  C  CD  . PRO B 1 30 ? -13.444 -13.122 5.843   1.00 20.99 ? 340 PRO B CD  1 
ATOM   736  N  N   . ASP B 1 31 ? -16.479 -11.586 4.617   1.00 21.91 ? 341 ASP B N   1 
ATOM   737  C  CA  . ASP B 1 31 ? -17.897 -11.314 4.367   1.00 25.69 ? 341 ASP B CA  1 
ATOM   738  C  C   . ASP B 1 31 ? -18.338 -9.923  4.863   1.00 25.82 ? 341 ASP B C   1 
ATOM   739  O  O   . ASP B 1 31 ? -19.459 -9.487  4.600   1.00 22.65 ? 341 ASP B O   1 
ATOM   740  C  CB  . ASP B 1 31 ? -18.767 -12.406 5.006   1.00 27.47 ? 341 ASP B CB  1 
ATOM   741  C  CG  . ASP B 1 31 ? -18.563 -12.509 6.521   1.00 31.63 ? 341 ASP B CG  1 
ATOM   742  O  OD1 . ASP B 1 31 ? -17.406 -12.718 6.970   1.00 32.00 ? 341 ASP B OD1 1 
ATOM   743  O  OD2 . ASP B 1 31 ? -19.562 -12.382 7.267   1.00 37.58 ? 341 ASP B OD2 1 
ATOM   744  N  N   . LYS B 1 32 ? -17.442 -9.251  5.586   1.00 23.56 ? 342 LYS B N   1 
ATOM   745  C  CA  . LYS B 1 32 ? -17.671 -7.923  6.141   1.00 21.74 ? 342 LYS B CA  1 
ATOM   746  C  C   . LYS B 1 32 ? -16.661 -6.915  5.615   1.00 20.83 ? 342 LYS B C   1 
ATOM   747  O  O   . LYS B 1 32 ? -16.575 -5.794  6.107   1.00 21.06 ? 342 LYS B O   1 
ATOM   748  C  CB  . LYS B 1 32 ? -17.594 -7.976  7.663   1.00 22.18 ? 342 LYS B CB  1 
ATOM   749  C  CG  . LYS B 1 32 ? -18.752 -8.722  8.300   1.00 26.60 ? 342 LYS B CG  1 
ATOM   750  C  CD  . LYS B 1 32 ? -18.508 -8.986  9.769   1.00 29.01 ? 342 LYS B CD  1 
ATOM   751  C  CE  . LYS B 1 32 ? -19.802 -9.410  10.460  1.00 37.95 ? 342 LYS B CE  1 
ATOM   752  N  NZ  . LYS B 1 32 ? -19.527 -9.989  11.815  1.00 41.37 ? 342 LYS B NZ  1 
ATOM   753  N  N   . GLN B 1 33 ? -15.880 -7.323  4.621   1.00 22.28 ? 343 GLN B N   1 
ATOM   754  C  CA  . GLN B 1 33 ? -14.949 -6.407  3.988   1.00 21.01 ? 343 GLN B CA  1 
ATOM   755  C  C   . GLN B 1 33 ? -15.608 -5.829  2.740   1.00 23.50 ? 343 GLN B C   1 
ATOM   756  O  O   . GLN B 1 33 ? -15.843 -6.555  1.774   1.00 23.22 ? 343 GLN B O   1 
ATOM   757  C  CB  . GLN B 1 33 ? -13.651 -7.129  3.625   1.00 20.70 ? 343 GLN B CB  1 
ATOM   758  C  CG  . GLN B 1 33 ? -12.860 -7.635  4.831   1.00 21.44 ? 343 GLN B CG  1 
ATOM   759  C  CD  . GLN B 1 33 ? -11.560 -8.290  4.424   1.00 24.98 ? 343 GLN B CD  1 
ATOM   760  O  OE1 . GLN B 1 33 ? -10.961 -7.930  3.404   1.00 24.07 ? 343 GLN B OE1 1 
ATOM   761  N  NE2 . GLN B 1 33 ? -11.119 -9.271  5.212   1.00 26.95 ? 343 GLN B NE2 1 
ATOM   762  N  N   . LEU B 1 34 ? -15.933 -4.537  2.777   1.00 20.25 ? 344 LEU B N   1 
ATOM   763  C  CA  . LEU B 1 34 ? -16.487 -3.864  1.611   1.00 20.91 ? 344 LEU B CA  1 
ATOM   764  C  C   . LEU B 1 34 ? -15.384 -3.593  0.603   1.00 23.16 ? 344 LEU B C   1 
ATOM   765  O  O   . LEU B 1 34 ? -14.264 -3.193  0.980   1.00 21.60 ? 344 LEU B O   1 
ATOM   766  C  CB  . LEU B 1 34 ? -17.125 -2.537  1.995   1.00 20.34 ? 344 LEU B CB  1 
ATOM   767  C  CG  . LEU B 1 34 ? -18.254 -2.596  3.022   1.00 25.45 ? 344 LEU B CG  1 
ATOM   768  C  CD1 . LEU B 1 34 ? -18.769 -1.190  3.327   1.00 22.53 ? 344 LEU B CD1 1 
ATOM   769  C  CD2 . LEU B 1 34 ? -19.383 -3.473  2.514   1.00 24.85 ? 344 LEU B CD2 1 
ATOM   770  N  N   . MET B 1 35 ? -15.708 -3.808  -0.672  1.00 20.67 ? 345 MET B N   1 
ATOM   771  C  CA  . MET B 1 35 ? -14.803 -3.539  -1.784  1.00 22.94 ? 345 MET B CA  1 
ATOM   772  C  C   . MET B 1 35 ? -15.163 -2.209  -2.432  1.00 24.32 ? 345 MET B C   1 
ATOM   773  O  O   . MET B 1 35 ? -16.305 -2.011  -2.854  1.00 23.81 ? 345 MET B O   1 
ATOM   774  C  CB  . MET B 1 35 ? -14.864 -4.657  -2.840  1.00 24.16 ? 345 MET B CB  1 
ATOM   775  C  CG  . MET B 1 35 ? -14.637 -6.050  -2.302  1.00 25.71 ? 345 MET B CG  1 
ATOM   776  S  SD  . MET B 1 35 ? -13.071 -6.167  -1.419  1.00 32.31 ? 345 MET B SD  1 
ATOM   777  C  CE  . MET B 1 35 ? -11.888 -5.894  -2.743  1.00 28.57 ? 345 MET B CE  1 
ATOM   778  N  N   . CYS B 1 36 ? -14.206 -1.291  -2.524  1.00 22.70 ? 346 CYS B N   1 
ATOM   779  C  CA  . CYS B 1 36 ? -14.492 0.015   -3.116  1.00 24.77 ? 346 CYS B CA  1 
ATOM   780  C  C   . CYS B 1 36 ? -14.717 -0.050  -4.633  1.00 27.85 ? 346 CYS B C   1 
ATOM   781  O  O   . CYS B 1 36 ? -13.901 -0.601  -5.368  1.00 25.80 ? 346 CYS B O   1 
ATOM   782  C  CB  . CYS B 1 36 ? -13.353 0.991   -2.841  1.00 26.26 ? 346 CYS B CB  1 
ATOM   783  S  SG  . CYS B 1 36 ? -13.583 2.558   -3.689  1.00 26.67 ? 346 CYS B SG  1 
ATOM   784  N  N   . ASP B 1 37 ? -15.801 0.548   -5.109  1.00 26.77 ? 347 ASP B N   1 
ATOM   785  C  CA  . ASP B 1 37 ? -16.083 0.532   -6.543  1.00 30.05 ? 347 ASP B CA  1 
ATOM   786  C  C   . ASP B 1 37 ? -15.145 1.374   -7.412  1.00 30.99 ? 347 ASP B C   1 
ATOM   787  O  O   . ASP B 1 37 ? -15.184 1.272   -8.637  1.00 34.39 ? 347 ASP B O   1 
ATOM   788  C  CB  . ASP B 1 37 ? -17.547 0.883   -6.813  1.00 32.15 ? 347 ASP B CB  1 
ATOM   789  C  CG  . ASP B 1 37 ? -18.461 -0.259  -6.493  1.00 32.37 ? 347 ASP B CG  1 
ATOM   790  O  OD1 . ASP B 1 37 ? -18.341 -1.309  -7.153  1.00 36.25 ? 347 ASP B OD1 1 
ATOM   791  O  OD2 . ASP B 1 37 ? -19.277 -0.126  -5.570  1.00 33.34 ? 347 ASP B OD2 1 
ATOM   792  N  N   . GLU B 1 38 ? -14.298 2.187   -6.786  1.00 32.49 ? 348 GLU B N   1 
ATOM   793  C  CA  . GLU B 1 38 ? -13.286 2.931   -7.527  1.00 30.22 ? 348 GLU B CA  1 
ATOM   794  C  C   . GLU B 1 38 ? -11.915 2.252   -7.523  1.00 32.07 ? 348 GLU B C   1 
ATOM   795  O  O   . GLU B 1 38 ? -11.364 1.989   -8.589  1.00 31.82 ? 348 GLU B O   1 
ATOM   796  C  CB  . GLU B 1 38 ? -13.170 4.376   -7.035  1.00 30.79 ? 348 GLU B CB  1 
ATOM   797  C  CG  . GLU B 1 38 ? -12.076 5.185   -7.737  1.00 36.16 ? 348 GLU B CG  1 
ATOM   798  C  CD  . GLU B 1 38 ? -12.313 6.691   -7.672  1.00 42.14 ? 348 GLU B CD  1 
ATOM   799  O  OE1 . GLU B 1 38 ? -13.456 7.133   -7.915  1.00 45.16 ? 348 GLU B OE1 1 
ATOM   800  O  OE2 . GLU B 1 38 ? -11.354 7.443   -7.388  1.00 48.95 ? 348 GLU B OE2 1 
ATOM   801  N  N   . CYS B 1 39 ? -11.372 1.963   -6.337  1.00 28.67 ? 349 CYS B N   1 
ATOM   802  C  CA  . CYS B 1 39 ? -9.986  1.507   -6.216  1.00 29.55 ? 349 CYS B CA  1 
ATOM   803  C  C   . CYS B 1 39 ? -9.881  0.010   -5.941  1.00 28.65 ? 349 CYS B C   1 
ATOM   804  O  O   . CYS B 1 39 ? -8.799  -0.574  -6.003  1.00 25.75 ? 349 CYS B O   1 
ATOM   805  C  CB  . CYS B 1 39 ? -9.262  2.274   -5.105  1.00 28.38 ? 349 CYS B CB  1 
ATOM   806  S  SG  . CYS B 1 39 ? -9.840  1.871   -3.425  1.00 27.85 ? 349 CYS B SG  1 
ATOM   807  N  N   . ASP B 1 40 ? -11.005 -0.600  -5.603  1.00 26.90 ? 350 ASP B N   1 
ATOM   808  C  CA  . ASP B 1 40 ? -11.053 -2.034  -5.370  1.00 28.67 ? 350 ASP B CA  1 
ATOM   809  C  C   . ASP B 1 40 ? -10.259 -2.478  -4.138  1.00 26.98 ? 350 ASP B C   1 
ATOM   810  O  O   . ASP B 1 40 ? -9.890  -3.641  -4.029  1.00 26.84 ? 350 ASP B O   1 
ATOM   811  C  CB  . ASP B 1 40 ? -10.570 -2.805  -6.610  1.00 34.30 ? 350 ASP B CB  1 
ATOM   812  C  CG  . ASP B 1 40 ? -11.113 -4.223  -6.659  1.00 34.38 ? 350 ASP B CG  1 
ATOM   813  O  OD1 . ASP B 1 40 ? -12.191 -4.461  -6.072  1.00 34.93 ? 350 ASP B OD1 1 
ATOM   814  O  OD2 . ASP B 1 40 ? -10.462 -5.102  -7.269  1.00 39.59 ? 350 ASP B OD2 1 
ATOM   815  N  N   . MET B 1 41 ? -9.999  -1.557  -3.217  1.00 26.01 ? 351 MET B N   1 
ATOM   816  C  CA  . MET B 1 41 ? -9.432  -1.934  -1.927  1.00 24.01 ? 351 MET B CA  1 
ATOM   817  C  C   . MET B 1 41 ? -10.546 -2.451  -1.009  1.00 24.41 ? 351 MET B C   1 
ATOM   818  O  O   . MET B 1 41 ? -11.730 -2.168  -1.224  1.00 23.36 ? 351 MET B O   1 
ATOM   819  C  CB  . MET B 1 41 ? -8.697  -0.757  -1.287  1.00 24.10 ? 351 MET B CB  1 
ATOM   820  C  CG  . MET B 1 41 ? -7.473  -0.297  -2.077  1.00 28.99 ? 351 MET B CG  1 
ATOM   821  S  SD  . MET B 1 41 ? -6.162  -1.541  -2.055  1.00 38.33 ? 351 MET B SD  1 
ATOM   822  C  CE  . MET B 1 41 ? -5.989  -1.799  -0.308  1.00 31.29 ? 351 MET B CE  1 
ATOM   823  N  N   . ALA B 1 42 ? -10.163 -3.218  0.001   1.00 23.30 ? 352 ALA B N   1 
ATOM   824  C  CA  . ALA B 1 42 ? -11.122 -3.810  0.928   1.00 21.44 ? 352 ALA B CA  1 
ATOM   825  C  C   . ALA B 1 42 ? -11.099 -3.064  2.265   1.00 21.33 ? 352 ALA B C   1 
ATOM   826  O  O   . ALA B 1 42 ? -10.054 -2.574  2.677   1.00 18.99 ? 352 ALA B O   1 
ATOM   827  C  CB  . ALA B 1 42 ? -10.821 -5.281  1.126   1.00 20.45 ? 352 ALA B CB  1 
ATOM   828  N  N   . PHE B 1 43 ? -12.261 -2.964  2.918   1.00 20.33 ? 353 PHE B N   1 
ATOM   829  C  CA  . PHE B 1 43 ? -12.398 -2.235  4.182   1.00 20.27 ? 353 PHE B CA  1 
ATOM   830  C  C   . PHE B 1 43 ? -13.385 -2.949  5.095   1.00 18.88 ? 353 PHE B C   1 
ATOM   831  O  O   . PHE B 1 43 ? -14.556 -3.093  4.725   1.00 18.71 ? 353 PHE B O   1 
ATOM   832  C  CB  . PHE B 1 43 ? -12.938 -0.813  3.923   1.00 21.00 ? 353 PHE B CB  1 
ATOM   833  C  CG  . PHE B 1 43 ? -12.020 0.057   3.102   1.00 21.25 ? 353 PHE B CG  1 
ATOM   834  C  CD1 . PHE B 1 43 ? -12.000 -0.043  1.716   1.00 20.11 ? 353 PHE B CD1 1 
ATOM   835  C  CD2 . PHE B 1 43 ? -11.199 0.993   3.717   1.00 21.47 ? 353 PHE B CD2 1 
ATOM   836  C  CE1 . PHE B 1 43 ? -11.164 0.754   0.964   1.00 21.62 ? 353 PHE B CE1 1 
ATOM   837  C  CE2 . PHE B 1 43 ? -10.359 1.805   2.965   1.00 20.21 ? 353 PHE B CE2 1 
ATOM   838  C  CZ  . PHE B 1 43 ? -10.350 1.682   1.587   1.00 22.05 ? 353 PHE B CZ  1 
ATOM   839  N  N   . HIS B 1 44 ? -12.942 -3.386  6.276   1.00 17.69 ? 354 HIS B N   1 
ATOM   840  C  CA  . HIS B 1 44 ? -13.885 -3.919  7.270   1.00 19.29 ? 354 HIS B CA  1 
ATOM   841  C  C   . HIS B 1 44 ? -14.938 -2.854  7.604   1.00 17.90 ? 354 HIS B C   1 
ATOM   842  O  O   . HIS B 1 44 ? -14.593 -1.702  7.886   1.00 17.06 ? 354 HIS B O   1 
ATOM   843  C  CB  . HIS B 1 44 ? -13.190 -4.310  8.591   1.00 18.26 ? 354 HIS B CB  1 
ATOM   844  C  CG  . HIS B 1 44 ? -12.347 -5.553  8.524   1.00 20.09 ? 354 HIS B CG  1 
ATOM   845  N  ND1 . HIS B 1 44 ? -11.024 -5.561  8.902   1.00 17.95 ? 354 HIS B ND1 1 
ATOM   846  C  CD2 . HIS B 1 44 ? -12.647 -6.830  8.186   1.00 17.15 ? 354 HIS B CD2 1 
ATOM   847  C  CE1 . HIS B 1 44 ? -10.531 -6.778  8.764   1.00 19.07 ? 354 HIS B CE1 1 
ATOM   848  N  NE2 . HIS B 1 44 ? -11.499 -7.571  8.341   1.00 20.64 ? 354 HIS B NE2 1 
ATOM   849  N  N   . ILE B 1 45 ? -16.212 -3.239  7.601   1.00 17.61 ? 355 ILE B N   1 
ATOM   850  C  CA  . ILE B 1 45 ? -17.282 -2.296  7.989   1.00 20.12 ? 355 ILE B CA  1 
ATOM   851  C  C   . ILE B 1 45 ? -17.013 -1.678  9.359   1.00 18.80 ? 355 ILE B C   1 
ATOM   852  O  O   . ILE B 1 45 ? -17.293 -0.503  9.589   1.00 18.52 ? 355 ILE B O   1 
ATOM   853  C  CB  . ILE B 1 45 ? -18.688 -2.944  7.951   1.00 19.37 ? 355 ILE B CB  1 
ATOM   854  C  CG1 . ILE B 1 45 ? -18.776 -4.140  8.910   1.00 19.27 ? 355 ILE B CG1 1 
ATOM   855  C  CG2 . ILE B 1 45 ? -19.035 -3.320  6.511   1.00 20.71 ? 355 ILE B CG2 1 
ATOM   856  C  CD1 . ILE B 1 45 ? -20.169 -4.815  8.956   1.00 24.53 ? 355 ILE B CD1 1 
ATOM   857  N  N   . TYR B 1 46 ? -16.412 -2.463  10.247  1.00 18.66 ? 356 TYR B N   1 
ATOM   858  C  CA  . TYR B 1 46 ? -16.140 -2.013  11.598  1.00 18.95 ? 356 TYR B CA  1 
ATOM   859  C  C   . TYR B 1 46 ? -14.807 -1.240  11.770  1.00 20.00 ? 356 TYR B C   1 
ATOM   860  O  O   . TYR B 1 46 ? -14.489 -0.789  12.861  1.00 19.10 ? 356 TYR B O   1 
ATOM   861  C  CB  . TYR B 1 46 ? -16.240 -3.188  12.568  1.00 19.41 ? 356 TYR B CB  1 
ATOM   862  C  CG  . TYR B 1 46 ? -15.445 -4.441  12.201  1.00 20.54 ? 356 TYR B CG  1 
ATOM   863  C  CD1 . TYR B 1 46 ? -14.048 -4.425  12.134  1.00 20.71 ? 356 TYR B CD1 1 
ATOM   864  C  CD2 . TYR B 1 46 ? -16.097 -5.655  11.980  1.00 21.13 ? 356 TYR B CD2 1 
ATOM   865  C  CE1 . TYR B 1 46 ? -13.325 -5.592  11.830  1.00 21.18 ? 356 TYR B CE1 1 
ATOM   866  C  CE2 . TYR B 1 46 ? -15.391 -6.820  11.683  1.00 22.25 ? 356 TYR B CE2 1 
ATOM   867  C  CZ  . TYR B 1 46 ? -14.008 -6.785  11.604  1.00 22.46 ? 356 TYR B CZ  1 
ATOM   868  O  OH  . TYR B 1 46 ? -13.312 -7.939  11.305  1.00 22.99 ? 356 TYR B OH  1 
ATOM   869  N  N   . CYS B 1 47 ? -14.040 -1.096  10.691  1.00 18.25 ? 357 CYS B N   1 
ATOM   870  C  CA  . CYS B 1 47 ? -12.832 -0.288  10.703  1.00 19.03 ? 357 CYS B CA  1 
ATOM   871  C  C   . CYS B 1 47 ? -13.077 1.106   10.140  1.00 20.21 ? 357 CYS B C   1 
ATOM   872  O  O   . CYS B 1 47 ? -12.283 2.024   10.356  1.00 17.99 ? 357 CYS B O   1 
ATOM   873  C  CB  . CYS B 1 47 ? -11.697 -0.978  9.923   1.00 18.46 ? 357 CYS B CB  1 
ATOM   874  S  SG  . CYS B 1 47 ? -10.964 -2.387  10.779  1.00 18.40 ? 357 CYS B SG  1 
ATOM   875  N  N   . LEU B 1 48 ? -14.177 1.267   9.409   1.00 19.61 ? 358 LEU B N   1 
ATOM   876  C  CA  . LEU B 1 48 ? -14.530 2.582   8.877   1.00 22.16 ? 358 LEU B CA  1 
ATOM   877  C  C   . LEU B 1 48 ? -14.867 3.557   9.999   1.00 23.91 ? 358 LEU B C   1 
ATOM   878  O  O   . LEU B 1 48 ? -15.189 3.150   11.124  1.00 22.59 ? 358 LEU B O   1 
ATOM   879  C  CB  . LEU B 1 48 ? -15.725 2.479   7.923   1.00 18.45 ? 358 LEU B CB  1 
ATOM   880  C  CG  . LEU B 1 48 ? -15.486 1.607   6.688   1.00 21.91 ? 358 LEU B CG  1 
ATOM   881  C  CD1 . LEU B 1 48 ? -16.799 1.246   5.993   1.00 19.81 ? 358 LEU B CD1 1 
ATOM   882  C  CD2 . LEU B 1 48 ? -14.536 2.288   5.727   1.00 21.45 ? 358 LEU B CD2 1 
ATOM   883  N  N   . ASP B 1 49 ? -14.809 4.847   9.683   1.00 24.36 ? 359 ASP B N   1 
ATOM   884  C  CA  . ASP B 1 49 ? -15.199 5.873   10.647  1.00 25.72 ? 359 ASP B CA  1 
ATOM   885  C  C   . ASP B 1 49 ? -16.194 6.823   10.003  1.00 28.20 ? 359 ASP B C   1 
ATOM   886  O  O   . ASP B 1 49 ? -15.822 7.634   9.152   1.00 29.12 ? 359 ASP B O   1 
ATOM   887  C  CB  . ASP B 1 49 ? -13.966 6.635   11.166  1.00 31.69 ? 359 ASP B CB  1 
ATOM   888  C  CG  . ASP B 1 49 ? -14.298 7.552   12.344  1.00 34.71 ? 359 ASP B CG  1 
ATOM   889  O  OD1 . ASP B 1 49 ? -15.457 7.528   12.813  1.00 34.11 ? 359 ASP B OD1 1 
ATOM   890  O  OD2 . ASP B 1 49 ? -13.404 8.296   12.798  1.00 36.52 ? 359 ASP B OD2 1 
ATOM   891  N  N   . PRO B 1 50 ? -17.474 6.730   10.403  1.00 26.19 ? 360 PRO B N   1 
ATOM   892  C  CA  . PRO B 1 50 ? -18.035 5.920   11.493  1.00 24.34 ? 360 PRO B CA  1 
ATOM   893  C  C   . PRO B 1 50 ? -18.149 4.442   11.117  1.00 21.47 ? 360 PRO B C   1 
ATOM   894  O  O   . PRO B 1 50 ? -18.320 4.119   9.943   1.00 24.89 ? 360 PRO B O   1 
ATOM   895  C  CB  . PRO B 1 50 ? -19.457 6.493   11.661  1.00 24.33 ? 360 PRO B CB  1 
ATOM   896  C  CG  . PRO B 1 50 ? -19.708 7.354   10.459  1.00 28.15 ? 360 PRO B CG  1 
ATOM   897  C  CD  . PRO B 1 50 ? -18.524 7.321   9.560   1.00 27.79 ? 360 PRO B CD  1 
ATOM   898  N  N   . PRO B 1 51 ? -18.083 3.549   12.103  1.00 21.73 ? 361 PRO B N   1 
ATOM   899  C  CA  . PRO B 1 51 ? -18.185 2.132   11.740  1.00 21.94 ? 361 PRO B CA  1 
ATOM   900  C  C   . PRO B 1 51 ? -19.609 1.780   11.333  1.00 22.90 ? 361 PRO B C   1 
ATOM   901  O  O   . PRO B 1 51 ? -20.579 2.372   11.852  1.00 21.11 ? 361 PRO B O   1 
ATOM   902  C  CB  . PRO B 1 51 ? -17.799 1.390   13.026  1.00 21.42 ? 361 PRO B CB  1 
ATOM   903  C  CG  . PRO B 1 51 ? -17.586 2.463   14.088  1.00 27.06 ? 361 PRO B CG  1 
ATOM   904  C  CD  . PRO B 1 51 ? -18.069 3.765   13.557  1.00 24.09 ? 361 PRO B CD  1 
ATOM   905  N  N   . LEU B 1 52 ? -19.726 0.838   10.403  1.00 21.64 ? 362 LEU B N   1 
ATOM   906  C  CA  . LEU B 1 52 ? -21.022 0.344   9.956   1.00 20.46 ? 362 LEU B CA  1 
ATOM   907  C  C   . LEU B 1 52 ? -21.311 -0.968  10.656  1.00 22.74 ? 362 LEU B C   1 
ATOM   908  O  O   . LEU B 1 52 ? -20.413 -1.793  10.820  1.00 21.10 ? 362 LEU B O   1 
ATOM   909  C  CB  . LEU B 1 52 ? -21.023 0.119   8.451   1.00 19.13 ? 362 LEU B CB  1 
ATOM   910  C  CG  . LEU B 1 52 ? -20.470 1.234   7.572   1.00 19.94 ? 362 LEU B CG  1 
ATOM   911  C  CD1 . LEU B 1 52 ? -20.698 0.859   6.111   1.00 23.11 ? 362 LEU B CD1 1 
ATOM   912  C  CD2 . LEU B 1 52 ? -21.128 2.556   7.879   1.00 20.40 ? 362 LEU B CD2 1 
ATOM   913  N  N   . SER B 1 53 ? -22.573 -1.156  11.047  1.00 23.15 ? 363 SER B N   1 
ATOM   914  C  CA  . SER B 1 53 ? -23.031 -2.365  11.711  1.00 24.39 ? 363 SER B CA  1 
ATOM   915  C  C   . SER B 1 53 ? -23.319 -3.471  10.731  1.00 21.93 ? 363 SER B C   1 
ATOM   916  O  O   . SER B 1 53 ? -23.354 -4.636  11.100  1.00 28.22 ? 363 SER B O   1 
ATOM   917  C  CB  . SER B 1 53 ? -24.319 -2.090  12.509  1.00 25.54 ? 363 SER B CB  1 
ATOM   918  O  OG  . SER B 1 53 ? -24.003 -1.412  13.697  1.00 30.11 ? 363 SER B OG  1 
ATOM   919  N  N   . SER B 1 54 ? -23.581 -3.113  9.487   1.00 22.86 ? 364 SER B N   1 
ATOM   920  C  CA  . SER B 1 54 ? -23.770 -4.135  8.479   1.00 26.01 ? 364 SER B CA  1 
ATOM   921  C  C   . SER B 1 54 ? -23.387 -3.617  7.097   1.00 25.40 ? 364 SER B C   1 
ATOM   922  O  O   . SER B 1 54 ? -23.134 -2.426  6.903   1.00 23.18 ? 364 SER B O   1 
ATOM   923  C  CB  . SER B 1 54 ? -25.202 -4.700  8.518   1.00 27.38 ? 364 SER B CB  1 
ATOM   924  O  OG  . SER B 1 54 ? -26.113 -3.771  8.000   1.00 32.89 ? 364 SER B OG  1 
ATOM   925  N  N   . VAL B 1 55 ? -23.288 -4.538  6.153   1.00 20.29 ? 365 VAL B N   1 
ATOM   926  C  CA  . VAL B 1 55 ? -22.973 -4.213  4.779   1.00 24.76 ? 365 VAL B CA  1 
ATOM   927  C  C   . VAL B 1 55 ? -24.132 -3.437  4.153   1.00 28.41 ? 365 VAL B C   1 
ATOM   928  O  O   . VAL B 1 55 ? -25.292 -3.778  4.370   1.00 29.95 ? 365 VAL B O   1 
ATOM   929  C  CB  . VAL B 1 55 ? -22.699 -5.518  3.992   1.00 27.29 ? 365 VAL B CB  1 
ATOM   930  C  CG1 . VAL B 1 55 ? -22.509 -5.236  2.512   1.00 29.92 ? 365 VAL B CG1 1 
ATOM   931  C  CG2 . VAL B 1 55 ? -21.487 -6.246  4.591   1.00 24.15 ? 365 VAL B CG2 1 
ATOM   932  N  N   . PRO B 1 56 ? -23.825 -2.379  3.388   1.00 28.16 ? 366 PRO B N   1 
ATOM   933  C  CA  . PRO B 1 56 ? -24.895 -1.575  2.783   1.00 30.98 ? 366 PRO B CA  1 
ATOM   934  C  C   . PRO B 1 56 ? -25.716 -2.395  1.792   1.00 36.04 ? 366 PRO B C   1 
ATOM   935  O  O   . PRO B 1 56 ? -25.142 -3.241  1.098   1.00 31.73 ? 366 PRO B O   1 
ATOM   936  C  CB  . PRO B 1 56 ? -24.134 -0.481  2.026   1.00 31.04 ? 366 PRO B CB  1 
ATOM   937  C  CG  . PRO B 1 56 ? -22.796 -0.436  2.632   1.00 28.61 ? 366 PRO B CG  1 
ATOM   938  C  CD  . PRO B 1 56 ? -22.492 -1.830  3.110   1.00 27.35 ? 366 PRO B CD  1 
ATOM   939  N  N   . SER B 1 57 ? -27.022 -2.134  1.719   1.00 31.88 ? 367 SER B N   1 
ATOM   940  C  CA  . SER B 1 57 ? -27.911 -2.823  0.783   1.00 35.25 ? 367 SER B CA  1 
ATOM   941  C  C   . SER B 1 57 ? -27.790 -2.308  -0.646  1.00 34.99 ? 367 SER B C   1 
ATOM   942  O  O   . SER B 1 57 ? -28.064 -3.036  -1.595  1.00 38.01 ? 367 SER B O   1 
ATOM   943  C  CB  . SER B 1 57 ? -29.379 -2.705  1.240   1.00 37.90 ? 367 SER B CB  1 
ATOM   944  O  OG  . SER B 1 57 ? -29.619 -3.521  2.374   1.00 40.49 ? 367 SER B OG  1 
ATOM   945  N  N   . GLU B 1 58 ? -27.397 -1.049  -0.795  1.00 36.82 ? 368 GLU B N   1 
ATOM   946  C  CA  . GLU B 1 58 ? -27.271 -0.444  -2.117  1.00 39.84 ? 368 GLU B CA  1 
ATOM   947  C  C   . GLU B 1 58 ? -26.045 -0.977  -2.852  1.00 41.16 ? 368 GLU B C   1 
ATOM   948  O  O   . GLU B 1 58 ? -25.054 -1.358  -2.224  1.00 38.21 ? 368 GLU B O   1 
ATOM   949  C  CB  . GLU B 1 58 ? -27.216 1.083   -2.018  1.00 43.22 ? 368 GLU B CB  1 
ATOM   950  C  CG  . GLU B 1 58 ? -25.913 1.629   -1.457  1.00 42.10 ? 368 GLU B CG  1 
ATOM   951  C  CD  . GLU B 1 58 ? -25.949 1.883   0.060   1.00 44.62 ? 368 GLU B CD  1 
ATOM   952  O  OE1 . GLU B 1 58 ? -26.975 1.565   0.733   1.00 41.46 ? 368 GLU B OE1 1 
ATOM   953  O  OE2 . GLU B 1 58 ? -24.931 2.412   0.573   1.00 48.73 ? 368 GLU B OE2 1 
ATOM   954  N  N   . ASP B 1 59 ? -26.116 -0.976  -4.184  1.00 37.74 ? 369 ASP B N   1 
ATOM   955  C  CA  . ASP B 1 59 ? -25.142 -1.669  -5.034  1.00 41.50 ? 369 ASP B CA  1 
ATOM   956  C  C   . ASP B 1 59 ? -23.730 -1.070  -5.095  1.00 41.20 ? 369 ASP B C   1 
ATOM   957  O  O   . ASP B 1 59 ? -22.742 -1.811  -5.093  1.00 43.63 ? 369 ASP B O   1 
ATOM   958  C  CB  . ASP B 1 59 ? -25.695 -1.831  -6.451  1.00 44.94 ? 369 ASP B CB  1 
ATOM   959  C  CG  . ASP B 1 59 ? -26.785 -2.887  -6.536  1.00 44.71 ? 369 ASP B CG  1 
ATOM   960  O  OD1 . ASP B 1 59 ? -26.549 -4.029  -6.073  1.00 45.94 ? 369 ASP B OD1 1 
ATOM   961  O  OD2 . ASP B 1 59 ? -27.865 -2.577  -7.086  1.00 44.37 ? 369 ASP B OD2 1 
ATOM   962  N  N   . GLU B 1 60 ? -23.628 0.254   -5.173  1.00 41.62 ? 370 GLU B N   1 
ATOM   963  C  CA  . GLU B 1 60 ? -22.313 0.899   -5.237  1.00 38.87 ? 370 GLU B CA  1 
ATOM   964  C  C   . GLU B 1 60 ? -21.818 1.358   -3.869  1.00 34.11 ? 370 GLU B C   1 
ATOM   965  O  O   . GLU B 1 60 ? -22.593 1.844   -3.048  1.00 33.68 ? 370 GLU B O   1 
ATOM   966  C  CB  . GLU B 1 60 ? -22.334 2.087   -6.210  1.00 41.59 ? 370 GLU B CB  1 
ATOM   967  C  CG  . GLU B 1 60 ? -22.337 1.683   -7.679  1.00 43.95 ? 370 GLU B CG  1 
ATOM   968  C  CD  . GLU B 1 60 ? -22.220 2.872   -8.620  1.00 50.22 ? 370 GLU B CD  1 
ATOM   969  O  OE1 . GLU B 1 60 ? -22.049 2.647   -9.837  1.00 58.01 ? 370 GLU B OE1 1 
ATOM   970  O  OE2 . GLU B 1 60 ? -22.293 4.029   -8.149  1.00 50.92 ? 370 GLU B OE2 1 
ATOM   971  N  N   . TRP B 1 61 ? -20.521 1.202   -3.622  1.00 31.16 ? 371 TRP B N   1 
ATOM   972  C  CA  . TRP B 1 61 ? -19.923 1.739   -2.400  1.00 27.46 ? 371 TRP B CA  1 
ATOM   973  C  C   . TRP B 1 61 ? -18.544 2.286   -2.687  1.00 26.53 ? 371 TRP B C   1 
ATOM   974  O  O   . TRP B 1 61 ? -17.748 1.655   -3.392  1.00 26.33 ? 371 TRP B O   1 
ATOM   975  C  CB  . TRP B 1 61 ? -19.870 0.698   -1.276  1.00 26.92 ? 371 TRP B CB  1 
ATOM   976  C  CG  . TRP B 1 61 ? -19.260 1.244   -0.003  1.00 27.25 ? 371 TRP B CG  1 
ATOM   977  C  CD1 . TRP B 1 61 ? -19.894 1.962   0.979   1.00 25.00 ? 371 TRP B CD1 1 
ATOM   978  C  CD2 . TRP B 1 61 ? -17.882 1.144   0.400   1.00 24.89 ? 371 TRP B CD2 1 
ATOM   979  N  NE1 . TRP B 1 61 ? -18.999 2.294   1.977   1.00 24.51 ? 371 TRP B NE1 1 
ATOM   980  C  CE2 . TRP B 1 61 ? -17.759 1.806   1.645   1.00 24.97 ? 371 TRP B CE2 1 
ATOM   981  C  CE3 . TRP B 1 61 ? -16.750 0.537   -0.157  1.00 22.33 ? 371 TRP B CE3 1 
ATOM   982  C  CZ2 . TRP B 1 61 ? -16.544 1.884   2.333   1.00 23.17 ? 371 TRP B CZ2 1 
ATOM   983  C  CZ3 . TRP B 1 61 ? -15.542 0.623   0.524   1.00 24.41 ? 371 TRP B CZ3 1 
ATOM   984  C  CH2 . TRP B 1 61 ? -15.450 1.286   1.756   1.00 25.06 ? 371 TRP B CH2 1 
ATOM   985  N  N   . TYR B 1 62 ? -18.275 3.470   -2.154  1.00 24.05 ? 372 TYR B N   1 
ATOM   986  C  CA  . TYR B 1 62 ? -16.981 4.113   -2.338  1.00 28.94 ? 372 TYR B CA  1 
ATOM   987  C  C   . TYR B 1 62 ? -16.320 4.366   -0.995  1.00 27.41 ? 372 TYR B C   1 
ATOM   988  O  O   . TYR B 1 62 ? -16.966 4.834   -0.047  1.00 23.81 ? 372 TYR B O   1 
ATOM   989  C  CB  . TYR B 1 62 ? -17.117 5.405   -3.155  1.00 28.54 ? 372 TYR B CB  1 
ATOM   990  C  CG  . TYR B 1 62 ? -17.640 5.124   -4.541  1.00 30.50 ? 372 TYR B CG  1 
ATOM   991  C  CD1 . TYR B 1 62 ? -16.811 4.585   -5.506  1.00 33.38 ? 372 TYR B CD1 1 
ATOM   992  C  CD2 . TYR B 1 62 ? -18.977 5.350   -4.872  1.00 35.52 ? 372 TYR B CD2 1 
ATOM   993  C  CE1 . TYR B 1 62 ? -17.270 4.305   -6.764  1.00 34.32 ? 372 TYR B CE1 1 
ATOM   994  C  CE2 . TYR B 1 62 ? -19.450 5.069   -6.141  1.00 37.36 ? 372 TYR B CE2 1 
ATOM   995  C  CZ  . TYR B 1 62 ? -18.579 4.544   -7.082  1.00 37.79 ? 372 TYR B CZ  1 
ATOM   996  O  OH  . TYR B 1 62 ? -18.997 4.245   -8.354  1.00 43.85 ? 372 TYR B OH  1 
ATOM   997  N  N   . CYS B 1 63 ? -15.032 4.036   -0.932  1.00 26.81 ? 373 CYS B N   1 
ATOM   998  C  CA  . CYS B 1 63 ? -14.247 4.159   0.290   1.00 26.36 ? 373 CYS B CA  1 
ATOM   999  C  C   . CYS B 1 63 ? -13.969 5.613   0.648   1.00 26.93 ? 373 CYS B C   1 
ATOM   1000 O  O   . CYS B 1 63 ? -14.153 6.507   -0.179  1.00 28.47 ? 373 CYS B O   1 
ATOM   1001 C  CB  . CYS B 1 63 ? -12.938 3.370   0.154   1.00 23.45 ? 373 CYS B CB  1 
ATOM   1002 S  SG  . CYS B 1 63 ? -11.620 4.191   -0.791  1.00 24.92 ? 373 CYS B SG  1 
ATOM   1003 N  N   . PRO B 1 64 ? -13.529 5.854   1.891   1.00 28.68 ? 374 PRO B N   1 
ATOM   1004 C  CA  . PRO B 1 64 ? -13.229 7.210   2.359   1.00 32.37 ? 374 PRO B CA  1 
ATOM   1005 C  C   . PRO B 1 64 ? -12.180 7.923   1.509   1.00 31.10 ? 374 PRO B C   1 
ATOM   1006 O  O   . PRO B 1 64 ? -12.197 9.151   1.480   1.00 28.64 ? 374 PRO B O   1 
ATOM   1007 C  CB  . PRO B 1 64 ? -12.689 6.980   3.773   1.00 32.97 ? 374 PRO B CB  1 
ATOM   1008 C  CG  . PRO B 1 64 ? -13.264 5.667   4.184   1.00 31.79 ? 374 PRO B CG  1 
ATOM   1009 C  CD  . PRO B 1 64 ? -13.352 4.849   2.954   1.00 26.35 ? 374 PRO B CD  1 
ATOM   1010 N  N   . GLU B 1 65 ? -11.292 7.184   0.839   1.00 26.19 ? 375 GLU B N   1 
ATOM   1011 C  CA  . GLU B 1 65 ? -10.277 7.831   0.007   1.00 31.61 ? 375 GLU B CA  1 
ATOM   1012 C  C   . GLU B 1 65 ? -10.821 8.268   -1.356  1.00 31.77 ? 375 GLU B C   1 
ATOM   1013 O  O   . GLU B 1 65 ? -10.351 9.250   -1.929  1.00 33.29 ? 375 GLU B O   1 
ATOM   1014 C  CB  . GLU B 1 65 ? -9.021  6.942   -0.156  1.00 25.23 ? 375 GLU B CB  1 
ATOM   1015 C  CG  . GLU B 1 65 ? -8.338  6.646   1.175   1.00 23.95 ? 375 GLU B CG  1 
ATOM   1016 C  CD  . GLU B 1 65 ? -7.209  5.644   1.063   1.00 25.91 ? 375 GLU B CD  1 
ATOM   1017 O  OE1 . GLU B 1 65 ? -7.069  5.010   -0.002  1.00 26.69 ? 375 GLU B OE1 1 
ATOM   1018 O  OE2 . GLU B 1 65 ? -6.456  5.498   2.055   1.00 26.54 ? 375 GLU B OE2 1 
ATOM   1019 N  N   . CYS B 1 66 ? -11.819 7.548   -1.855  1.00 31.29 ? 376 CYS B N   1 
ATOM   1020 C  CA  . CYS B 1 66 ? -12.322 7.750   -3.214  1.00 31.24 ? 376 CYS B CA  1 
ATOM   1021 C  C   . CYS B 1 66 ? -13.608 8.581   -3.301  1.00 34.13 ? 376 CYS B C   1 
ATOM   1022 O  O   . CYS B 1 66 ? -14.017 8.990   -4.386  1.00 37.41 ? 376 CYS B O   1 
ATOM   1023 C  CB  . CYS B 1 66 ? -12.533 6.396   -3.902  1.00 29.31 ? 376 CYS B CB  1 
ATOM   1024 S  SG  . CYS B 1 66 ? -10.988 5.512   -4.280  1.00 29.85 ? 376 CYS B SG  1 
ATOM   1025 N  N   . ARG B 1 67 ? -14.255 8.824   -2.169  1.00 36.29 ? 377 ARG B N   1 
ATOM   1026 C  CA  . ARG B 1 67 ? -15.524 9.558   -2.178  1.00 35.02 ? 377 ARG B CA  1 
ATOM   1027 C  C   . ARG B 1 67 ? -15.337 10.974  -1.650  1.00 36.92 ? 377 ARG B C   1 
ATOM   1028 O  O   . ARG B 1 67 ? -14.437 11.696  -2.087  1.00 40.91 ? 377 ARG B O   1 
ATOM   1029 C  CB  . ARG B 1 67 ? -16.563 8.826   -1.341  1.00 32.63 ? 377 ARG B CB  1 
ATOM   1030 C  CG  . ARG B 1 67 ? -16.377 9.010   0.157   1.00 34.41 ? 377 ARG B CG  1 
ATOM   1031 C  CD  . ARG B 1 67 ? -16.871 7.770   0.879   1.00 38.74 ? 377 ARG B CD  1 
ATOM   1032 N  NE  . ARG B 1 67 ? -16.924 7.922   2.328   1.00 41.93 ? 377 ARG B NE  1 
ATOM   1033 C  CZ  . ARG B 1 67 ? -16.952 6.897   3.174   1.00 40.58 ? 377 ARG B CZ  1 
ATOM   1034 N  NH1 . ARG B 1 67 ? -17.010 7.118   4.484   1.00 44.23 ? 377 ARG B NH1 1 
ATOM   1035 N  NH2 . ARG B 1 67 ? -16.907 5.649   2.707   1.00 32.75 ? 377 ARG B NH2 1 
ATOM   1036 N  N   . ALA C 2 1  ? 20.905  3.796   -11.125 1.00 41.93 ? 1   ALA C N   1 
ATOM   1037 C  CA  . ALA C 2 1  ? 19.477  3.566   -10.886 1.00 40.16 ? 1   ALA C CA  1 
ATOM   1038 C  C   . ALA C 2 1  ? 18.691  4.859   -10.701 1.00 35.05 ? 1   ALA C C   1 
ATOM   1039 O  O   . ALA C 2 1  ? 19.241  5.903   -10.348 1.00 33.61 ? 1   ALA C O   1 
ATOM   1040 C  CB  . ALA C 2 1  ? 19.268  2.644   -9.694  1.00 39.72 ? 1   ALA C CB  1 
ATOM   1041 N  N   . ARG C 2 2  ? 17.389  4.766   -10.937 1.00 35.56 ? 2   ARG C N   1 
ATOM   1042 C  CA  . ARG C 2 2  ? 16.491  5.912   -10.866 1.00 33.53 ? 2   ARG C CA  1 
ATOM   1043 C  C   . ARG C 2 2  ? 16.123  6.206   -9.411  1.00 30.29 ? 2   ARG C C   1 
ATOM   1044 O  O   . ARG C 2 2  ? 15.735  5.307   -8.658  1.00 27.21 ? 2   ARG C O   1 
ATOM   1045 C  CB  . ARG C 2 2  ? 15.240  5.605   -11.689 1.00 34.59 ? 2   ARG C CB  1 
ATOM   1046 C  CG  . ARG C 2 2  ? 14.319  6.776   -11.992 1.00 35.60 ? 2   ARG C CG  1 
ATOM   1047 C  CD  . ARG C 2 2  ? 13.206  6.278   -12.905 1.00 36.37 ? 2   ARG C CD  1 
ATOM   1048 N  NE  . ARG C 2 2  ? 13.003  4.845   -12.679 1.00 42.45 ? 2   ARG C NE  1 
ATOM   1049 C  CZ  . ARG C 2 2  ? 11.843  4.291   -12.337 1.00 39.64 ? 2   ARG C CZ  1 
ATOM   1050 N  NH1 . ARG C 2 2  ? 10.759  5.046   -12.203 1.00 34.45 ? 2   ARG C NH1 1 
ATOM   1051 N  NH2 . ARG C 2 2  ? 11.769  2.977   -12.143 1.00 38.20 ? 2   ARG C NH2 1 
ATOM   1052 N  N   . THR C 2 3  ? 16.267  7.462   -9.011  1.00 29.04 ? 3   THR C N   1 
ATOM   1053 C  CA  . THR C 2 3  ? 15.829  7.886   -7.689  1.00 28.71 ? 3   THR C CA  1 
ATOM   1054 C  C   . THR C 2 3  ? 14.544  8.718   -7.765  1.00 33.52 ? 3   THR C C   1 
ATOM   1055 O  O   . THR C 2 3  ? 14.121  9.140   -8.845  1.00 31.18 ? 3   THR C O   1 
ATOM   1056 C  CB  . THR C 2 3  ? 16.905  8.704   -6.982  1.00 29.89 ? 3   THR C CB  1 
ATOM   1057 O  OG1 . THR C 2 3  ? 17.109  9.927   -7.695  1.00 35.71 ? 3   THR C OG1 1 
ATOM   1058 C  CG2 . THR C 2 3  ? 18.228  7.919   -6.921  1.00 26.75 ? 3   THR C CG2 1 
HETATM 1059 N  N   . M3L C 2 4  ? 13.920  8.931   -6.612  1.00 28.10 ? 4   M3L C N   1 
HETATM 1060 C  CA  . M3L C 2 4  ? 12.737  9.768   -6.530  1.00 30.92 ? 4   M3L C CA  1 
HETATM 1061 C  CB  . M3L C 2 4  ? 12.086  9.783   -5.144  1.00 26.46 ? 4   M3L C CB  1 
HETATM 1062 C  CG  . M3L C 2 4  ? 10.803  10.571  -4.997  1.00 30.39 ? 4   M3L C CG  1 
HETATM 1063 C  CD  . M3L C 2 4  ? 9.609   10.135  -5.836  1.00 31.60 ? 4   M3L C CD  1 
HETATM 1064 C  CE  . M3L C 2 4  ? 8.246   10.636  -5.370  1.00 37.28 ? 4   M3L C CE  1 
HETATM 1065 N  NZ  . M3L C 2 4  ? 7.093   10.503  -6.271  1.00 40.15 ? 4   M3L C NZ  1 
HETATM 1066 C  C   . M3L C 2 4  ? 12.977  11.153  -7.068  1.00 32.44 ? 4   M3L C C   1 
HETATM 1067 O  O   . M3L C 2 4  ? 12.130  11.719  -7.748  1.00 34.60 ? 4   M3L C O   1 
HETATM 1068 C  CM1 . M3L C 2 4  ? 6.911   9.096   -6.596  1.00 34.72 ? 4   M3L C CM1 1 
HETATM 1069 C  CM2 . M3L C 2 4  ? 7.142   11.597  -7.205  1.00 43.47 ? 4   M3L C CM2 1 
HETATM 1070 C  CM3 . M3L C 2 4  ? 5.839   10.789  -5.569  1.00 36.79 ? 4   M3L C CM3 1 
ATOM   1071 N  N   . GLN C 2 5  ? 14.150  11.695  -6.763  1.00 33.65 ? 5   GLN C N   1 
ATOM   1072 C  CA  . GLN C 2 5  ? 14.516  13.032  -7.214  1.00 37.18 ? 5   GLN C CA  1 
ATOM   1073 C  C   . GLN C 2 5  ? 14.609  13.103  -8.743  1.00 41.73 ? 5   GLN C C   1 
ATOM   1074 O  O   . GLN C 2 5  ? 14.509  14.182  -9.328  1.00 47.28 ? 5   GLN C O   1 
ATOM   1075 C  CB  . GLN C 2 5  ? 15.831  13.466  -6.570  1.00 36.27 ? 5   GLN C CB  1 
ATOM   1076 C  CG  . GLN C 2 5  ? 16.156  14.921  -6.813  1.00 42.79 ? 5   GLN C CG  1 
ATOM   1077 C  CD  . GLN C 2 5  ? 17.174  15.453  -5.836  1.00 43.76 ? 5   GLN C CD  1 
ATOM   1078 O  OE1 . GLN C 2 5  ? 18.379  15.405  -6.088  1.00 47.56 ? 5   GLN C OE1 1 
ATOM   1079 N  NE2 . GLN C 2 5  ? 16.693  15.961  -4.701  1.00 45.29 ? 5   GLN C NE2 1 
ATOM   1080 N  N   . THR C 2 6  ? 14.805  11.952  -9.384  1.00 40.26 ? 6   THR C N   1 
ATOM   1081 C  CA  . THR C 2 6  ? 14.768  11.865  -10.845 1.00 43.06 ? 6   THR C CA  1 
ATOM   1082 C  C   . THR C 2 6  ? 13.654  10.930  -11.310 1.00 42.18 ? 6   THR C C   1 
ATOM   1083 O  O   . THR C 2 6  ? 12.495  11.327  -11.409 1.00 43.89 ? 6   THR C O   1 
ATOM   1084 C  CB  . THR C 2 6  ? 16.111  11.377  -11.430 1.00 41.86 ? 6   THR C CB  1 
ATOM   1085 O  OG1 . THR C 2 6  ? 15.921  10.983  -12.797 1.00 45.05 ? 6   THR C OG1 1 
ATOM   1086 C  CG2 . THR C 2 6  ? 16.622  10.185  -10.654 1.00 39.28 ? 6   THR C CG2 1 
ATOM   1087 N  N   . ALA D 2 1  ? -23.625 -3.588  -1.582  1.00 37.97 ? 1   ALA D N   1 
ATOM   1088 C  CA  . ALA D 2 1  ? -22.273 -3.327  -2.058  1.00 35.76 ? 1   ALA D CA  1 
ATOM   1089 C  C   . ALA D 2 1  ? -21.472 -4.626  -2.060  1.00 31.13 ? 1   ALA D C   1 
ATOM   1090 O  O   . ALA D 2 1  ? -21.839 -5.584  -1.384  1.00 30.23 ? 1   ALA D O   1 
ATOM   1091 C  CB  . ALA D 2 1  ? -21.600 -2.283  -1.192  1.00 32.28 ? 1   ALA D CB  1 
ATOM   1092 N  N   . ARG D 2 2  ? -20.364 -4.646  -2.761  1.00 32.01 ? 2   ARG D N   1 
ATOM   1093 C  CA  . ARG D 2 2  ? -19.585 -5.831  -2.930  1.00 31.28 ? 2   ARG D CA  1 
ATOM   1094 C  C   . ARG D 2 2  ? -18.765 -6.149  -1.697  1.00 26.50 ? 2   ARG D C   1 
ATOM   1095 O  O   . ARG D 2 2  ? -18.242 -5.278  -1.106  1.00 25.19 ? 2   ARG D O   1 
ATOM   1096 C  CB  . ARG D 2 2  ? -18.637 -5.646  -4.101  1.00 31.66 ? 2   ARG D CB  1 
ATOM   1097 C  CG  . ARG D 2 2  ? -19.297 -5.247  -5.387  1.00 36.96 ? 2   ARG D CG  1 
ATOM   1098 C  CD  . ARG D 2 2  ? -18.316 -5.188  -6.559  1.00 38.56 ? 2   ARG D CD  1 
ATOM   1099 N  NE  . ARG D 2 2  ? -17.363 -4.090  -6.493  1.00 40.52 ? 2   ARG D NE  1 
ATOM   1100 C  CZ  . ARG D 2 2  ? -16.091 -4.291  -6.239  1.00 38.00 ? 2   ARG D CZ  1 
ATOM   1101 N  NH1 . ARG D 2 2  ? -15.708 -5.520  -6.034  1.00 35.00 ? 2   ARG D NH1 1 
ATOM   1102 N  NH2 . ARG D 2 2  ? -15.207 -3.320  -6.227  1.00 36.49 ? 2   ARG D NH2 1 
ATOM   1103 N  N   . THR D 2 3  ? -18.621 -7.421  -1.365  1.00 25.53 ? 3   THR D N   1 
ATOM   1104 C  CA  . THR D 2 3  ? -17.702 -7.801  -0.287  1.00 24.61 ? 3   THR D CA  1 
ATOM   1105 C  C   . THR D 2 3  ? -16.654 -8.800  -0.774  1.00 27.47 ? 3   THR D C   1 
ATOM   1106 O  O   . THR D 2 3  ? -16.854 -9.484  -1.774  1.00 26.22 ? 3   THR D O   1 
ATOM   1107 C  CB  . THR D 2 3  ? -18.431 -8.388  0.940   1.00 27.12 ? 3   THR D CB  1 
ATOM   1108 O  OG1 . THR D 2 3  ? -19.136 -9.572  0.557   1.00 30.40 ? 3   THR D OG1 1 
ATOM   1109 C  CG2 . THR D 2 3  ? -19.426 -7.373  1.530   1.00 27.16 ? 3   THR D CG2 1 
HETATM 1110 N  N   . M3L D 2 4  ? -15.540 -8.874  -0.048  1.00 25.11 ? 4   M3L D N   1 
HETATM 1111 C  CA  . M3L D 2 4  ? -14.449 -9.761  -0.371  1.00 26.64 ? 4   M3L D CA  1 
HETATM 1112 C  CB  . M3L D 2 4  ? -13.330 -9.639  0.661   1.00 26.60 ? 4   M3L D CB  1 
HETATM 1113 C  CG  . M3L D 2 4  ? -12.039 -10.352 0.375   1.00 29.88 ? 4   M3L D CG  1 
HETATM 1114 C  CD  . M3L D 2 4  ? -11.296 -9.876  -0.858  1.00 31.57 ? 4   M3L D CD  1 
HETATM 1115 C  CE  . M3L D 2 4  ? -9.836  -10.274 -0.907  1.00 35.84 ? 4   M3L D CE  1 
HETATM 1116 N  NZ  . M3L D 2 4  ? -9.178  -10.270 -2.212  1.00 42.07 ? 4   M3L D NZ  1 
HETATM 1117 C  C   . M3L D 2 4  ? -14.844 -11.190 -0.613  1.00 30.64 ? 4   M3L D C   1 
HETATM 1118 O  O   . M3L D 2 4  ? -14.406 -11.804 -1.582  1.00 33.79 ? 4   M3L D O   1 
HETATM 1119 C  CM1 . M3L D 2 4  ? -8.943  -8.882  -2.596  1.00 41.14 ? 4   M3L D CM1 1 
HETATM 1120 C  CM2 . M3L D 2 4  ? -9.800  -11.303 -2.995  1.00 44.26 ? 4   M3L D CM2 1 
HETATM 1121 C  CM3 . M3L D 2 4  ? -7.812  -10.780 -2.121  1.00 37.26 ? 4   M3L D CM3 1 
ATOM   1122 N  N   . GLN D 2 5  ? -15.669 -11.719 0.280   1.00 26.97 ? 5   GLN D N   1 
ATOM   1123 C  CA  . GLN D 2 5  ? -16.252 -13.038 0.114   1.00 32.10 ? 5   GLN D CA  1 
ATOM   1124 C  C   . GLN D 2 5  ? -17.755 -12.946 0.309   1.00 33.86 ? 5   GLN D C   1 
ATOM   1125 O  O   . GLN D 2 5  ? -18.258 -12.006 0.931   1.00 34.37 ? 5   GLN D O   1 
ATOM   1126 C  CB  . GLN D 2 5  ? -15.657 -14.004 1.097   1.00 34.73 ? 5   GLN D CB  1 
ATOM   1127 N  N   . THR D 2 6  ? -18.470 -13.923 -0.234  1.00 39.26 ? 6   THR D N   1 
ATOM   1128 C  CA  . THR D 2 6  ? -19.928 -13.948 -0.168  1.00 45.88 ? 6   THR D CA  1 
ATOM   1129 C  C   . THR D 2 6  ? -20.429 -15.173 0.599   1.00 45.80 ? 6   THR D C   1 
ATOM   1130 O  O   . THR D 2 6  ? -21.545 -15.183 1.130   1.00 52.71 ? 6   THR D O   1 
ATOM   1131 C  CB  . THR D 2 6  ? -20.541 -13.916 -1.592  1.00 48.17 ? 6   THR D CB  1 
ATOM   1132 O  OG1 . THR D 2 6  ? -20.293 -12.631 -2.185  1.00 50.75 ? 6   THR D OG1 1 
ATOM   1133 C  CG2 . THR D 2 6  ? -22.042 -14.171 -1.547  1.00 48.36 ? 6   THR D CG2 1 
HETATM 1134 ZN ZN  . ZN  E 3 .  ? 0.720   9.531   -0.136  1.00 25.46 ? 1   ZN  A ZN  1 
HETATM 1135 ZN ZN  . ZN  F 3 .  ? 12.348  4.610   4.190   1.00 19.33 ? 2   ZN  A ZN  1 
HETATM 1136 ZN ZN  . ZN  G 3 .  ? 8.924   -3.389  -6.892  1.00 29.97 ? 3   ZN  A ZN  1 
HETATM 1137 ZN ZN  . ZN  H 3 .  ? 4.598   -3.681  -0.396  1.00 29.13 ? 7   ZN  A ZN  1 
HETATM 1138 ZN ZN  . ZN  I 3 .  ? -9.993  -3.745  9.219   1.00 19.71 ? 4   ZN  B ZN  1 
HETATM 1139 ZN ZN  . ZN  J 3 .  ? -1.031  -8.907  0.669   1.00 24.59 ? 5   ZN  B ZN  1 
HETATM 1140 ZN ZN  . ZN  K 3 .  ? -11.486 3.592   -2.978  1.00 27.73 ? 6   ZN  B ZN  1 
HETATM 1141 ZN ZN  . ZN  L 3 .  ? -4.877  4.318   1.494   1.00 26.64 ? 8   ZN  B ZN  1 
HETATM 1142 O  O   . HOH M 4 .  ? 17.056  12.698  6.785   1.00 26.65 ? 5   HOH A O   1 
HETATM 1143 O  O   . HOH M 4 .  ? -2.939  3.925   -4.631  1.00 36.70 ? 6   HOH A O   1 
HETATM 1144 O  O   . HOH M 4 .  ? 6.534   4.823   -3.028  1.00 23.46 ? 8   HOH A O   1 
HETATM 1145 O  O   . HOH M 4 .  ? 15.249  -9.903  -10.799 1.00 49.38 ? 9   HOH A O   1 
HETATM 1146 O  O   . HOH M 4 .  ? 9.271   11.132  -1.363  1.00 33.09 ? 12  HOH A O   1 
HETATM 1147 O  O   . HOH M 4 .  ? 17.351  -2.485  6.992   1.00 29.19 ? 13  HOH A O   1 
HETATM 1148 O  O   . HOH M 4 .  ? 19.109  -4.615  -0.574  1.00 24.21 ? 15  HOH A O   1 
HETATM 1149 O  O   . HOH M 4 .  ? 6.295   13.506  -0.738  1.00 36.18 ? 17  HOH A O   1 
HETATM 1150 O  O   . HOH M 4 .  ? 0.804   4.465   4.234   1.00 28.26 ? 19  HOH A O   1 
HETATM 1151 O  O   . HOH M 4 .  ? 8.798   6.715   9.165   1.00 27.86 ? 20  HOH A O   1 
HETATM 1152 O  O   . HOH M 4 .  ? 17.944  -12.277 -10.125 1.00 57.30 ? 23  HOH A O   1 
HETATM 1153 O  O   . HOH M 4 .  ? 8.103   15.210  5.586   1.00 38.86 ? 24  HOH A O   1 
HETATM 1154 O  O   . HOH M 4 .  ? 17.889  -5.409  -8.248  1.00 34.04 ? 25  HOH A O   1 
HETATM 1155 O  O   . HOH M 4 .  ? 13.164  -1.217  6.887   1.00 30.92 ? 27  HOH A O   1 
HETATM 1156 O  O   . HOH M 4 .  ? 15.625  2.028   -10.542 1.00 32.65 ? 29  HOH A O   1 
HETATM 1157 O  O   . HOH M 4 .  ? 19.494  14.992  4.716   1.00 34.20 ? 34  HOH A O   1 
HETATM 1158 O  O   . HOH M 4 .  ? 11.638  15.828  0.704   1.00 37.51 ? 36  HOH A O   1 
HETATM 1159 O  O   . HOH M 4 .  ? 20.717  -6.257  -2.044  1.00 24.29 ? 39  HOH A O   1 
HETATM 1160 O  O   . HOH M 4 .  ? 13.145  1.408   8.071   1.00 24.98 ? 40  HOH A O   1 
HETATM 1161 O  O   . HOH M 4 .  ? 1.457   2.868   9.958   1.00 46.01 ? 41  HOH A O   1 
HETATM 1162 O  O   . HOH M 4 .  ? 10.209  11.070  7.720   1.00 25.97 ? 44  HOH A O   1 
HETATM 1163 O  O   . HOH M 4 .  ? 9.982   8.734   8.213   1.00 25.49 ? 45  HOH A O   1 
HETATM 1164 O  O   . HOH M 4 .  ? 8.589   17.262  7.138   1.00 39.58 ? 46  HOH A O   1 
HETATM 1165 O  O   . HOH M 4 .  ? 8.547   12.405  5.793   1.00 21.87 ? 381 HOH A O   1 
HETATM 1166 O  O   . HOH M 4 .  ? 15.383  15.559  2.614   1.00 30.43 ? 382 HOH A O   1 
HETATM 1167 O  O   . HOH N 4 .  ? -13.004 -14.960 9.098   1.00 27.77 ? 2   HOH B O   1 
HETATM 1168 O  O   . HOH N 4 .  ? -13.698 3.179   13.570  1.00 29.82 ? 7   HOH B O   1 
HETATM 1169 O  O   . HOH N 4 .  ? -9.799  1.941   11.584  1.00 30.90 ? 10  HOH B O   1 
HETATM 1170 O  O   . HOH N 4 .  ? -18.544 5.105   7.333   1.00 25.79 ? 11  HOH B O   1 
HETATM 1171 O  O   . HOH N 4 .  ? -18.864 4.239   4.651   1.00 31.02 ? 14  HOH B O   1 
HETATM 1172 O  O   . HOH N 4 .  ? 1.350   -2.276  9.976   1.00 39.05 ? 16  HOH B O   1 
HETATM 1173 O  O   . HOH N 4 .  ? -20.965 -2.931  -7.176  1.00 38.13 ? 18  HOH B O   1 
HETATM 1174 O  O   . HOH N 4 .  ? -20.346 5.246   -1.125  1.00 31.27 ? 21  HOH B O   1 
HETATM 1175 O  O   . HOH N 4 .  ? -27.534 -2.599  5.554   1.00 32.41 ? 22  HOH B O   1 
HETATM 1176 O  O   . HOH N 4 .  ? 7.046   -10.656 -3.201  1.00 37.10 ? 26  HOH B O   1 
HETATM 1177 O  O   . HOH N 4 .  ? -7.461  -4.170  0.322   1.00 25.90 ? 28  HOH B O   1 
HETATM 1178 O  O   . HOH N 4 .  ? -18.002 -13.098 10.219  1.00 41.61 ? 30  HOH B O   1 
HETATM 1179 O  O   . HOH N 4 .  ? -3.006  -12.631 0.006   1.00 31.72 ? 32  HOH B O   1 
HETATM 1180 O  O   . HOH N 4 .  ? -18.969 -2.305  -3.576  1.00 30.03 ? 33  HOH B O   1 
HETATM 1181 O  O   . HOH N 4 .  ? -16.860 -10.478 13.449  1.00 31.64 ? 35  HOH B O   1 
HETATM 1182 O  O   . HOH N 4 .  ? -24.033 -7.457  -0.319  1.00 42.75 ? 37  HOH B O   1 
HETATM 1183 O  O   . HOH N 4 .  ? 5.695   -12.913 4.082   1.00 38.83 ? 38  HOH B O   1 
HETATM 1184 O  O   . HOH N 4 .  ? 4.634   -3.782  2.948   1.00 33.73 ? 42  HOH B O   1 
HETATM 1185 O  O   . HOH N 4 .  ? -3.678  4.580   4.282   1.00 27.60 ? 43  HOH B O   1 
HETATM 1186 O  O   . HOH N 4 .  ? -18.596 -7.870  13.307  1.00 30.43 ? 47  HOH B O   1 
HETATM 1187 O  O   . HOH N 4 .  ? 0.625   -3.544  5.197   1.00 29.94 ? 381 HOH B O   1 
HETATM 1188 O  O   . HOH O 4 .  ? 11.837  15.994  -9.129  1.00 44.53 ? 31  HOH C O   1 
# 
loop_
_pdbx_poly_seq_scheme.asym_id 
_pdbx_poly_seq_scheme.entity_id 
_pdbx_poly_seq_scheme.seq_id 
_pdbx_poly_seq_scheme.mon_id 
_pdbx_poly_seq_scheme.ndb_seq_num 
_pdbx_poly_seq_scheme.pdb_seq_num 
_pdbx_poly_seq_scheme.auth_seq_num 
_pdbx_poly_seq_scheme.pdb_mon_id 
_pdbx_poly_seq_scheme.auth_mon_id 
_pdbx_poly_seq_scheme.pdb_strand_id 
_pdbx_poly_seq_scheme.pdb_ins_code 
_pdbx_poly_seq_scheme.hetero 
A 1 1  SER 1  311 ?   ?   ?   A . n 
A 1 2  GLY 2  312 ?   ?   ?   A . n 
A 1 3  PRO 3  313 313 PRO PRO A . n 
A 1 4  SER 4  314 314 SER SER A . n 
A 1 5  CYS 5  315 315 CYS CYS A . n 
A 1 6  LYS 6  316 316 LYS LYS A . n 
A 1 7  HIS 7  317 317 HIS HIS A . n 
A 1 8  CYS 8  318 318 CYS CYS A . n 
A 1 9  LYS 9  319 319 LYS LYS A . n 
A 1 10 ASP 10 320 320 ASP ASP A . n 
A 1 11 ASP 11 321 321 ASP ASP A . n 
A 1 12 VAL 12 322 322 VAL VAL A . n 
A 1 13 ASN 13 323 323 ASN ASN A . n 
A 1 14 ARG 14 324 324 ARG ARG A . n 
A 1 15 LEU 15 325 325 LEU LEU A . n 
A 1 16 CYS 16 326 326 CYS CYS A . n 
A 1 17 ARG 17 327 327 ARG ARG A . n 
A 1 18 VAL 18 328 328 VAL VAL A . n 
A 1 19 CYS 19 329 329 CYS CYS A . n 
A 1 20 ALA 20 330 330 ALA ALA A . n 
A 1 21 CYS 21 331 331 CYS CYS A . n 
A 1 22 HIS 22 332 332 HIS HIS A . n 
A 1 23 LEU 23 333 333 LEU LEU A . n 
A 1 24 CYS 24 334 334 CYS CYS A . n 
A 1 25 GLY 25 335 335 GLY GLY A . n 
A 1 26 GLY 26 336 336 GLY GLY A . n 
A 1 27 ARG 27 337 337 ARG ARG A . n 
A 1 28 GLN 28 338 338 GLN GLN A . n 
A 1 29 ASP 29 339 339 ASP ASP A . n 
A 1 30 PRO 30 340 340 PRO PRO A . n 
A 1 31 ASP 31 341 341 ASP ASP A . n 
A 1 32 LYS 32 342 342 LYS LYS A . n 
A 1 33 GLN 33 343 343 GLN GLN A . n 
A 1 34 LEU 34 344 344 LEU LEU A . n 
A 1 35 MET 35 345 345 MET MET A . n 
A 1 36 CYS 36 346 346 CYS CYS A . n 
A 1 37 ASP 37 347 347 ASP ASP A . n 
A 1 38 GLU 38 348 348 GLU GLU A . n 
A 1 39 CYS 39 349 349 CYS CYS A . n 
A 1 40 ASP 40 350 350 ASP ASP A . n 
A 1 41 MET 41 351 351 MET MET A . n 
A 1 42 ALA 42 352 352 ALA ALA A . n 
A 1 43 PHE 43 353 353 PHE PHE A . n 
A 1 44 HIS 44 354 354 HIS HIS A . n 
A 1 45 ILE 45 355 355 ILE ILE A . n 
A 1 46 TYR 46 356 356 TYR TYR A . n 
A 1 47 CYS 47 357 357 CYS CYS A . n 
A 1 48 LEU 48 358 358 LEU LEU A . n 
A 1 49 ASP 49 359 359 ASP ASP A . n 
A 1 50 PRO 50 360 360 PRO PRO A . n 
A 1 51 PRO 51 361 361 PRO PRO A . n 
A 1 52 LEU 52 362 362 LEU LEU A . n 
A 1 53 SER 53 363 363 SER SER A . n 
A 1 54 SER 54 364 364 SER SER A . n 
A 1 55 VAL 55 365 365 VAL VAL A . n 
A 1 56 PRO 56 366 366 PRO PRO A . n 
A 1 57 SER 57 367 367 SER SER A . n 
A 1 58 GLU 58 368 368 GLU GLU A . n 
A 1 59 ASP 59 369 369 ASP ASP A . n 
A 1 60 GLU 60 370 370 GLU GLU A . n 
A 1 61 TRP 61 371 371 TRP TRP A . n 
A 1 62 TYR 62 372 372 TYR TYR A . n 
A 1 63 CYS 63 373 373 CYS CYS A . n 
A 1 64 PRO 64 374 374 PRO PRO A . n 
A 1 65 GLU 65 375 375 GLU GLU A . n 
A 1 66 CYS 66 376 376 CYS CYS A . n 
A 1 67 ARG 67 377 377 ARG ARG A . n 
A 1 68 ASN 68 378 378 ASN ASN A . n 
A 1 69 ASP 69 379 379 ASP ASP A . n 
A 1 70 ALA 70 380 ?   ?   ?   A . n 
B 1 1  SER 1  311 ?   ?   ?   B . n 
B 1 2  GLY 2  312 ?   ?   ?   B . n 
B 1 3  PRO 3  313 313 PRO PRO B . n 
B 1 4  SER 4  314 314 SER SER B . n 
B 1 5  CYS 5  315 315 CYS CYS B . n 
B 1 6  LYS 6  316 316 LYS LYS B . n 
B 1 7  HIS 7  317 317 HIS HIS B . n 
B 1 8  CYS 8  318 318 CYS CYS B . n 
B 1 9  LYS 9  319 319 LYS LYS B . n 
B 1 10 ASP 10 320 320 ASP ASP B . n 
B 1 11 ASP 11 321 321 ASP ASP B . n 
B 1 12 VAL 12 322 322 VAL VAL B . n 
B 1 13 ASN 13 323 323 ASN ASN B . n 
B 1 14 ARG 14 324 324 ARG ARG B . n 
B 1 15 LEU 15 325 325 LEU LEU B . n 
B 1 16 CYS 16 326 326 CYS CYS B . n 
B 1 17 ARG 17 327 327 ARG ARG B . n 
B 1 18 VAL 18 328 328 VAL VAL B . n 
B 1 19 CYS 19 329 329 CYS CYS B . n 
B 1 20 ALA 20 330 330 ALA ALA B . n 
B 1 21 CYS 21 331 331 CYS CYS B . n 
B 1 22 HIS 22 332 332 HIS HIS B . n 
B 1 23 LEU 23 333 333 LEU LEU B . n 
B 1 24 CYS 24 334 334 CYS CYS B . n 
B 1 25 GLY 25 335 335 GLY GLY B . n 
B 1 26 GLY 26 336 336 GLY GLY B . n 
B 1 27 ARG 27 337 337 ARG ARG B . n 
B 1 28 GLN 28 338 338 GLN GLN B . n 
B 1 29 ASP 29 339 339 ASP ASP B . n 
B 1 30 PRO 30 340 340 PRO PRO B . n 
B 1 31 ASP 31 341 341 ASP ASP B . n 
B 1 32 LYS 32 342 342 LYS LYS B . n 
B 1 33 GLN 33 343 343 GLN GLN B . n 
B 1 34 LEU 34 344 344 LEU LEU B . n 
B 1 35 MET 35 345 345 MET MET B . n 
B 1 36 CYS 36 346 346 CYS CYS B . n 
B 1 37 ASP 37 347 347 ASP ASP B . n 
B 1 38 GLU 38 348 348 GLU GLU B . n 
B 1 39 CYS 39 349 349 CYS CYS B . n 
B 1 40 ASP 40 350 350 ASP ASP B . n 
B 1 41 MET 41 351 351 MET MET B . n 
B 1 42 ALA 42 352 352 ALA ALA B . n 
B 1 43 PHE 43 353 353 PHE PHE B . n 
B 1 44 HIS 44 354 354 HIS HIS B . n 
B 1 45 ILE 45 355 355 ILE ILE B . n 
B 1 46 TYR 46 356 356 TYR TYR B . n 
B 1 47 CYS 47 357 357 CYS CYS B . n 
B 1 48 LEU 48 358 358 LEU LEU B . n 
B 1 49 ASP 49 359 359 ASP ASP B . n 
B 1 50 PRO 50 360 360 PRO PRO B . n 
B 1 51 PRO 51 361 361 PRO PRO B . n 
B 1 52 LEU 52 362 362 LEU LEU B . n 
B 1 53 SER 53 363 363 SER SER B . n 
B 1 54 SER 54 364 364 SER SER B . n 
B 1 55 VAL 55 365 365 VAL VAL B . n 
B 1 56 PRO 56 366 366 PRO PRO B . n 
B 1 57 SER 57 367 367 SER SER B . n 
B 1 58 GLU 58 368 368 GLU GLU B . n 
B 1 59 ASP 59 369 369 ASP ASP B . n 
B 1 60 GLU 60 370 370 GLU GLU B . n 
B 1 61 TRP 61 371 371 TRP TRP B . n 
B 1 62 TYR 62 372 372 TYR TYR B . n 
B 1 63 CYS 63 373 373 CYS CYS B . n 
B 1 64 PRO 64 374 374 PRO PRO B . n 
B 1 65 GLU 65 375 375 GLU GLU B . n 
B 1 66 CYS 66 376 376 CYS CYS B . n 
B 1 67 ARG 67 377 377 ARG ARG B . n 
B 1 68 ASN 68 378 ?   ?   ?   B . n 
B 1 69 ASP 69 379 ?   ?   ?   B . n 
B 1 70 ALA 70 380 ?   ?   ?   B . n 
C 2 1  ALA 1  1   1   ALA ALA C . n 
C 2 2  ARG 2  2   2   ARG ARG C . n 
C 2 3  THR 3  3   3   THR THR C . n 
C 2 4  M3L 4  4   4   M3L M3L C . n 
C 2 5  GLN 5  5   5   GLN GLN C . n 
C 2 6  THR 6  6   6   THR THR C . n 
C 2 7  ALA 7  7   ?   ?   ?   C . n 
C 2 8  ARG 8  8   ?   ?   ?   C . n 
C 2 9  LYS 9  9   ?   ?   ?   C . n 
D 2 1  ALA 1  1   1   ALA ALA D . n 
D 2 2  ARG 2  2   2   ARG ARG D . n 
D 2 3  THR 3  3   3   THR THR D . n 
D 2 4  M3L 4  4   4   M3L M3L D . n 
D 2 5  GLN 5  5   5   GLN GLN D . n 
D 2 6  THR 6  6   6   THR THR D . n 
D 2 7  ALA 7  7   ?   ?   ?   D . n 
D 2 8  ARG 8  8   ?   ?   ?   D . n 
D 2 9  LYS 9  9   ?   ?   ?   D . n 
# 
loop_
_pdbx_nonpoly_scheme.asym_id 
_pdbx_nonpoly_scheme.entity_id 
_pdbx_nonpoly_scheme.mon_id 
_pdbx_nonpoly_scheme.ndb_seq_num 
_pdbx_nonpoly_scheme.pdb_seq_num 
_pdbx_nonpoly_scheme.auth_seq_num 
_pdbx_nonpoly_scheme.pdb_mon_id 
_pdbx_nonpoly_scheme.auth_mon_id 
_pdbx_nonpoly_scheme.pdb_strand_id 
_pdbx_nonpoly_scheme.pdb_ins_code 
E 3 ZN  1  1   1  ZN  ZN  A . 
F 3 ZN  1  2   2  ZN  ZN  A . 
G 3 ZN  1  3   3  ZN  ZN  A . 
H 3 ZN  1  7   7  ZN  ZN  A . 
I 3 ZN  1  4   4  ZN  ZN  B . 
J 3 ZN  1  5   5  ZN  ZN  B . 
K 3 ZN  1  6   6  ZN  ZN  B . 
L 3 ZN  1  8   8  ZN  ZN  B . 
M 4 HOH 1  5   5  HOH HOH A . 
M 4 HOH 2  6   6  HOH HOH A . 
M 4 HOH 3  8   8  HOH HOH A . 
M 4 HOH 4  9   9  HOH HOH A . 
M 4 HOH 5  12  12 HOH HOH A . 
M 4 HOH 6  13  13 HOH HOH A . 
M 4 HOH 7  15  15 HOH HOH A . 
M 4 HOH 8  17  17 HOH HOH A . 
M 4 HOH 9  19  19 HOH HOH A . 
M 4 HOH 10 20  20 HOH HOH A . 
M 4 HOH 11 23  23 HOH HOH A . 
M 4 HOH 12 24  24 HOH HOH A . 
M 4 HOH 13 25  25 HOH HOH A . 
M 4 HOH 14 27  27 HOH HOH A . 
M 4 HOH 15 29  29 HOH HOH A . 
M 4 HOH 16 34  34 HOH HOH A . 
M 4 HOH 17 36  36 HOH HOH A . 
M 4 HOH 18 39  39 HOH HOH A . 
M 4 HOH 19 40  40 HOH HOH A . 
M 4 HOH 20 41  41 HOH HOH A . 
M 4 HOH 21 44  44 HOH HOH A . 
M 4 HOH 22 45  45 HOH HOH A . 
M 4 HOH 23 46  46 HOH HOH A . 
M 4 HOH 24 381 1  HOH HOH A . 
M 4 HOH 25 382 3  HOH HOH A . 
N 4 HOH 1  2   2  HOH HOH B . 
N 4 HOH 2  7   7  HOH HOH B . 
N 4 HOH 3  10  10 HOH HOH B . 
N 4 HOH 4  11  11 HOH HOH B . 
N 4 HOH 5  14  14 HOH HOH B . 
N 4 HOH 6  16  16 HOH HOH B . 
N 4 HOH 7  18  18 HOH HOH B . 
N 4 HOH 8  21  21 HOH HOH B . 
N 4 HOH 9  22  22 HOH HOH B . 
N 4 HOH 10 26  26 HOH HOH B . 
N 4 HOH 11 28  28 HOH HOH B . 
N 4 HOH 12 30  30 HOH HOH B . 
N 4 HOH 13 32  32 HOH HOH B . 
N 4 HOH 14 33  33 HOH HOH B . 
N 4 HOH 15 35  35 HOH HOH B . 
N 4 HOH 16 37  37 HOH HOH B . 
N 4 HOH 17 38  38 HOH HOH B . 
N 4 HOH 18 42  42 HOH HOH B . 
N 4 HOH 19 43  43 HOH HOH B . 
N 4 HOH 20 47  47 HOH HOH B . 
N 4 HOH 21 381 4  HOH HOH B . 
O 4 HOH 1  31  31 HOH HOH C . 
# 
loop_
_pdbx_struct_mod_residue.id 
_pdbx_struct_mod_residue.label_asym_id 
_pdbx_struct_mod_residue.label_comp_id 
_pdbx_struct_mod_residue.label_seq_id 
_pdbx_struct_mod_residue.auth_asym_id 
_pdbx_struct_mod_residue.auth_comp_id 
_pdbx_struct_mod_residue.auth_seq_id 
_pdbx_struct_mod_residue.PDB_ins_code 
_pdbx_struct_mod_residue.parent_comp_id 
_pdbx_struct_mod_residue.details 
1 C M3L 4 C M3L 4 ? LYS N-TRIMETHYLLYSINE 
2 D M3L 4 D M3L 4 ? LYS N-TRIMETHYLLYSINE 
# 
loop_
_pdbx_struct_assembly.id 
_pdbx_struct_assembly.details 
_pdbx_struct_assembly.method_details 
_pdbx_struct_assembly.oligomeric_details 
_pdbx_struct_assembly.oligomeric_count 
1 author_and_software_defined_assembly PISA dimeric    2 
2 author_and_software_defined_assembly PISA dimeric    2 
3 software_defined_assembly            PISA tetrameric 4 
# 
loop_
_pdbx_struct_assembly_gen.assembly_id 
_pdbx_struct_assembly_gen.oper_expression 
_pdbx_struct_assembly_gen.asym_id_list 
1 1 A,C,E,F,G,H,M,O               
2 1 B,D,I,J,K,L,N                 
3 1 A,B,C,D,E,F,G,H,I,J,K,L,M,N,O 
# 
loop_
_pdbx_struct_assembly_prop.biol_id 
_pdbx_struct_assembly_prop.type 
_pdbx_struct_assembly_prop.value 
_pdbx_struct_assembly_prop.details 
1 'ABSA (A^2)' 1020 ? 
1 MORE         -34  ? 
1 'SSA (A^2)'  5060 ? 
2 'ABSA (A^2)' 980  ? 
2 MORE         -32  ? 
2 'SSA (A^2)'  4920 ? 
3 'ABSA (A^2)' 2780 ? 
3 MORE         -96  ? 
3 'SSA (A^2)'  9190 ? 
# 
_pdbx_struct_oper_list.id                   1 
_pdbx_struct_oper_list.type                 'identity operation' 
_pdbx_struct_oper_list.name                 1_555 
_pdbx_struct_oper_list.symmetry_operation   x,y,z 
_pdbx_struct_oper_list.matrix[1][1]         1.0000000000 
_pdbx_struct_oper_list.matrix[1][2]         0.0000000000 
_pdbx_struct_oper_list.matrix[1][3]         0.0000000000 
_pdbx_struct_oper_list.vector[1]            0.0000000000 
_pdbx_struct_oper_list.matrix[2][1]         0.0000000000 
_pdbx_struct_oper_list.matrix[2][2]         1.0000000000 
_pdbx_struct_oper_list.matrix[2][3]         0.0000000000 
_pdbx_struct_oper_list.vector[2]            0.0000000000 
_pdbx_struct_oper_list.matrix[3][1]         0.0000000000 
_pdbx_struct_oper_list.matrix[3][2]         0.0000000000 
_pdbx_struct_oper_list.matrix[3][3]         1.0000000000 
_pdbx_struct_oper_list.vector[3]            0.0000000000 
# 
loop_
_pdbx_struct_conn_angle.id 
_pdbx_struct_conn_angle.ptnr1_label_atom_id 
_pdbx_struct_conn_angle.ptnr1_label_alt_id 
_pdbx_struct_conn_angle.ptnr1_label_asym_id 
_pdbx_struct_conn_angle.ptnr1_label_comp_id 
_pdbx_struct_conn_angle.ptnr1_label_seq_id 
_pdbx_struct_conn_angle.ptnr1_auth_atom_id 
_pdbx_struct_conn_angle.ptnr1_auth_asym_id 
_pdbx_struct_conn_angle.ptnr1_auth_comp_id 
_pdbx_struct_conn_angle.ptnr1_auth_seq_id 
_pdbx_struct_conn_angle.ptnr1_PDB_ins_code 
_pdbx_struct_conn_angle.ptnr1_symmetry 
_pdbx_struct_conn_angle.ptnr2_label_atom_id 
_pdbx_struct_conn_angle.ptnr2_label_alt_id 
_pdbx_struct_conn_angle.ptnr2_label_asym_id 
_pdbx_struct_conn_angle.ptnr2_label_comp_id 
_pdbx_struct_conn_angle.ptnr2_label_seq_id 
_pdbx_struct_conn_angle.ptnr2_auth_atom_id 
_pdbx_struct_conn_angle.ptnr2_auth_asym_id 
_pdbx_struct_conn_angle.ptnr2_auth_comp_id 
_pdbx_struct_conn_angle.ptnr2_auth_seq_id 
_pdbx_struct_conn_angle.ptnr2_PDB_ins_code 
_pdbx_struct_conn_angle.ptnr2_symmetry 
_pdbx_struct_conn_angle.ptnr3_label_atom_id 
_pdbx_struct_conn_angle.ptnr3_label_alt_id 
_pdbx_struct_conn_angle.ptnr3_label_asym_id 
_pdbx_struct_conn_angle.ptnr3_label_comp_id 
_pdbx_struct_conn_angle.ptnr3_label_seq_id 
_pdbx_struct_conn_angle.ptnr3_auth_atom_id 
_pdbx_struct_conn_angle.ptnr3_auth_asym_id 
_pdbx_struct_conn_angle.ptnr3_auth_comp_id 
_pdbx_struct_conn_angle.ptnr3_auth_seq_id 
_pdbx_struct_conn_angle.ptnr3_PDB_ins_code 
_pdbx_struct_conn_angle.ptnr3_symmetry 
_pdbx_struct_conn_angle.value 
_pdbx_struct_conn_angle.value_esd 
1  SG  ? A CYS 5  ? A CYS 315 ? 1_555 ZN ? E ZN . ? A ZN 1 ? 1_555 SG  ? A CYS 8  ? A CYS 318 ? 1_555 110.6 ? 
2  SG  ? A CYS 5  ? A CYS 315 ? 1_555 ZN ? E ZN . ? A ZN 1 ? 1_555 SG  ? A CYS 16 ? A CYS 326 ? 1_555 111.6 ? 
3  SG  ? A CYS 8  ? A CYS 318 ? 1_555 ZN ? E ZN . ? A ZN 1 ? 1_555 SG  ? A CYS 16 ? A CYS 326 ? 1_555 112.6 ? 
4  SG  ? A CYS 5  ? A CYS 315 ? 1_555 ZN ? E ZN . ? A ZN 1 ? 1_555 SG  ? A CYS 19 ? A CYS 329 ? 1_555 108.0 ? 
5  SG  ? A CYS 8  ? A CYS 318 ? 1_555 ZN ? E ZN . ? A ZN 1 ? 1_555 SG  ? A CYS 19 ? A CYS 329 ? 1_555 100.3 ? 
6  SG  ? A CYS 16 ? A CYS 326 ? 1_555 ZN ? E ZN . ? A ZN 1 ? 1_555 SG  ? A CYS 19 ? A CYS 329 ? 1_555 113.2 ? 
7  SG  ? A CYS 21 ? A CYS 331 ? 1_555 ZN ? F ZN . ? A ZN 2 ? 1_555 SG  ? A CYS 24 ? A CYS 334 ? 1_555 109.7 ? 
8  SG  ? A CYS 21 ? A CYS 331 ? 1_555 ZN ? F ZN . ? A ZN 2 ? 1_555 ND1 ? A HIS 44 ? A HIS 354 ? 1_555 100.9 ? 
9  SG  ? A CYS 24 ? A CYS 334 ? 1_555 ZN ? F ZN . ? A ZN 2 ? 1_555 ND1 ? A HIS 44 ? A HIS 354 ? 1_555 98.1  ? 
10 SG  ? A CYS 21 ? A CYS 331 ? 1_555 ZN ? F ZN . ? A ZN 2 ? 1_555 SG  ? A CYS 47 ? A CYS 357 ? 1_555 124.3 ? 
11 SG  ? A CYS 24 ? A CYS 334 ? 1_555 ZN ? F ZN . ? A ZN 2 ? 1_555 SG  ? A CYS 47 ? A CYS 357 ? 1_555 107.5 ? 
12 ND1 ? A HIS 44 ? A HIS 354 ? 1_555 ZN ? F ZN . ? A ZN 2 ? 1_555 SG  ? A CYS 47 ? A CYS 357 ? 1_555 113.2 ? 
13 SG  ? A CYS 36 ? A CYS 346 ? 1_555 ZN ? G ZN . ? A ZN 3 ? 1_555 SG  ? A CYS 39 ? A CYS 349 ? 1_555 105.9 ? 
14 SG  ? A CYS 36 ? A CYS 346 ? 1_555 ZN ? G ZN . ? A ZN 3 ? 1_555 SG  ? A CYS 63 ? A CYS 373 ? 1_555 109.0 ? 
15 SG  ? A CYS 39 ? A CYS 349 ? 1_555 ZN ? G ZN . ? A ZN 3 ? 1_555 SG  ? A CYS 63 ? A CYS 373 ? 1_555 114.3 ? 
16 SG  ? A CYS 36 ? A CYS 346 ? 1_555 ZN ? G ZN . ? A ZN 3 ? 1_555 SG  ? A CYS 66 ? A CYS 376 ? 1_555 109.1 ? 
17 SG  ? A CYS 39 ? A CYS 349 ? 1_555 ZN ? G ZN . ? A ZN 3 ? 1_555 SG  ? A CYS 66 ? A CYS 376 ? 1_555 111.9 ? 
18 SG  ? A CYS 63 ? A CYS 373 ? 1_555 ZN ? G ZN . ? A ZN 3 ? 1_555 SG  ? A CYS 66 ? A CYS 376 ? 1_555 106.6 ? 
19 NE2 ? A HIS 22 ? A HIS 332 ? 1_555 ZN ? H ZN . ? A ZN 7 ? 1_555 OE2 ? A GLU 65 ? A GLU 375 ? 1_555 105.9 ? 
20 NE2 ? A HIS 22 ? A HIS 332 ? 1_555 ZN ? H ZN . ? A ZN 7 ? 1_555 ND1 ? B HIS 7  ? B HIS 317 ? 1_555 109.1 ? 
21 OE2 ? A GLU 65 ? A GLU 375 ? 1_555 ZN ? H ZN . ? A ZN 7 ? 1_555 ND1 ? B HIS 7  ? B HIS 317 ? 1_555 124.2 ? 
22 ND1 ? A HIS 7  ? A HIS 317 ? 1_555 ZN ? L ZN . ? B ZN 8 ? 1_555 NE2 ? B HIS 22 ? B HIS 332 ? 1_555 111.4 ? 
23 ND1 ? A HIS 7  ? A HIS 317 ? 1_555 ZN ? L ZN . ? B ZN 8 ? 1_555 OE2 ? B GLU 65 ? B GLU 375 ? 1_555 117.0 ? 
24 NE2 ? B HIS 22 ? B HIS 332 ? 1_555 ZN ? L ZN . ? B ZN 8 ? 1_555 OE2 ? B GLU 65 ? B GLU 375 ? 1_555 108.6 ? 
25 SG  ? B CYS 21 ? B CYS 331 ? 1_555 ZN ? I ZN . ? B ZN 4 ? 1_555 SG  ? B CYS 24 ? B CYS 334 ? 1_555 109.6 ? 
26 SG  ? B CYS 21 ? B CYS 331 ? 1_555 ZN ? I ZN . ? B ZN 4 ? 1_555 ND1 ? B HIS 44 ? B HIS 354 ? 1_555 100.1 ? 
27 SG  ? B CYS 24 ? B CYS 334 ? 1_555 ZN ? I ZN . ? B ZN 4 ? 1_555 ND1 ? B HIS 44 ? B HIS 354 ? 1_555 97.1  ? 
28 SG  ? B CYS 21 ? B CYS 331 ? 1_555 ZN ? I ZN . ? B ZN 4 ? 1_555 SG  ? B CYS 47 ? B CYS 357 ? 1_555 122.7 ? 
29 SG  ? B CYS 24 ? B CYS 334 ? 1_555 ZN ? I ZN . ? B ZN 4 ? 1_555 SG  ? B CYS 47 ? B CYS 357 ? 1_555 110.1 ? 
30 ND1 ? B HIS 44 ? B HIS 354 ? 1_555 ZN ? I ZN . ? B ZN 4 ? 1_555 SG  ? B CYS 47 ? B CYS 357 ? 1_555 114.0 ? 
31 SG  ? B CYS 5  ? B CYS 315 ? 1_555 ZN ? J ZN . ? B ZN 5 ? 1_555 SG  ? B CYS 8  ? B CYS 318 ? 1_555 110.5 ? 
32 SG  ? B CYS 5  ? B CYS 315 ? 1_555 ZN ? J ZN . ? B ZN 5 ? 1_555 SG  ? B CYS 16 ? B CYS 326 ? 1_555 114.2 ? 
33 SG  ? B CYS 8  ? B CYS 318 ? 1_555 ZN ? J ZN . ? B ZN 5 ? 1_555 SG  ? B CYS 16 ? B CYS 326 ? 1_555 112.2 ? 
34 SG  ? B CYS 5  ? B CYS 315 ? 1_555 ZN ? J ZN . ? B ZN 5 ? 1_555 SG  ? B CYS 19 ? B CYS 329 ? 1_555 107.6 ? 
35 SG  ? B CYS 8  ? B CYS 318 ? 1_555 ZN ? J ZN . ? B ZN 5 ? 1_555 SG  ? B CYS 19 ? B CYS 329 ? 1_555 99.9  ? 
36 SG  ? B CYS 16 ? B CYS 326 ? 1_555 ZN ? J ZN . ? B ZN 5 ? 1_555 SG  ? B CYS 19 ? B CYS 329 ? 1_555 111.3 ? 
37 SG  ? B CYS 36 ? B CYS 346 ? 1_555 ZN ? K ZN . ? B ZN 6 ? 1_555 SG  ? B CYS 39 ? B CYS 349 ? 1_555 103.2 ? 
38 SG  ? B CYS 36 ? B CYS 346 ? 1_555 ZN ? K ZN . ? B ZN 6 ? 1_555 SG  ? B CYS 63 ? B CYS 373 ? 1_555 109.9 ? 
39 SG  ? B CYS 39 ? B CYS 349 ? 1_555 ZN ? K ZN . ? B ZN 6 ? 1_555 SG  ? B CYS 63 ? B CYS 373 ? 1_555 113.9 ? 
40 SG  ? B CYS 36 ? B CYS 346 ? 1_555 ZN ? K ZN . ? B ZN 6 ? 1_555 SG  ? B CYS 66 ? B CYS 376 ? 1_555 111.3 ? 
41 SG  ? B CYS 39 ? B CYS 349 ? 1_555 ZN ? K ZN . ? B ZN 6 ? 1_555 SG  ? B CYS 66 ? B CYS 376 ? 1_555 109.3 ? 
42 SG  ? B CYS 63 ? B CYS 373 ? 1_555 ZN ? K ZN . ? B ZN 6 ? 1_555 SG  ? B CYS 66 ? B CYS 376 ? 1_555 109.1 ? 
# 
loop_
_pdbx_audit_revision_history.ordinal 
_pdbx_audit_revision_history.data_content_type 
_pdbx_audit_revision_history.major_revision 
_pdbx_audit_revision_history.minor_revision 
_pdbx_audit_revision_history.revision_date 
1 'Structure model' 1 0 2011-08-03 
2 'Structure model' 1 1 2017-11-08 
3 'Structure model' 1 2 2023-09-13 
# 
_pdbx_audit_revision_details.ordinal             1 
_pdbx_audit_revision_details.revision_ordinal    1 
_pdbx_audit_revision_details.data_content_type   'Structure model' 
_pdbx_audit_revision_details.provider            repository 
_pdbx_audit_revision_details.type                'Initial release' 
_pdbx_audit_revision_details.description         ? 
_pdbx_audit_revision_details.details             ? 
# 
loop_
_pdbx_audit_revision_group.ordinal 
_pdbx_audit_revision_group.revision_ordinal 
_pdbx_audit_revision_group.data_content_type 
_pdbx_audit_revision_group.group 
1 2 'Structure model' 'Refinement description' 
2 3 'Structure model' 'Data collection'        
3 3 'Structure model' 'Database references'    
4 3 'Structure model' 'Derived calculations'   
5 3 'Structure model' 'Refinement description' 
# 
loop_
_pdbx_audit_revision_category.ordinal 
_pdbx_audit_revision_category.revision_ordinal 
_pdbx_audit_revision_category.data_content_type 
_pdbx_audit_revision_category.category 
1 2 'Structure model' software                      
2 3 'Structure model' chem_comp_atom                
3 3 'Structure model' chem_comp_bond                
4 3 'Structure model' database_2                    
5 3 'Structure model' pdbx_initial_refinement_model 
6 3 'Structure model' pdbx_struct_conn_angle        
7 3 'Structure model' struct_conn                   
8 3 'Structure model' struct_site                   
# 
loop_
_pdbx_audit_revision_item.ordinal 
_pdbx_audit_revision_item.revision_ordinal 
_pdbx_audit_revision_item.data_content_type 
_pdbx_audit_revision_item.item 
1  2 'Structure model' '_software.classification'                    
2  2 'Structure model' '_software.name'                              
3  3 'Structure model' '_database_2.pdbx_DOI'                        
4  3 'Structure model' '_database_2.pdbx_database_accession'         
5  3 'Structure model' '_pdbx_struct_conn_angle.ptnr1_auth_asym_id'  
6  3 'Structure model' '_pdbx_struct_conn_angle.ptnr1_auth_comp_id'  
7  3 'Structure model' '_pdbx_struct_conn_angle.ptnr1_auth_seq_id'   
8  3 'Structure model' '_pdbx_struct_conn_angle.ptnr1_label_asym_id' 
9  3 'Structure model' '_pdbx_struct_conn_angle.ptnr1_label_atom_id' 
10 3 'Structure model' '_pdbx_struct_conn_angle.ptnr1_label_comp_id' 
11 3 'Structure model' '_pdbx_struct_conn_angle.ptnr1_label_seq_id'  
12 3 'Structure model' '_pdbx_struct_conn_angle.ptnr2_auth_asym_id'  
13 3 'Structure model' '_pdbx_struct_conn_angle.ptnr2_auth_seq_id'   
14 3 'Structure model' '_pdbx_struct_conn_angle.ptnr2_label_asym_id' 
15 3 'Structure model' '_pdbx_struct_conn_angle.ptnr3_auth_asym_id'  
16 3 'Structure model' '_pdbx_struct_conn_angle.ptnr3_auth_comp_id'  
17 3 'Structure model' '_pdbx_struct_conn_angle.ptnr3_auth_seq_id'   
18 3 'Structure model' '_pdbx_struct_conn_angle.ptnr3_label_asym_id' 
19 3 'Structure model' '_pdbx_struct_conn_angle.ptnr3_label_atom_id' 
20 3 'Structure model' '_pdbx_struct_conn_angle.ptnr3_label_comp_id' 
21 3 'Structure model' '_pdbx_struct_conn_angle.ptnr3_label_seq_id'  
22 3 'Structure model' '_pdbx_struct_conn_angle.value'               
23 3 'Structure model' '_struct_conn.pdbx_dist_value'                
24 3 'Structure model' '_struct_conn.pdbx_leaving_atom_flag'         
25 3 'Structure model' '_struct_conn.ptnr1_auth_asym_id'             
26 3 'Structure model' '_struct_conn.ptnr1_auth_comp_id'             
27 3 'Structure model' '_struct_conn.ptnr1_auth_seq_id'              
28 3 'Structure model' '_struct_conn.ptnr1_label_asym_id'            
29 3 'Structure model' '_struct_conn.ptnr1_label_atom_id'            
30 3 'Structure model' '_struct_conn.ptnr1_label_comp_id'            
31 3 'Structure model' '_struct_conn.ptnr1_label_seq_id'             
32 3 'Structure model' '_struct_conn.ptnr2_auth_asym_id'             
33 3 'Structure model' '_struct_conn.ptnr2_auth_comp_id'             
34 3 'Structure model' '_struct_conn.ptnr2_auth_seq_id'              
35 3 'Structure model' '_struct_conn.ptnr2_label_asym_id'            
36 3 'Structure model' '_struct_conn.ptnr2_label_atom_id'            
37 3 'Structure model' '_struct_conn.ptnr2_label_comp_id'            
38 3 'Structure model' '_struct_conn.ptnr2_label_seq_id'             
39 3 'Structure model' '_struct_site.pdbx_auth_asym_id'              
40 3 'Structure model' '_struct_site.pdbx_auth_comp_id'              
41 3 'Structure model' '_struct_site.pdbx_auth_seq_id'               
# 
_phasing.method   MR 
# 
loop_
_software.pdbx_ordinal 
_software.name 
_software.version 
_software.date 
_software.type 
_software.contact_author 
_software.contact_author_email 
_software.classification 
_software.location 
_software.language 
_software.citation_id 
1 DENZO       .     ?               program 'Zbyszek Otwinowski' hkl@hkl-xray.com         'data reduction'  
http://www.hkl-xray.com/                    ?          ? 
2 SCALEPACK   .     ?               package 'Zbyszek Otwinowski' hkl@hkl-xray.com         'data scaling'    
http://www.hkl-xray.com/                    ?          ? 
3 MOLREP      .     ?               program 'Alexei Vaguine'     alexei@ysbl.york.ac.uk   phasing           
http://www.ccp4.ac.uk/dist/html/molrep.html Fortran_77 ? 
4 PHENIX      1.5_2 ?               package 'Paul D. Adams'      PDAdams@lbl.gov          refinement        
http://www.phenix-online.org/               C++        ? 
5 PDB_EXTRACT 3.10  'June 10, 2010' package PDB                  deposit@deposit.rcsb.org 'data extraction' 
http://sw-tools.pdb.org/apps/PDB_EXTRACT/   C++        ? 
6 HKL-2000    .     ?               ?       ?                    ?                        'data scaling'    ? ?          ? 
# 
loop_
_pdbx_validate_torsion.id 
_pdbx_validate_torsion.PDB_model_num 
_pdbx_validate_torsion.auth_comp_id 
_pdbx_validate_torsion.auth_asym_id 
_pdbx_validate_torsion.auth_seq_id 
_pdbx_validate_torsion.PDB_ins_code 
_pdbx_validate_torsion.label_alt_id 
_pdbx_validate_torsion.phi 
_pdbx_validate_torsion.psi 
1 1 ALA A 330 ? ? -121.45 -155.62 
2 1 GLU A 348 ? ? -104.04 -61.38  
3 1 ALA B 330 ? ? -116.95 -154.95 
# 
loop_
_pdbx_unobs_or_zero_occ_atoms.id 
_pdbx_unobs_or_zero_occ_atoms.PDB_model_num 
_pdbx_unobs_or_zero_occ_atoms.polymer_flag 
_pdbx_unobs_or_zero_occ_atoms.occupancy_flag 
_pdbx_unobs_or_zero_occ_atoms.auth_asym_id 
_pdbx_unobs_or_zero_occ_atoms.auth_comp_id 
_pdbx_unobs_or_zero_occ_atoms.auth_seq_id 
_pdbx_unobs_or_zero_occ_atoms.PDB_ins_code 
_pdbx_unobs_or_zero_occ_atoms.auth_atom_id 
_pdbx_unobs_or_zero_occ_atoms.label_alt_id 
_pdbx_unobs_or_zero_occ_atoms.label_asym_id 
_pdbx_unobs_or_zero_occ_atoms.label_comp_id 
_pdbx_unobs_or_zero_occ_atoms.label_seq_id 
_pdbx_unobs_or_zero_occ_atoms.label_atom_id 
1 1 Y 1 A ASN 378 ? CG  ? A ASN 68 CG  
2 1 Y 1 A ASN 378 ? OD1 ? A ASN 68 OD1 
3 1 Y 1 A ASN 378 ? ND2 ? A ASN 68 ND2 
4 1 Y 1 D GLN 5   ? CG  ? D GLN 5  CG  
5 1 Y 1 D GLN 5   ? CD  ? D GLN 5  CD  
6 1 Y 1 D GLN 5   ? OE1 ? D GLN 5  OE1 
7 1 Y 1 D GLN 5   ? NE2 ? D GLN 5  NE2 
# 
loop_
_pdbx_unobs_or_zero_occ_residues.id 
_pdbx_unobs_or_zero_occ_residues.PDB_model_num 
_pdbx_unobs_or_zero_occ_residues.polymer_flag 
_pdbx_unobs_or_zero_occ_residues.occupancy_flag 
_pdbx_unobs_or_zero_occ_residues.auth_asym_id 
_pdbx_unobs_or_zero_occ_residues.auth_comp_id 
_pdbx_unobs_or_zero_occ_residues.auth_seq_id 
_pdbx_unobs_or_zero_occ_residues.PDB_ins_code 
_pdbx_unobs_or_zero_occ_residues.label_asym_id 
_pdbx_unobs_or_zero_occ_residues.label_comp_id 
_pdbx_unobs_or_zero_occ_residues.label_seq_id 
1  1 Y 1 A SER 311 ? A SER 1  
2  1 Y 1 A GLY 312 ? A GLY 2  
3  1 Y 1 A ALA 380 ? A ALA 70 
4  1 Y 1 B SER 311 ? B SER 1  
5  1 Y 1 B GLY 312 ? B GLY 2  
6  1 Y 1 B ASN 378 ? B ASN 68 
7  1 Y 1 B ASP 379 ? B ASP 69 
8  1 Y 1 B ALA 380 ? B ALA 70 
9  1 Y 1 C ALA 7   ? C ALA 7  
10 1 Y 1 C ARG 8   ? C ARG 8  
11 1 Y 1 C LYS 9   ? C LYS 9  
12 1 Y 1 D ALA 7   ? D ALA 7  
13 1 Y 1 D ARG 8   ? D ARG 8  
14 1 Y 1 D LYS 9   ? D LYS 9  
# 
loop_
_chem_comp_atom.comp_id 
_chem_comp_atom.atom_id 
_chem_comp_atom.type_symbol 
_chem_comp_atom.pdbx_aromatic_flag 
_chem_comp_atom.pdbx_stereo_config 
_chem_comp_atom.pdbx_ordinal 
ALA N    N  N N 1   
ALA CA   C  N S 2   
ALA C    C  N N 3   
ALA O    O  N N 4   
ALA CB   C  N N 5   
ALA OXT  O  N N 6   
ALA H    H  N N 7   
ALA H2   H  N N 8   
ALA HA   H  N N 9   
ALA HB1  H  N N 10  
ALA HB2  H  N N 11  
ALA HB3  H  N N 12  
ALA HXT  H  N N 13  
ARG N    N  N N 14  
ARG CA   C  N S 15  
ARG C    C  N N 16  
ARG O    O  N N 17  
ARG CB   C  N N 18  
ARG CG   C  N N 19  
ARG CD   C  N N 20  
ARG NE   N  N N 21  
ARG CZ   C  N N 22  
ARG NH1  N  N N 23  
ARG NH2  N  N N 24  
ARG OXT  O  N N 25  
ARG H    H  N N 26  
ARG H2   H  N N 27  
ARG HA   H  N N 28  
ARG HB2  H  N N 29  
ARG HB3  H  N N 30  
ARG HG2  H  N N 31  
ARG HG3  H  N N 32  
ARG HD2  H  N N 33  
ARG HD3  H  N N 34  
ARG HE   H  N N 35  
ARG HH11 H  N N 36  
ARG HH12 H  N N 37  
ARG HH21 H  N N 38  
ARG HH22 H  N N 39  
ARG HXT  H  N N 40  
ASN N    N  N N 41  
ASN CA   C  N S 42  
ASN C    C  N N 43  
ASN O    O  N N 44  
ASN CB   C  N N 45  
ASN CG   C  N N 46  
ASN OD1  O  N N 47  
ASN ND2  N  N N 48  
ASN OXT  O  N N 49  
ASN H    H  N N 50  
ASN H2   H  N N 51  
ASN HA   H  N N 52  
ASN HB2  H  N N 53  
ASN HB3  H  N N 54  
ASN HD21 H  N N 55  
ASN HD22 H  N N 56  
ASN HXT  H  N N 57  
ASP N    N  N N 58  
ASP CA   C  N S 59  
ASP C    C  N N 60  
ASP O    O  N N 61  
ASP CB   C  N N 62  
ASP CG   C  N N 63  
ASP OD1  O  N N 64  
ASP OD2  O  N N 65  
ASP OXT  O  N N 66  
ASP H    H  N N 67  
ASP H2   H  N N 68  
ASP HA   H  N N 69  
ASP HB2  H  N N 70  
ASP HB3  H  N N 71  
ASP HD2  H  N N 72  
ASP HXT  H  N N 73  
CYS N    N  N N 74  
CYS CA   C  N R 75  
CYS C    C  N N 76  
CYS O    O  N N 77  
CYS CB   C  N N 78  
CYS SG   S  N N 79  
CYS OXT  O  N N 80  
CYS H    H  N N 81  
CYS H2   H  N N 82  
CYS HA   H  N N 83  
CYS HB2  H  N N 84  
CYS HB3  H  N N 85  
CYS HG   H  N N 86  
CYS HXT  H  N N 87  
GLN N    N  N N 88  
GLN CA   C  N S 89  
GLN C    C  N N 90  
GLN O    O  N N 91  
GLN CB   C  N N 92  
GLN CG   C  N N 93  
GLN CD   C  N N 94  
GLN OE1  O  N N 95  
GLN NE2  N  N N 96  
GLN OXT  O  N N 97  
GLN H    H  N N 98  
GLN H2   H  N N 99  
GLN HA   H  N N 100 
GLN HB2  H  N N 101 
GLN HB3  H  N N 102 
GLN HG2  H  N N 103 
GLN HG3  H  N N 104 
GLN HE21 H  N N 105 
GLN HE22 H  N N 106 
GLN HXT  H  N N 107 
GLU N    N  N N 108 
GLU CA   C  N S 109 
GLU C    C  N N 110 
GLU O    O  N N 111 
GLU CB   C  N N 112 
GLU CG   C  N N 113 
GLU CD   C  N N 114 
GLU OE1  O  N N 115 
GLU OE2  O  N N 116 
GLU OXT  O  N N 117 
GLU H    H  N N 118 
GLU H2   H  N N 119 
GLU HA   H  N N 120 
GLU HB2  H  N N 121 
GLU HB3  H  N N 122 
GLU HG2  H  N N 123 
GLU HG3  H  N N 124 
GLU HE2  H  N N 125 
GLU HXT  H  N N 126 
GLY N    N  N N 127 
GLY CA   C  N N 128 
GLY C    C  N N 129 
GLY O    O  N N 130 
GLY OXT  O  N N 131 
GLY H    H  N N 132 
GLY H2   H  N N 133 
GLY HA2  H  N N 134 
GLY HA3  H  N N 135 
GLY HXT  H  N N 136 
HIS N    N  N N 137 
HIS CA   C  N S 138 
HIS C    C  N N 139 
HIS O    O  N N 140 
HIS CB   C  N N 141 
HIS CG   C  Y N 142 
HIS ND1  N  Y N 143 
HIS CD2  C  Y N 144 
HIS CE1  C  Y N 145 
HIS NE2  N  Y N 146 
HIS OXT  O  N N 147 
HIS H    H  N N 148 
HIS H2   H  N N 149 
HIS HA   H  N N 150 
HIS HB2  H  N N 151 
HIS HB3  H  N N 152 
HIS HD1  H  N N 153 
HIS HD2  H  N N 154 
HIS HE1  H  N N 155 
HIS HE2  H  N N 156 
HIS HXT  H  N N 157 
HOH O    O  N N 158 
HOH H1   H  N N 159 
HOH H2   H  N N 160 
ILE N    N  N N 161 
ILE CA   C  N S 162 
ILE C    C  N N 163 
ILE O    O  N N 164 
ILE CB   C  N S 165 
ILE CG1  C  N N 166 
ILE CG2  C  N N 167 
ILE CD1  C  N N 168 
ILE OXT  O  N N 169 
ILE H    H  N N 170 
ILE H2   H  N N 171 
ILE HA   H  N N 172 
ILE HB   H  N N 173 
ILE HG12 H  N N 174 
ILE HG13 H  N N 175 
ILE HG21 H  N N 176 
ILE HG22 H  N N 177 
ILE HG23 H  N N 178 
ILE HD11 H  N N 179 
ILE HD12 H  N N 180 
ILE HD13 H  N N 181 
ILE HXT  H  N N 182 
LEU N    N  N N 183 
LEU CA   C  N S 184 
LEU C    C  N N 185 
LEU O    O  N N 186 
LEU CB   C  N N 187 
LEU CG   C  N N 188 
LEU CD1  C  N N 189 
LEU CD2  C  N N 190 
LEU OXT  O  N N 191 
LEU H    H  N N 192 
LEU H2   H  N N 193 
LEU HA   H  N N 194 
LEU HB2  H  N N 195 
LEU HB3  H  N N 196 
LEU HG   H  N N 197 
LEU HD11 H  N N 198 
LEU HD12 H  N N 199 
LEU HD13 H  N N 200 
LEU HD21 H  N N 201 
LEU HD22 H  N N 202 
LEU HD23 H  N N 203 
LEU HXT  H  N N 204 
LYS N    N  N N 205 
LYS CA   C  N S 206 
LYS C    C  N N 207 
LYS O    O  N N 208 
LYS CB   C  N N 209 
LYS CG   C  N N 210 
LYS CD   C  N N 211 
LYS CE   C  N N 212 
LYS NZ   N  N N 213 
LYS OXT  O  N N 214 
LYS H    H  N N 215 
LYS H2   H  N N 216 
LYS HA   H  N N 217 
LYS HB2  H  N N 218 
LYS HB3  H  N N 219 
LYS HG2  H  N N 220 
LYS HG3  H  N N 221 
LYS HD2  H  N N 222 
LYS HD3  H  N N 223 
LYS HE2  H  N N 224 
LYS HE3  H  N N 225 
LYS HZ1  H  N N 226 
LYS HZ2  H  N N 227 
LYS HZ3  H  N N 228 
LYS HXT  H  N N 229 
M3L N    N  N N 230 
M3L CA   C  N S 231 
M3L CB   C  N N 232 
M3L CG   C  N N 233 
M3L CD   C  N N 234 
M3L CE   C  N N 235 
M3L NZ   N  N N 236 
M3L C    C  N N 237 
M3L O    O  N N 238 
M3L OXT  O  N N 239 
M3L CM1  C  N N 240 
M3L CM2  C  N N 241 
M3L CM3  C  N N 242 
M3L H    H  N N 243 
M3L H2   H  N N 244 
M3L HA   H  N N 245 
M3L HB2  H  N N 246 
M3L HB3  H  N N 247 
M3L HG2  H  N N 248 
M3L HG3  H  N N 249 
M3L HD2  H  N N 250 
M3L HD3  H  N N 251 
M3L HE2  H  N N 252 
M3L HE3  H  N N 253 
M3L HXT  H  N N 254 
M3L HM11 H  N N 255 
M3L HM12 H  N N 256 
M3L HM13 H  N N 257 
M3L HM21 H  N N 258 
M3L HM22 H  N N 259 
M3L HM23 H  N N 260 
M3L HM31 H  N N 261 
M3L HM32 H  N N 262 
M3L HM33 H  N N 263 
MET N    N  N N 264 
MET CA   C  N S 265 
MET C    C  N N 266 
MET O    O  N N 267 
MET CB   C  N N 268 
MET CG   C  N N 269 
MET SD   S  N N 270 
MET CE   C  N N 271 
MET OXT  O  N N 272 
MET H    H  N N 273 
MET H2   H  N N 274 
MET HA   H  N N 275 
MET HB2  H  N N 276 
MET HB3  H  N N 277 
MET HG2  H  N N 278 
MET HG3  H  N N 279 
MET HE1  H  N N 280 
MET HE2  H  N N 281 
MET HE3  H  N N 282 
MET HXT  H  N N 283 
PHE N    N  N N 284 
PHE CA   C  N S 285 
PHE C    C  N N 286 
PHE O    O  N N 287 
PHE CB   C  N N 288 
PHE CG   C  Y N 289 
PHE CD1  C  Y N 290 
PHE CD2  C  Y N 291 
PHE CE1  C  Y N 292 
PHE CE2  C  Y N 293 
PHE CZ   C  Y N 294 
PHE OXT  O  N N 295 
PHE H    H  N N 296 
PHE H2   H  N N 297 
PHE HA   H  N N 298 
PHE HB2  H  N N 299 
PHE HB3  H  N N 300 
PHE HD1  H  N N 301 
PHE HD2  H  N N 302 
PHE HE1  H  N N 303 
PHE HE2  H  N N 304 
PHE HZ   H  N N 305 
PHE HXT  H  N N 306 
PRO N    N  N N 307 
PRO CA   C  N S 308 
PRO C    C  N N 309 
PRO O    O  N N 310 
PRO CB   C  N N 311 
PRO CG   C  N N 312 
PRO CD   C  N N 313 
PRO OXT  O  N N 314 
PRO H    H  N N 315 
PRO HA   H  N N 316 
PRO HB2  H  N N 317 
PRO HB3  H  N N 318 
PRO HG2  H  N N 319 
PRO HG3  H  N N 320 
PRO HD2  H  N N 321 
PRO HD3  H  N N 322 
PRO HXT  H  N N 323 
SER N    N  N N 324 
SER CA   C  N S 325 
SER C    C  N N 326 
SER O    O  N N 327 
SER CB   C  N N 328 
SER OG   O  N N 329 
SER OXT  O  N N 330 
SER H    H  N N 331 
SER H2   H  N N 332 
SER HA   H  N N 333 
SER HB2  H  N N 334 
SER HB3  H  N N 335 
SER HG   H  N N 336 
SER HXT  H  N N 337 
THR N    N  N N 338 
THR CA   C  N S 339 
THR C    C  N N 340 
THR O    O  N N 341 
THR CB   C  N R 342 
THR OG1  O  N N 343 
THR CG2  C  N N 344 
THR OXT  O  N N 345 
THR H    H  N N 346 
THR H2   H  N N 347 
THR HA   H  N N 348 
THR HB   H  N N 349 
THR HG1  H  N N 350 
THR HG21 H  N N 351 
THR HG22 H  N N 352 
THR HG23 H  N N 353 
THR HXT  H  N N 354 
TRP N    N  N N 355 
TRP CA   C  N S 356 
TRP C    C  N N 357 
TRP O    O  N N 358 
TRP CB   C  N N 359 
TRP CG   C  Y N 360 
TRP CD1  C  Y N 361 
TRP CD2  C  Y N 362 
TRP NE1  N  Y N 363 
TRP CE2  C  Y N 364 
TRP CE3  C  Y N 365 
TRP CZ2  C  Y N 366 
TRP CZ3  C  Y N 367 
TRP CH2  C  Y N 368 
TRP OXT  O  N N 369 
TRP H    H  N N 370 
TRP H2   H  N N 371 
TRP HA   H  N N 372 
TRP HB2  H  N N 373 
TRP HB3  H  N N 374 
TRP HD1  H  N N 375 
TRP HE1  H  N N 376 
TRP HE3  H  N N 377 
TRP HZ2  H  N N 378 
TRP HZ3  H  N N 379 
TRP HH2  H  N N 380 
TRP HXT  H  N N 381 
TYR N    N  N N 382 
TYR CA   C  N S 383 
TYR C    C  N N 384 
TYR O    O  N N 385 
TYR CB   C  N N 386 
TYR CG   C  Y N 387 
TYR CD1  C  Y N 388 
TYR CD2  C  Y N 389 
TYR CE1  C  Y N 390 
TYR CE2  C  Y N 391 
TYR CZ   C  Y N 392 
TYR OH   O  N N 393 
TYR OXT  O  N N 394 
TYR H    H  N N 395 
TYR H2   H  N N 396 
TYR HA   H  N N 397 
TYR HB2  H  N N 398 
TYR HB3  H  N N 399 
TYR HD1  H  N N 400 
TYR HD2  H  N N 401 
TYR HE1  H  N N 402 
TYR HE2  H  N N 403 
TYR HH   H  N N 404 
TYR HXT  H  N N 405 
VAL N    N  N N 406 
VAL CA   C  N S 407 
VAL C    C  N N 408 
VAL O    O  N N 409 
VAL CB   C  N N 410 
VAL CG1  C  N N 411 
VAL CG2  C  N N 412 
VAL OXT  O  N N 413 
VAL H    H  N N 414 
VAL H2   H  N N 415 
VAL HA   H  N N 416 
VAL HB   H  N N 417 
VAL HG11 H  N N 418 
VAL HG12 H  N N 419 
VAL HG13 H  N N 420 
VAL HG21 H  N N 421 
VAL HG22 H  N N 422 
VAL HG23 H  N N 423 
VAL HXT  H  N N 424 
ZN  ZN   ZN N N 425 
# 
loop_
_chem_comp_bond.comp_id 
_chem_comp_bond.atom_id_1 
_chem_comp_bond.atom_id_2 
_chem_comp_bond.value_order 
_chem_comp_bond.pdbx_aromatic_flag 
_chem_comp_bond.pdbx_stereo_config 
_chem_comp_bond.pdbx_ordinal 
ALA N   CA   sing N N 1   
ALA N   H    sing N N 2   
ALA N   H2   sing N N 3   
ALA CA  C    sing N N 4   
ALA CA  CB   sing N N 5   
ALA CA  HA   sing N N 6   
ALA C   O    doub N N 7   
ALA C   OXT  sing N N 8   
ALA CB  HB1  sing N N 9   
ALA CB  HB2  sing N N 10  
ALA CB  HB3  sing N N 11  
ALA OXT HXT  sing N N 12  
ARG N   CA   sing N N 13  
ARG N   H    sing N N 14  
ARG N   H2   sing N N 15  
ARG CA  C    sing N N 16  
ARG CA  CB   sing N N 17  
ARG CA  HA   sing N N 18  
ARG C   O    doub N N 19  
ARG C   OXT  sing N N 20  
ARG CB  CG   sing N N 21  
ARG CB  HB2  sing N N 22  
ARG CB  HB3  sing N N 23  
ARG CG  CD   sing N N 24  
ARG CG  HG2  sing N N 25  
ARG CG  HG3  sing N N 26  
ARG CD  NE   sing N N 27  
ARG CD  HD2  sing N N 28  
ARG CD  HD3  sing N N 29  
ARG NE  CZ   sing N N 30  
ARG NE  HE   sing N N 31  
ARG CZ  NH1  sing N N 32  
ARG CZ  NH2  doub N N 33  
ARG NH1 HH11 sing N N 34  
ARG NH1 HH12 sing N N 35  
ARG NH2 HH21 sing N N 36  
ARG NH2 HH22 sing N N 37  
ARG OXT HXT  sing N N 38  
ASN N   CA   sing N N 39  
ASN N   H    sing N N 40  
ASN N   H2   sing N N 41  
ASN CA  C    sing N N 42  
ASN CA  CB   sing N N 43  
ASN CA  HA   sing N N 44  
ASN C   O    doub N N 45  
ASN C   OXT  sing N N 46  
ASN CB  CG   sing N N 47  
ASN CB  HB2  sing N N 48  
ASN CB  HB3  sing N N 49  
ASN CG  OD1  doub N N 50  
ASN CG  ND2  sing N N 51  
ASN ND2 HD21 sing N N 52  
ASN ND2 HD22 sing N N 53  
ASN OXT HXT  sing N N 54  
ASP N   CA   sing N N 55  
ASP N   H    sing N N 56  
ASP N   H2   sing N N 57  
ASP CA  C    sing N N 58  
ASP CA  CB   sing N N 59  
ASP CA  HA   sing N N 60  
ASP C   O    doub N N 61  
ASP C   OXT  sing N N 62  
ASP CB  CG   sing N N 63  
ASP CB  HB2  sing N N 64  
ASP CB  HB3  sing N N 65  
ASP CG  OD1  doub N N 66  
ASP CG  OD2  sing N N 67  
ASP OD2 HD2  sing N N 68  
ASP OXT HXT  sing N N 69  
CYS N   CA   sing N N 70  
CYS N   H    sing N N 71  
CYS N   H2   sing N N 72  
CYS CA  C    sing N N 73  
CYS CA  CB   sing N N 74  
CYS CA  HA   sing N N 75  
CYS C   O    doub N N 76  
CYS C   OXT  sing N N 77  
CYS CB  SG   sing N N 78  
CYS CB  HB2  sing N N 79  
CYS CB  HB3  sing N N 80  
CYS SG  HG   sing N N 81  
CYS OXT HXT  sing N N 82  
GLN N   CA   sing N N 83  
GLN N   H    sing N N 84  
GLN N   H2   sing N N 85  
GLN CA  C    sing N N 86  
GLN CA  CB   sing N N 87  
GLN CA  HA   sing N N 88  
GLN C   O    doub N N 89  
GLN C   OXT  sing N N 90  
GLN CB  CG   sing N N 91  
GLN CB  HB2  sing N N 92  
GLN CB  HB3  sing N N 93  
GLN CG  CD   sing N N 94  
GLN CG  HG2  sing N N 95  
GLN CG  HG3  sing N N 96  
GLN CD  OE1  doub N N 97  
GLN CD  NE2  sing N N 98  
GLN NE2 HE21 sing N N 99  
GLN NE2 HE22 sing N N 100 
GLN OXT HXT  sing N N 101 
GLU N   CA   sing N N 102 
GLU N   H    sing N N 103 
GLU N   H2   sing N N 104 
GLU CA  C    sing N N 105 
GLU CA  CB   sing N N 106 
GLU CA  HA   sing N N 107 
GLU C   O    doub N N 108 
GLU C   OXT  sing N N 109 
GLU CB  CG   sing N N 110 
GLU CB  HB2  sing N N 111 
GLU CB  HB3  sing N N 112 
GLU CG  CD   sing N N 113 
GLU CG  HG2  sing N N 114 
GLU CG  HG3  sing N N 115 
GLU CD  OE1  doub N N 116 
GLU CD  OE2  sing N N 117 
GLU OE2 HE2  sing N N 118 
GLU OXT HXT  sing N N 119 
GLY N   CA   sing N N 120 
GLY N   H    sing N N 121 
GLY N   H2   sing N N 122 
GLY CA  C    sing N N 123 
GLY CA  HA2  sing N N 124 
GLY CA  HA3  sing N N 125 
GLY C   O    doub N N 126 
GLY C   OXT  sing N N 127 
GLY OXT HXT  sing N N 128 
HIS N   CA   sing N N 129 
HIS N   H    sing N N 130 
HIS N   H2   sing N N 131 
HIS CA  C    sing N N 132 
HIS CA  CB   sing N N 133 
HIS CA  HA   sing N N 134 
HIS C   O    doub N N 135 
HIS C   OXT  sing N N 136 
HIS CB  CG   sing N N 137 
HIS CB  HB2  sing N N 138 
HIS CB  HB3  sing N N 139 
HIS CG  ND1  sing Y N 140 
HIS CG  CD2  doub Y N 141 
HIS ND1 CE1  doub Y N 142 
HIS ND1 HD1  sing N N 143 
HIS CD2 NE2  sing Y N 144 
HIS CD2 HD2  sing N N 145 
HIS CE1 NE2  sing Y N 146 
HIS CE1 HE1  sing N N 147 
HIS NE2 HE2  sing N N 148 
HIS OXT HXT  sing N N 149 
HOH O   H1   sing N N 150 
HOH O   H2   sing N N 151 
ILE N   CA   sing N N 152 
ILE N   H    sing N N 153 
ILE N   H2   sing N N 154 
ILE CA  C    sing N N 155 
ILE CA  CB   sing N N 156 
ILE CA  HA   sing N N 157 
ILE C   O    doub N N 158 
ILE C   OXT  sing N N 159 
ILE CB  CG1  sing N N 160 
ILE CB  CG2  sing N N 161 
ILE CB  HB   sing N N 162 
ILE CG1 CD1  sing N N 163 
ILE CG1 HG12 sing N N 164 
ILE CG1 HG13 sing N N 165 
ILE CG2 HG21 sing N N 166 
ILE CG2 HG22 sing N N 167 
ILE CG2 HG23 sing N N 168 
ILE CD1 HD11 sing N N 169 
ILE CD1 HD12 sing N N 170 
ILE CD1 HD13 sing N N 171 
ILE OXT HXT  sing N N 172 
LEU N   CA   sing N N 173 
LEU N   H    sing N N 174 
LEU N   H2   sing N N 175 
LEU CA  C    sing N N 176 
LEU CA  CB   sing N N 177 
LEU CA  HA   sing N N 178 
LEU C   O    doub N N 179 
LEU C   OXT  sing N N 180 
LEU CB  CG   sing N N 181 
LEU CB  HB2  sing N N 182 
LEU CB  HB3  sing N N 183 
LEU CG  CD1  sing N N 184 
LEU CG  CD2  sing N N 185 
LEU CG  HG   sing N N 186 
LEU CD1 HD11 sing N N 187 
LEU CD1 HD12 sing N N 188 
LEU CD1 HD13 sing N N 189 
LEU CD2 HD21 sing N N 190 
LEU CD2 HD22 sing N N 191 
LEU CD2 HD23 sing N N 192 
LEU OXT HXT  sing N N 193 
LYS N   CA   sing N N 194 
LYS N   H    sing N N 195 
LYS N   H2   sing N N 196 
LYS CA  C    sing N N 197 
LYS CA  CB   sing N N 198 
LYS CA  HA   sing N N 199 
LYS C   O    doub N N 200 
LYS C   OXT  sing N N 201 
LYS CB  CG   sing N N 202 
LYS CB  HB2  sing N N 203 
LYS CB  HB3  sing N N 204 
LYS CG  CD   sing N N 205 
LYS CG  HG2  sing N N 206 
LYS CG  HG3  sing N N 207 
LYS CD  CE   sing N N 208 
LYS CD  HD2  sing N N 209 
LYS CD  HD3  sing N N 210 
LYS CE  NZ   sing N N 211 
LYS CE  HE2  sing N N 212 
LYS CE  HE3  sing N N 213 
LYS NZ  HZ1  sing N N 214 
LYS NZ  HZ2  sing N N 215 
LYS NZ  HZ3  sing N N 216 
LYS OXT HXT  sing N N 217 
M3L N   CA   sing N N 218 
M3L N   H    sing N N 219 
M3L N   H2   sing N N 220 
M3L CA  CB   sing N N 221 
M3L CA  C    sing N N 222 
M3L CA  HA   sing N N 223 
M3L CB  CG   sing N N 224 
M3L CB  HB2  sing N N 225 
M3L CB  HB3  sing N N 226 
M3L CG  CD   sing N N 227 
M3L CG  HG2  sing N N 228 
M3L CG  HG3  sing N N 229 
M3L CD  CE   sing N N 230 
M3L CD  HD2  sing N N 231 
M3L CD  HD3  sing N N 232 
M3L CE  NZ   sing N N 233 
M3L CE  HE2  sing N N 234 
M3L CE  HE3  sing N N 235 
M3L NZ  CM1  sing N N 236 
M3L NZ  CM2  sing N N 237 
M3L NZ  CM3  sing N N 238 
M3L C   O    doub N N 239 
M3L C   OXT  sing N N 240 
M3L OXT HXT  sing N N 241 
M3L CM1 HM11 sing N N 242 
M3L CM1 HM12 sing N N 243 
M3L CM1 HM13 sing N N 244 
M3L CM2 HM21 sing N N 245 
M3L CM2 HM22 sing N N 246 
M3L CM2 HM23 sing N N 247 
M3L CM3 HM31 sing N N 248 
M3L CM3 HM32 sing N N 249 
M3L CM3 HM33 sing N N 250 
MET N   CA   sing N N 251 
MET N   H    sing N N 252 
MET N   H2   sing N N 253 
MET CA  C    sing N N 254 
MET CA  CB   sing N N 255 
MET CA  HA   sing N N 256 
MET C   O    doub N N 257 
MET C   OXT  sing N N 258 
MET CB  CG   sing N N 259 
MET CB  HB2  sing N N 260 
MET CB  HB3  sing N N 261 
MET CG  SD   sing N N 262 
MET CG  HG2  sing N N 263 
MET CG  HG3  sing N N 264 
MET SD  CE   sing N N 265 
MET CE  HE1  sing N N 266 
MET CE  HE2  sing N N 267 
MET CE  HE3  sing N N 268 
MET OXT HXT  sing N N 269 
PHE N   CA   sing N N 270 
PHE N   H    sing N N 271 
PHE N   H2   sing N N 272 
PHE CA  C    sing N N 273 
PHE CA  CB   sing N N 274 
PHE CA  HA   sing N N 275 
PHE C   O    doub N N 276 
PHE C   OXT  sing N N 277 
PHE CB  CG   sing N N 278 
PHE CB  HB2  sing N N 279 
PHE CB  HB3  sing N N 280 
PHE CG  CD1  doub Y N 281 
PHE CG  CD2  sing Y N 282 
PHE CD1 CE1  sing Y N 283 
PHE CD1 HD1  sing N N 284 
PHE CD2 CE2  doub Y N 285 
PHE CD2 HD2  sing N N 286 
PHE CE1 CZ   doub Y N 287 
PHE CE1 HE1  sing N N 288 
PHE CE2 CZ   sing Y N 289 
PHE CE2 HE2  sing N N 290 
PHE CZ  HZ   sing N N 291 
PHE OXT HXT  sing N N 292 
PRO N   CA   sing N N 293 
PRO N   CD   sing N N 294 
PRO N   H    sing N N 295 
PRO CA  C    sing N N 296 
PRO CA  CB   sing N N 297 
PRO CA  HA   sing N N 298 
PRO C   O    doub N N 299 
PRO C   OXT  sing N N 300 
PRO CB  CG   sing N N 301 
PRO CB  HB2  sing N N 302 
PRO CB  HB3  sing N N 303 
PRO CG  CD   sing N N 304 
PRO CG  HG2  sing N N 305 
PRO CG  HG3  sing N N 306 
PRO CD  HD2  sing N N 307 
PRO CD  HD3  sing N N 308 
PRO OXT HXT  sing N N 309 
SER N   CA   sing N N 310 
SER N   H    sing N N 311 
SER N   H2   sing N N 312 
SER CA  C    sing N N 313 
SER CA  CB   sing N N 314 
SER CA  HA   sing N N 315 
SER C   O    doub N N 316 
SER C   OXT  sing N N 317 
SER CB  OG   sing N N 318 
SER CB  HB2  sing N N 319 
SER CB  HB3  sing N N 320 
SER OG  HG   sing N N 321 
SER OXT HXT  sing N N 322 
THR N   CA   sing N N 323 
THR N   H    sing N N 324 
THR N   H2   sing N N 325 
THR CA  C    sing N N 326 
THR CA  CB   sing N N 327 
THR CA  HA   sing N N 328 
THR C   O    doub N N 329 
THR C   OXT  sing N N 330 
THR CB  OG1  sing N N 331 
THR CB  CG2  sing N N 332 
THR CB  HB   sing N N 333 
THR OG1 HG1  sing N N 334 
THR CG2 HG21 sing N N 335 
THR CG2 HG22 sing N N 336 
THR CG2 HG23 sing N N 337 
THR OXT HXT  sing N N 338 
TRP N   CA   sing N N 339 
TRP N   H    sing N N 340 
TRP N   H2   sing N N 341 
TRP CA  C    sing N N 342 
TRP CA  CB   sing N N 343 
TRP CA  HA   sing N N 344 
TRP C   O    doub N N 345 
TRP C   OXT  sing N N 346 
TRP CB  CG   sing N N 347 
TRP CB  HB2  sing N N 348 
TRP CB  HB3  sing N N 349 
TRP CG  CD1  doub Y N 350 
TRP CG  CD2  sing Y N 351 
TRP CD1 NE1  sing Y N 352 
TRP CD1 HD1  sing N N 353 
TRP CD2 CE2  doub Y N 354 
TRP CD2 CE3  sing Y N 355 
TRP NE1 CE2  sing Y N 356 
TRP NE1 HE1  sing N N 357 
TRP CE2 CZ2  sing Y N 358 
TRP CE3 CZ3  doub Y N 359 
TRP CE3 HE3  sing N N 360 
TRP CZ2 CH2  doub Y N 361 
TRP CZ2 HZ2  sing N N 362 
TRP CZ3 CH2  sing Y N 363 
TRP CZ3 HZ3  sing N N 364 
TRP CH2 HH2  sing N N 365 
TRP OXT HXT  sing N N 366 
TYR N   CA   sing N N 367 
TYR N   H    sing N N 368 
TYR N   H2   sing N N 369 
TYR CA  C    sing N N 370 
TYR CA  CB   sing N N 371 
TYR CA  HA   sing N N 372 
TYR C   O    doub N N 373 
TYR C   OXT  sing N N 374 
TYR CB  CG   sing N N 375 
TYR CB  HB2  sing N N 376 
TYR CB  HB3  sing N N 377 
TYR CG  CD1  doub Y N 378 
TYR CG  CD2  sing Y N 379 
TYR CD1 CE1  sing Y N 380 
TYR CD1 HD1  sing N N 381 
TYR CD2 CE2  doub Y N 382 
TYR CD2 HD2  sing N N 383 
TYR CE1 CZ   doub Y N 384 
TYR CE1 HE1  sing N N 385 
TYR CE2 CZ   sing Y N 386 
TYR CE2 HE2  sing N N 387 
TYR CZ  OH   sing N N 388 
TYR OH  HH   sing N N 389 
TYR OXT HXT  sing N N 390 
VAL N   CA   sing N N 391 
VAL N   H    sing N N 392 
VAL N   H2   sing N N 393 
VAL CA  C    sing N N 394 
VAL CA  CB   sing N N 395 
VAL CA  HA   sing N N 396 
VAL C   O    doub N N 397 
VAL C   OXT  sing N N 398 
VAL CB  CG1  sing N N 399 
VAL CB  CG2  sing N N 400 
VAL CB  HB   sing N N 401 
VAL CG1 HG11 sing N N 402 
VAL CG1 HG12 sing N N 403 
VAL CG1 HG13 sing N N 404 
VAL CG2 HG21 sing N N 405 
VAL CG2 HG22 sing N N 406 
VAL CG2 HG23 sing N N 407 
VAL OXT HXT  sing N N 408 
# 
loop_
_pdbx_entity_nonpoly.entity_id 
_pdbx_entity_nonpoly.name 
_pdbx_entity_nonpoly.comp_id 
3 'ZINC ION' ZN  
4 water      HOH 
# 
_pdbx_initial_refinement_model.id               1 
_pdbx_initial_refinement_model.entity_id_list   ? 
_pdbx_initial_refinement_model.type             'experimental model' 
_pdbx_initial_refinement_model.source_name      PDB 
_pdbx_initial_refinement_model.accession_code   3SOU 
_pdbx_initial_refinement_model.details          'PDB entry 3SOU CHAIN A' 
# 
